data_9DO9
#
_entry.id   9DO9
#
_cell.length_a   1.00
_cell.length_b   1.00
_cell.length_c   1.00
_cell.angle_alpha   90.00
_cell.angle_beta   90.00
_cell.angle_gamma   90.00
#
_symmetry.space_group_name_H-M   'P 1'
#
loop_
_entity.id
_entity.type
_entity.pdbx_description
1 polymer 'Ostreolysin A6'
2 polymer 'Pleurotolysin B'
3 non-polymer N-oleoyl-D-erythro-sphingosylphosphorylcholine
4 non-polymer CHOLESTEROL
#
loop_
_entity_poly.entity_id
_entity_poly.type
_entity_poly.pdbx_seq_one_letter_code
_entity_poly.pdbx_strand_id
1 'polypeptide(L)'
;MAYAQWVIIIIHNVGSQDVKIKNLKASWGKLHADGDKDAEVSASNYEGKIVKPDEKLQINASGRSDAAEGTTGTFDLVDP
ADGDKQVRHFYWDSPWGSKTNTWTVSGSNTKWMIEYSGQNLDSGALGTITVDTLKKGENLYFQ
;
A,B,N,O
2 'polypeptide(L)'
;HHHHHHHHSQAGDTLNDVIQDPTRRNKLINDNNLLKGIIMGRDGPVPSSRELIVRPDTLRAIINNRATIETTTMEAEFTE
TLMESNYNSASVKVSAPFITANSEYSESSSFKNTETEKSMYTSSRYLFPQGRIDFTTPDSGFDDVIKLSPQFTSGVQAAL
AKATGTEKREALQNLFQEYGHVFRTKVHIGGVLSAHTMETFSRSENETEVKQDVKAGLEGAVKGWGGGATAGHGNTQGTI
TTSQNRKLNVKYIVNVVDYTKIQNTEEWVASTNQSEHWRVIEVTEVTAVADLLPQPIRGQVKDLLKPLLGKWVDVEKVPG
LESLPVSVYRPKGAIPAGWFWLGDTADASKALLVKPTLPARSGRNPALTSLHQGSGMTEQPFVDLPQYQYLSTYFGSFAH
DTPPGSTLRGLRPDHVLPGRYEMHGDTISTAVYVTRPVDVPFPEDECFDLKSLVRVKLPGSGNPPKPRSALKKSMVLFDS
GEK
;
C,P
#
loop_
_chem_comp.id
_chem_comp.type
_chem_comp.name
_chem_comp.formula
A1A8R non-polymer N-oleoyl-D-erythro-sphingosylphosphorylcholine 'C41 H82 N2 O6 P 1'
CLR non-polymer CHOLESTEROL 'C27 H46 O'
#
# COMPACT_ATOMS: atom_id res chain seq x y z
N ALA A 2 46.24 20.81 -24.53
CA ALA A 2 45.71 19.49 -24.85
C ALA A 2 44.28 19.36 -24.39
N TYR A 3 43.51 18.50 -25.07
CA TYR A 3 42.11 18.30 -24.69
C TYR A 3 41.97 17.62 -23.34
N ALA A 4 43.04 17.06 -22.79
CA ALA A 4 42.95 16.47 -21.46
C ALA A 4 42.68 17.51 -20.39
N GLN A 5 42.98 18.78 -20.66
CA GLN A 5 42.67 19.88 -19.75
C GLN A 5 41.37 20.50 -20.20
N TRP A 6 40.32 20.33 -19.40
CA TRP A 6 38.99 20.79 -19.77
C TRP A 6 38.22 21.17 -18.52
N VAL A 7 37.16 21.93 -18.71
CA VAL A 7 36.28 22.31 -17.61
C VAL A 7 34.90 22.59 -18.19
N ILE A 8 33.88 22.16 -17.46
CA ILE A 8 32.48 22.49 -17.74
C ILE A 8 31.98 23.27 -16.56
N ILE A 9 31.42 24.45 -16.82
CA ILE A 9 30.85 25.31 -15.79
C ILE A 9 29.37 25.42 -16.07
N ILE A 10 28.55 24.87 -15.18
CA ILE A 10 27.10 24.96 -15.30
C ILE A 10 26.62 26.00 -14.31
N ILE A 11 25.94 27.02 -14.81
CA ILE A 11 25.31 28.04 -13.99
C ILE A 11 23.83 27.69 -13.89
N HIS A 12 23.38 27.42 -12.67
CA HIS A 12 22.01 26.96 -12.41
C HIS A 12 21.35 27.99 -11.50
N ASN A 13 20.37 28.70 -12.02
CA ASN A 13 19.64 29.69 -11.24
C ASN A 13 18.52 28.99 -10.49
N VAL A 14 18.72 28.74 -9.20
CA VAL A 14 17.73 28.06 -8.37
C VAL A 14 16.81 29.06 -7.67
N GLY A 15 16.94 30.34 -7.99
CA GLY A 15 16.13 31.37 -7.39
C GLY A 15 15.01 31.81 -8.32
N SER A 16 14.65 33.09 -8.21
CA SER A 16 13.56 33.63 -9.01
C SER A 16 13.91 35.00 -9.57
N GLN A 17 15.19 35.28 -9.76
CA GLN A 17 15.65 36.55 -10.31
C GLN A 17 16.71 36.29 -11.37
N ASP A 18 16.77 37.19 -12.35
CA ASP A 18 17.69 37.05 -13.45
C ASP A 18 19.13 37.30 -12.98
N VAL A 19 20.06 36.58 -13.60
CA VAL A 19 21.49 36.78 -13.38
C VAL A 19 22.17 36.81 -14.73
N LYS A 20 23.16 37.69 -14.88
CA LYS A 20 23.83 37.90 -16.16
C LYS A 20 25.27 37.44 -16.08
N ILE A 21 25.81 37.00 -17.22
CA ILE A 21 27.21 36.62 -17.36
C ILE A 21 27.92 37.73 -18.12
N LYS A 22 29.08 38.14 -17.63
CA LYS A 22 29.79 39.26 -18.21
C LYS A 22 31.29 39.00 -18.19
N ASN A 23 31.99 39.69 -19.10
CA ASN A 23 33.45 39.68 -19.13
C ASN A 23 34.02 38.26 -19.27
N LEU A 24 33.25 37.34 -19.82
CA LEU A 24 33.76 36.00 -20.04
C LEU A 24 34.97 36.06 -20.96
N LYS A 25 36.08 35.48 -20.51
CA LYS A 25 37.33 35.59 -21.27
C LYS A 25 38.22 34.41 -20.91
N ALA A 26 38.69 33.69 -21.93
CA ALA A 26 39.61 32.58 -21.76
C ALA A 26 40.99 33.02 -22.25
N SER A 27 41.90 33.26 -21.30
CA SER A 27 43.24 33.67 -21.68
C SER A 27 44.02 32.52 -22.31
N TRP A 28 43.79 31.30 -21.86
CA TRP A 28 44.40 30.11 -22.43
C TRP A 28 43.31 29.10 -22.74
N GLY A 29 43.48 28.39 -23.85
CA GLY A 29 42.48 27.44 -24.27
C GLY A 29 41.44 28.08 -25.16
N LYS A 30 40.31 27.39 -25.28
CA LYS A 30 39.24 27.84 -26.17
C LYS A 30 37.90 27.38 -25.64
N LEU A 31 36.91 28.27 -25.68
CA LEU A 31 35.54 27.86 -25.47
C LEU A 31 35.06 27.02 -26.64
N HIS A 32 34.26 26.01 -26.35
CA HIS A 32 33.81 25.08 -27.39
C HIS A 32 32.39 24.64 -27.09
N ALA A 33 31.85 23.83 -28.00
CA ALA A 33 30.47 23.38 -27.93
C ALA A 33 30.32 22.19 -26.99
N ASP A 34 29.08 21.83 -26.72
CA ASP A 34 28.79 20.75 -25.78
C ASP A 34 29.16 19.41 -26.37
N GLY A 35 29.98 18.64 -25.64
CA GLY A 35 30.38 17.34 -26.11
C GLY A 35 31.17 17.36 -27.40
N ASP A 36 31.70 18.52 -27.79
CA ASP A 36 32.42 18.66 -29.05
C ASP A 36 33.56 19.63 -28.81
N LYS A 37 34.74 19.09 -28.52
CA LYS A 37 35.92 19.93 -28.30
C LYS A 37 36.49 20.50 -29.58
N ASP A 38 35.99 20.07 -30.74
CA ASP A 38 36.44 20.59 -32.03
C ASP A 38 35.68 21.83 -32.46
N ALA A 39 34.43 21.98 -32.03
CA ALA A 39 33.58 23.09 -32.45
C ALA A 39 33.83 24.28 -31.53
N GLU A 40 34.87 25.06 -31.86
CA GLU A 40 35.16 26.25 -31.10
C GLU A 40 34.03 27.27 -31.24
N VAL A 41 33.77 28.01 -30.16
CA VAL A 41 32.75 29.05 -30.14
C VAL A 41 33.34 30.27 -29.47
N SER A 42 33.03 31.44 -30.03
CA SER A 42 33.55 32.69 -29.47
C SER A 42 32.84 33.04 -28.17
N ALA A 43 33.51 33.84 -27.34
CA ALA A 43 32.94 34.25 -26.07
C ALA A 43 31.68 35.07 -26.24
N SER A 44 31.45 35.63 -27.43
CA SER A 44 30.25 36.43 -27.64
C SER A 44 28.98 35.62 -27.49
N ASN A 45 29.05 34.30 -27.66
CA ASN A 45 27.85 33.48 -27.52
C ASN A 45 27.30 33.52 -26.11
N TYR A 46 28.15 33.78 -25.11
CA TYR A 46 27.74 33.77 -23.71
C TYR A 46 27.75 35.14 -23.06
N GLU A 47 28.69 36.00 -23.41
CA GLU A 47 28.80 37.29 -22.76
C GLU A 47 27.49 38.06 -22.90
N GLY A 48 27.01 38.60 -21.79
CA GLY A 48 25.78 39.38 -21.77
C GLY A 48 24.51 38.57 -21.68
N LYS A 49 24.59 37.24 -21.69
CA LYS A 49 23.40 36.41 -21.64
C LYS A 49 22.80 36.41 -20.24
N ILE A 50 21.49 36.15 -20.17
CA ILE A 50 20.76 36.09 -18.92
C ILE A 50 20.29 34.65 -18.71
N VAL A 51 20.67 34.07 -17.58
CA VAL A 51 20.38 32.66 -17.34
C VAL A 51 18.89 32.43 -17.12
N LYS A 52 18.21 33.37 -16.47
CA LYS A 52 16.79 33.26 -16.18
C LYS A 52 16.56 32.20 -15.11
N PRO A 53 15.58 32.38 -14.22
CA PRO A 53 15.39 31.42 -13.14
C PRO A 53 15.07 30.02 -13.64
N ASP A 54 15.55 29.03 -12.89
CA ASP A 54 15.16 27.64 -13.08
C ASP A 54 15.59 27.08 -14.44
N GLU A 55 16.71 27.55 -14.97
CA GLU A 55 17.30 26.90 -16.13
C GLU A 55 18.81 27.10 -16.10
N LYS A 56 19.51 26.20 -16.79
CA LYS A 56 20.95 26.08 -16.67
C LYS A 56 21.63 26.55 -17.95
N LEU A 57 22.78 27.19 -17.79
CA LEU A 57 23.63 27.61 -18.90
C LEU A 57 25.01 26.98 -18.75
N GLN A 58 25.49 26.33 -19.79
CA GLN A 58 26.72 25.55 -19.75
C GLN A 58 27.82 26.25 -20.54
N ILE A 59 28.98 26.40 -19.91
CA ILE A 59 30.17 26.97 -20.54
C ILE A 59 31.23 25.88 -20.58
N ASN A 60 31.69 25.56 -21.78
CA ASN A 60 32.65 24.48 -22.00
C ASN A 60 33.97 25.09 -22.43
N ALA A 61 35.04 24.83 -21.68
CA ALA A 61 36.36 25.32 -22.04
C ALA A 61 37.33 24.15 -22.06
N SER A 62 38.32 24.25 -22.93
CA SER A 62 39.31 23.18 -23.08
C SER A 62 40.58 23.74 -23.68
N GLY A 63 41.66 23.00 -23.50
CA GLY A 63 42.93 23.40 -24.06
C GLY A 63 43.02 23.14 -25.54
N ARG A 64 43.96 23.81 -26.19
CA ARG A 64 44.19 23.60 -27.61
C ARG A 64 44.69 22.18 -27.85
N SER A 65 44.17 21.56 -28.91
CA SER A 65 44.47 20.17 -29.22
C SER A 65 45.95 19.88 -29.41
N ASP A 66 46.40 18.72 -28.96
CA ASP A 66 47.81 18.39 -29.01
C ASP A 66 48.62 19.58 -28.60
N ALA A 67 48.09 20.40 -27.71
CA ALA A 67 48.85 21.51 -27.18
C ALA A 67 49.37 21.07 -25.85
N ALA A 68 50.28 21.84 -25.31
CA ALA A 68 50.77 21.55 -23.98
C ALA A 68 50.18 22.68 -23.19
N GLU A 69 48.99 23.15 -23.60
CA GLU A 69 48.42 24.30 -22.92
C GLU A 69 47.11 23.91 -22.24
N GLY A 70 46.95 24.35 -21.01
CA GLY A 70 45.71 24.12 -20.27
C GLY A 70 44.63 25.07 -20.71
N THR A 71 43.71 25.35 -19.79
CA THR A 71 42.64 26.32 -20.03
C THR A 71 42.49 27.21 -18.81
N THR A 72 42.65 28.51 -19.00
CA THR A 72 42.51 29.49 -17.93
C THR A 72 41.51 30.54 -18.38
N GLY A 73 40.56 30.86 -17.50
CA GLY A 73 39.55 31.84 -17.88
C GLY A 73 38.86 32.44 -16.67
N THR A 74 38.05 33.45 -16.96
CA THR A 74 37.36 34.20 -15.92
C THR A 74 36.04 34.73 -16.46
N PHE A 75 35.10 34.94 -15.54
CA PHE A 75 33.87 35.66 -15.89
C PHE A 75 33.21 36.14 -14.62
N ASP A 76 32.36 37.16 -14.75
CA ASP A 76 31.64 37.74 -13.64
C ASP A 76 30.16 37.39 -13.76
N LEU A 77 29.59 36.84 -12.69
CA LEU A 77 28.15 36.80 -12.52
C LEU A 77 27.72 38.14 -11.93
N VAL A 78 26.77 38.79 -12.61
CA VAL A 78 26.40 40.17 -12.36
C VAL A 78 24.89 40.25 -12.20
N ASP A 79 24.45 41.09 -11.26
CA ASP A 79 23.03 41.27 -11.00
C ASP A 79 22.51 42.40 -11.88
N PRO A 80 21.59 42.15 -12.81
CA PRO A 80 21.06 43.24 -13.63
C PRO A 80 19.99 44.07 -12.94
N ALA A 81 19.42 43.59 -11.84
CA ALA A 81 18.32 44.30 -11.21
C ALA A 81 18.75 45.57 -10.50
N ASP A 82 20.06 45.75 -10.28
CA ASP A 82 20.59 46.92 -9.57
C ASP A 82 21.74 47.54 -10.35
N GLY A 83 21.52 47.76 -11.65
CA GLY A 83 22.52 48.41 -12.46
C GLY A 83 23.71 47.56 -12.81
N ASP A 84 23.53 46.25 -13.00
CA ASP A 84 24.62 45.39 -13.37
C ASP A 84 25.74 45.45 -12.34
N LYS A 85 25.45 45.01 -11.12
CA LYS A 85 26.44 44.93 -10.06
C LYS A 85 26.94 43.50 -9.95
N GLN A 86 28.20 43.37 -9.54
CA GLN A 86 28.82 42.06 -9.53
C GLN A 86 28.13 41.19 -8.48
N VAL A 87 27.94 39.92 -8.83
CA VAL A 87 27.48 38.91 -7.88
C VAL A 87 28.72 38.17 -7.40
N ARG A 88 29.48 37.64 -8.35
CA ARG A 88 30.74 36.99 -8.03
C ARG A 88 31.66 37.05 -9.24
N HIS A 89 32.95 36.87 -8.99
CA HIS A 89 33.95 36.79 -10.04
C HIS A 89 34.60 35.42 -9.99
N PHE A 90 34.37 34.60 -11.01
CA PHE A 90 34.89 33.24 -11.07
C PHE A 90 36.12 33.19 -11.95
N TYR A 91 37.13 32.45 -11.48
CA TYR A 91 38.37 32.23 -12.20
C TYR A 91 38.69 30.74 -12.15
N TRP A 92 38.93 30.14 -13.32
CA TRP A 92 39.26 28.73 -13.41
C TRP A 92 40.59 28.57 -14.12
N ASP A 93 41.39 27.61 -13.66
CA ASP A 93 42.68 27.31 -14.27
C ASP A 93 42.89 25.81 -14.21
N SER A 94 42.98 25.19 -15.40
CA SER A 94 43.26 23.76 -15.55
C SER A 94 44.51 23.68 -16.40
N PRO A 95 45.68 23.83 -15.80
CA PRO A 95 46.91 23.91 -16.58
C PRO A 95 47.38 22.55 -17.06
N TRP A 96 48.18 22.58 -18.12
CA TRP A 96 48.79 21.37 -18.65
C TRP A 96 50.10 21.02 -17.96
N GLY A 97 50.78 22.00 -17.38
CA GLY A 97 52.08 21.77 -16.78
C GLY A 97 52.09 21.90 -15.28
N SER A 98 51.07 21.36 -14.62
CA SER A 98 50.99 21.39 -13.17
C SER A 98 49.87 20.45 -12.74
N LYS A 99 49.82 20.19 -11.43
CA LYS A 99 48.80 19.31 -10.88
C LYS A 99 47.67 20.06 -10.18
N THR A 100 47.92 21.27 -9.70
CA THR A 100 46.97 21.99 -8.87
C THR A 100 46.09 22.87 -9.77
N ASN A 101 44.86 22.44 -9.98
CA ASN A 101 43.88 23.27 -10.66
C ASN A 101 43.34 24.32 -9.68
N THR A 102 42.91 25.45 -10.23
CA THR A 102 42.44 26.57 -9.44
C THR A 102 41.00 26.88 -9.79
N TRP A 103 40.16 27.07 -8.77
CA TRP A 103 38.78 27.48 -8.95
C TRP A 103 38.47 28.49 -7.85
N THR A 104 38.54 29.77 -8.18
CA THR A 104 38.38 30.85 -7.23
C THR A 104 37.08 31.59 -7.50
N VAL A 105 36.26 31.74 -6.46
CA VAL A 105 35.01 32.50 -6.55
C VAL A 105 35.16 33.68 -5.61
N SER A 106 35.63 34.81 -6.14
CA SER A 106 35.89 35.99 -5.34
C SER A 106 34.72 36.97 -5.47
N GLY A 107 34.82 38.08 -4.75
CA GLY A 107 33.79 39.09 -4.74
C GLY A 107 32.87 38.96 -3.53
N SER A 108 32.05 39.99 -3.34
CA SER A 108 31.13 40.05 -2.22
C SER A 108 29.82 40.66 -2.66
N ASN A 109 28.72 39.98 -2.32
CA ASN A 109 27.39 40.52 -2.52
C ASN A 109 26.46 39.80 -1.55
N THR A 110 26.04 40.49 -0.50
CA THR A 110 25.23 39.86 0.54
C THR A 110 23.83 39.52 0.05
N LYS A 111 23.36 40.14 -1.03
CA LYS A 111 22.02 39.88 -1.54
C LYS A 111 21.93 38.61 -2.37
N TRP A 112 23.07 37.96 -2.65
CA TRP A 112 23.11 36.74 -3.45
C TRP A 112 23.79 35.64 -2.66
N MET A 113 23.35 34.40 -2.88
CA MET A 113 23.95 33.21 -2.30
C MET A 113 24.38 32.30 -3.43
N ILE A 114 25.64 31.88 -3.42
CA ILE A 114 26.22 31.07 -4.48
C ILE A 114 26.87 29.85 -3.85
N GLU A 115 26.42 28.67 -4.28
CA GLU A 115 27.06 27.41 -3.93
C GLU A 115 27.67 26.82 -5.18
N TYR A 116 28.72 26.01 -5.00
CA TYR A 116 29.31 25.33 -6.13
C TYR A 116 29.89 24.00 -5.69
N SER A 117 29.86 23.03 -6.61
CA SER A 117 30.33 21.70 -6.28
C SER A 117 30.80 20.98 -7.54
N GLY A 118 31.59 19.93 -7.33
CA GLY A 118 32.03 19.06 -8.39
C GLY A 118 33.44 19.30 -8.88
N GLN A 119 34.10 20.36 -8.43
CA GLN A 119 35.44 20.66 -8.90
C GLN A 119 36.45 19.66 -8.37
N ASN A 120 37.55 19.49 -9.10
CA ASN A 120 38.66 18.65 -8.70
C ASN A 120 39.95 19.44 -8.81
N LEU A 121 40.63 19.63 -7.69
CA LEU A 121 41.84 20.43 -7.65
C LEU A 121 43.11 19.61 -7.47
N ASP A 122 43.00 18.29 -7.35
CA ASP A 122 44.18 17.47 -7.07
C ASP A 122 45.05 17.32 -8.31
N SER A 123 44.52 16.69 -9.36
CA SER A 123 45.29 16.49 -10.57
C SER A 123 44.36 16.05 -11.69
N GLY A 124 44.78 16.31 -12.92
CA GLY A 124 43.98 15.98 -14.08
C GLY A 124 43.12 17.14 -14.56
N ALA A 125 41.94 16.83 -15.07
CA ALA A 125 41.03 17.87 -15.52
C ALA A 125 40.37 18.54 -14.33
N LEU A 126 39.72 19.67 -14.58
CA LEU A 126 39.07 20.44 -13.53
C LEU A 126 37.64 20.01 -13.26
N GLY A 127 37.08 19.12 -14.07
CA GLY A 127 35.79 18.54 -13.75
C GLY A 127 34.62 19.40 -14.19
N THR A 128 33.43 18.94 -13.78
CA THR A 128 32.16 19.60 -14.11
C THR A 128 31.67 20.32 -12.86
N ILE A 129 31.87 21.62 -12.82
CA ILE A 129 31.52 22.45 -11.67
C ILE A 129 30.12 22.99 -11.88
N THR A 130 29.22 22.66 -10.94
CA THR A 130 27.86 23.16 -10.95
C THR A 130 27.74 24.25 -9.91
N VAL A 131 27.20 25.41 -10.32
CA VAL A 131 27.13 26.61 -9.49
C VAL A 131 25.68 27.01 -9.37
N ASP A 132 25.12 26.85 -8.17
CA ASP A 132 23.74 27.22 -7.89
C ASP A 132 23.73 28.65 -7.37
N THR A 133 22.96 29.50 -8.04
CA THR A 133 22.84 30.91 -7.68
C THR A 133 21.42 31.21 -7.23
N LEU A 134 21.29 32.04 -6.19
CA LEU A 134 19.97 32.38 -5.69
C LEU A 134 20.02 33.76 -5.04
N LYS A 135 19.10 34.63 -5.42
CA LYS A 135 19.01 35.95 -4.81
C LYS A 135 18.06 35.91 -3.63
N LYS A 136 18.53 36.36 -2.47
CA LYS A 136 17.70 36.42 -1.28
C LYS A 136 17.71 37.82 -0.68
N ALA B 2 46.85 6.30 -12.78
CA ALA B 2 47.19 7.72 -12.75
C ALA B 2 46.03 8.53 -12.19
N TYR B 3 46.36 9.56 -11.41
CA TYR B 3 45.33 10.46 -10.91
C TYR B 3 44.70 11.28 -12.02
N ALA B 4 45.42 11.46 -13.13
CA ALA B 4 44.87 12.25 -14.25
C ALA B 4 43.54 11.70 -14.73
N GLN B 5 43.33 10.39 -14.63
CA GLN B 5 42.05 9.77 -14.95
C GLN B 5 41.25 9.63 -13.66
N TRP B 6 40.08 10.25 -13.61
CA TRP B 6 39.29 10.28 -12.39
C TRP B 6 37.81 10.42 -12.76
N VAL B 7 36.96 10.16 -11.77
CA VAL B 7 35.51 10.29 -11.93
C VAL B 7 34.92 10.55 -10.56
N ILE B 8 33.87 11.38 -10.55
CA ILE B 8 33.04 11.58 -9.37
C ILE B 8 31.61 11.29 -9.77
N ILE B 9 30.88 10.55 -8.93
CA ILE B 9 29.50 10.18 -9.18
C ILE B 9 28.68 10.64 -7.99
N ILE B 10 27.72 11.53 -8.22
CA ILE B 10 26.91 12.12 -7.17
C ILE B 10 25.50 11.62 -7.37
N ILE B 11 25.10 10.62 -6.58
CA ILE B 11 23.74 10.09 -6.63
C ILE B 11 22.86 10.97 -5.76
N HIS B 12 21.80 11.52 -6.35
CA HIS B 12 20.90 12.46 -5.70
C HIS B 12 19.50 11.88 -5.76
N ASN B 13 18.98 11.45 -4.61
CA ASN B 13 17.66 10.84 -4.53
C ASN B 13 16.63 11.96 -4.47
N VAL B 14 16.25 12.45 -5.65
CA VAL B 14 15.28 13.53 -5.74
C VAL B 14 13.88 13.08 -5.38
N GLY B 15 13.63 11.77 -5.41
CA GLY B 15 12.31 11.24 -5.15
C GLY B 15 11.99 11.24 -3.67
N SER B 16 10.96 10.46 -3.32
CA SER B 16 10.49 10.40 -1.94
C SER B 16 10.60 9.00 -1.32
N GLN B 17 11.31 8.08 -1.96
CA GLN B 17 11.50 6.74 -1.42
C GLN B 17 12.96 6.34 -1.57
N ASP B 18 13.38 5.39 -0.73
CA ASP B 18 14.79 5.02 -0.64
C ASP B 18 15.26 4.32 -1.91
N VAL B 19 16.55 4.48 -2.20
CA VAL B 19 17.23 3.75 -3.25
C VAL B 19 18.55 3.24 -2.67
N LYS B 20 18.87 1.98 -2.95
CA LYS B 20 20.01 1.32 -2.35
C LYS B 20 21.09 1.05 -3.38
N ILE B 21 22.35 1.25 -2.98
CA ILE B 21 23.49 0.89 -3.82
C ILE B 21 23.82 -0.58 -3.59
N LYS B 22 24.33 -1.23 -4.63
CA LYS B 22 24.68 -2.64 -4.51
C LYS B 22 25.78 -2.97 -5.51
N ASN B 23 26.53 -4.02 -5.20
CA ASN B 23 27.52 -4.58 -6.11
C ASN B 23 28.53 -3.54 -6.59
N LEU B 24 28.76 -2.50 -5.79
CA LEU B 24 29.78 -1.53 -6.15
C LEU B 24 31.13 -2.21 -6.24
N LYS B 25 31.83 -2.00 -7.35
CA LYS B 25 33.08 -2.70 -7.59
C LYS B 25 33.96 -1.87 -8.51
N ALA B 26 35.17 -1.56 -8.05
CA ALA B 26 36.16 -0.85 -8.84
C ALA B 26 37.12 -1.87 -9.43
N SER B 27 36.92 -2.21 -10.71
CA SER B 27 37.77 -3.21 -11.34
C SER B 27 39.17 -2.68 -11.59
N TRP B 28 39.31 -1.37 -11.76
CA TRP B 28 40.60 -0.74 -11.98
C TRP B 28 40.68 0.52 -11.13
N GLY B 29 41.91 0.96 -10.88
CA GLY B 29 42.07 2.15 -10.06
C GLY B 29 41.61 1.90 -8.64
N LYS B 30 41.18 2.98 -7.98
CA LYS B 30 40.80 2.91 -6.59
C LYS B 30 39.76 3.97 -6.29
N LEU B 31 38.86 3.65 -5.36
CA LEU B 31 38.00 4.66 -4.78
C LEU B 31 38.79 5.48 -3.78
N HIS B 32 38.22 6.60 -3.35
CA HIS B 32 38.89 7.44 -2.36
C HIS B 32 37.89 8.43 -1.78
N ALA B 33 38.36 9.17 -0.78
CA ALA B 33 37.53 10.11 -0.06
C ALA B 33 37.41 11.42 -0.83
N ASP B 34 36.46 12.25 -0.40
CA ASP B 34 36.18 13.49 -1.09
C ASP B 34 37.39 14.42 -1.04
N GLY B 35 37.85 14.83 -2.23
CA GLY B 35 38.90 15.83 -2.32
C GLY B 35 40.28 15.34 -1.99
N ASP B 36 40.49 14.04 -1.80
CA ASP B 36 41.80 13.49 -1.47
C ASP B 36 41.94 12.15 -2.17
N LYS B 37 42.73 12.11 -3.25
CA LYS B 37 42.93 10.87 -3.98
C LYS B 37 43.86 9.92 -3.25
N ASP B 38 44.62 10.40 -2.26
CA ASP B 38 45.50 9.52 -1.52
C ASP B 38 44.75 8.67 -0.50
N ALA B 39 43.68 9.22 0.08
CA ALA B 39 42.93 8.53 1.13
C ALA B 39 42.02 7.50 0.48
N GLU B 40 42.59 6.34 0.18
CA GLU B 40 41.82 5.25 -0.41
C GLU B 40 40.76 4.77 0.56
N VAL B 41 39.65 4.28 0.02
CA VAL B 41 38.54 3.75 0.81
C VAL B 41 38.10 2.43 0.19
N SER B 42 37.40 1.64 1.01
CA SER B 42 36.94 0.33 0.59
C SER B 42 35.52 0.42 0.03
N ALA B 43 35.22 -0.48 -0.91
CA ALA B 43 33.88 -0.50 -1.49
C ALA B 43 32.82 -0.75 -0.43
N SER B 44 33.19 -1.42 0.66
CA SER B 44 32.23 -1.67 1.72
C SER B 44 31.70 -0.38 2.34
N ASN B 45 32.44 0.72 2.21
CA ASN B 45 31.98 1.99 2.74
C ASN B 45 30.71 2.48 2.07
N TYR B 46 30.38 1.95 0.90
CA TYR B 46 29.17 2.34 0.18
C TYR B 46 28.21 1.19 -0.08
N GLU B 47 28.69 -0.05 -0.14
CA GLU B 47 27.84 -1.17 -0.48
C GLU B 47 26.65 -1.25 0.48
N GLY B 48 25.46 -1.43 -0.09
CA GLY B 48 24.27 -1.58 0.72
C GLY B 48 23.76 -0.31 1.35
N LYS B 49 24.35 0.83 1.05
CA LYS B 49 23.92 2.07 1.65
C LYS B 49 22.56 2.51 1.11
N ILE B 50 21.77 3.11 1.99
CA ILE B 50 20.46 3.65 1.62
C ILE B 50 20.61 5.15 1.43
N VAL B 51 20.20 5.64 0.26
CA VAL B 51 20.20 7.06 -0.03
C VAL B 51 18.79 7.56 0.24
N LYS B 52 18.58 8.14 1.42
CA LYS B 52 17.27 8.62 1.79
C LYS B 52 16.85 9.76 0.87
N PRO B 53 15.55 9.98 0.70
CA PRO B 53 15.09 11.04 -0.21
C PRO B 53 15.68 12.38 0.17
N ASP B 54 16.07 13.14 -0.84
CA ASP B 54 16.73 14.44 -0.73
C ASP B 54 18.18 14.30 -0.26
N GLU B 55 18.70 13.10 -0.11
CA GLU B 55 20.08 12.89 0.30
C GLU B 55 20.98 12.76 -0.92
N LYS B 56 22.24 13.11 -0.74
CA LYS B 56 23.25 13.03 -1.79
C LYS B 56 24.40 12.16 -1.33
N LEU B 57 24.87 11.29 -2.22
CA LEU B 57 25.95 10.37 -1.92
C LEU B 57 27.01 10.47 -3.00
N GLN B 58 28.25 10.71 -2.61
CA GLN B 58 29.34 10.95 -3.53
C GLN B 58 30.29 9.75 -3.55
N ILE B 59 30.64 9.29 -4.75
CA ILE B 59 31.60 8.21 -4.95
C ILE B 59 32.71 8.76 -5.82
N ASN B 60 33.93 8.76 -5.28
CA ASN B 60 35.09 9.28 -5.98
C ASN B 60 35.99 8.12 -6.35
N ALA B 61 36.32 8.01 -7.64
CA ALA B 61 37.24 6.99 -8.11
C ALA B 61 38.31 7.64 -8.98
N SER B 62 39.47 7.00 -9.04
CA SER B 62 40.55 7.55 -9.84
C SER B 62 41.61 6.49 -10.05
N GLY B 63 42.48 6.73 -11.01
CA GLY B 63 43.55 5.80 -11.30
C GLY B 63 44.51 5.69 -10.14
N ARG B 64 45.64 5.02 -10.34
CA ARG B 64 46.62 4.85 -9.28
C ARG B 64 47.50 6.08 -9.20
N SER B 65 48.47 6.08 -8.30
CA SER B 65 49.24 7.28 -8.04
C SER B 65 50.13 7.64 -9.22
N ASP B 66 50.76 6.66 -9.84
CA ASP B 66 51.50 6.92 -11.05
C ASP B 66 51.37 5.80 -12.09
N ALA B 67 50.57 4.77 -11.83
CA ALA B 67 50.50 3.63 -12.74
C ALA B 67 49.87 4.05 -14.06
N ALA B 68 50.18 3.28 -15.10
CA ALA B 68 49.59 3.51 -16.40
C ALA B 68 48.12 3.11 -16.46
N GLU B 69 47.54 2.65 -15.35
CA GLU B 69 46.15 2.27 -15.34
C GLU B 69 45.24 3.49 -15.34
N GLY B 70 44.03 3.32 -15.87
CA GLY B 70 43.00 4.32 -15.73
C GLY B 70 42.11 3.97 -14.55
N THR B 71 40.80 4.06 -14.74
CA THR B 71 39.85 3.61 -13.74
C THR B 71 38.65 3.01 -14.44
N THR B 72 37.97 2.09 -13.75
CA THR B 72 36.82 1.41 -14.31
C THR B 72 36.05 0.74 -13.19
N GLY B 73 34.72 0.77 -13.29
CA GLY B 73 33.93 0.20 -12.22
C GLY B 73 32.47 0.05 -12.61
N THR B 74 31.74 -0.57 -11.69
CA THR B 74 30.32 -0.85 -11.87
C THR B 74 29.61 -0.73 -10.54
N PHE B 75 28.30 -0.50 -10.62
CA PHE B 75 27.44 -0.69 -9.46
C PHE B 75 26.00 -0.77 -9.94
N ASP B 76 25.10 -1.00 -9.00
CA ASP B 76 23.68 -1.10 -9.29
C ASP B 76 22.90 -0.26 -8.30
N LEU B 77 21.84 0.36 -8.78
CA LEU B 77 20.82 0.96 -7.93
C LEU B 77 19.63 0.02 -7.91
N VAL B 78 19.20 -0.35 -6.70
CA VAL B 78 18.12 -1.30 -6.49
C VAL B 78 17.09 -0.67 -5.57
N ASP B 79 15.86 -1.18 -5.66
CA ASP B 79 14.75 -0.63 -4.88
C ASP B 79 14.60 -1.43 -3.59
N PRO B 80 14.96 -0.87 -2.43
CA PRO B 80 14.80 -1.65 -1.19
C PRO B 80 13.36 -2.01 -0.88
N ALA B 81 12.40 -1.21 -1.34
CA ALA B 81 11.00 -1.44 -1.02
C ALA B 81 10.33 -2.44 -1.95
N ASP B 82 11.05 -2.97 -2.93
CA ASP B 82 10.51 -3.93 -3.90
C ASP B 82 11.41 -5.15 -3.98
N GLY B 83 11.81 -5.66 -2.81
CA GLY B 83 12.66 -6.85 -2.79
C GLY B 83 13.98 -6.64 -3.48
N ASP B 84 14.57 -5.45 -3.37
CA ASP B 84 15.86 -5.14 -3.98
C ASP B 84 15.82 -5.35 -5.49
N LYS B 85 14.67 -5.10 -6.12
CA LYS B 85 14.60 -5.18 -7.56
C LYS B 85 15.54 -4.14 -8.18
N GLN B 86 16.26 -4.54 -9.22
CA GLN B 86 17.22 -3.65 -9.83
C GLN B 86 16.53 -2.44 -10.44
N VAL B 87 17.08 -1.26 -10.17
CA VAL B 87 16.64 -0.03 -10.80
C VAL B 87 17.48 0.30 -12.01
N ARG B 88 18.80 0.28 -11.85
CA ARG B 88 19.70 0.52 -12.97
C ARG B 88 21.05 -0.12 -12.68
N HIS B 89 21.83 -0.29 -13.74
CA HIS B 89 23.19 -0.81 -13.66
C HIS B 89 24.11 0.20 -14.33
N PHE B 90 25.10 0.70 -13.59
CA PHE B 90 25.98 1.75 -14.06
C PHE B 90 27.39 1.20 -14.27
N TYR B 91 27.97 1.57 -15.40
CA TYR B 91 29.33 1.21 -15.78
C TYR B 91 30.08 2.49 -16.10
N TRP B 92 31.26 2.65 -15.51
CA TRP B 92 32.08 3.81 -15.80
C TRP B 92 33.49 3.37 -16.14
N ASP B 93 34.12 4.08 -17.06
CA ASP B 93 35.46 3.73 -17.51
C ASP B 93 36.15 4.99 -18.01
N SER B 94 37.28 5.34 -17.38
CA SER B 94 38.16 6.41 -17.83
C SER B 94 39.52 5.77 -18.05
N PRO B 95 39.79 5.28 -19.26
CA PRO B 95 41.05 4.59 -19.51
C PRO B 95 42.23 5.54 -19.59
N TRP B 96 43.40 5.00 -19.29
CA TRP B 96 44.63 5.77 -19.43
C TRP B 96 45.16 5.71 -20.86
N GLY B 97 45.05 4.55 -21.51
CA GLY B 97 45.55 4.40 -22.86
C GLY B 97 44.62 4.99 -23.89
N SER B 98 43.41 4.46 -23.98
CA SER B 98 42.43 4.99 -24.94
C SER B 98 41.98 6.37 -24.52
N LYS B 99 41.78 7.25 -25.51
CA LYS B 99 41.35 8.61 -25.21
C LYS B 99 39.88 8.65 -24.81
N THR B 100 39.03 7.92 -25.52
CA THR B 100 37.59 7.99 -25.29
C THR B 100 37.22 7.34 -23.97
N ASN B 101 36.39 8.02 -23.18
CA ASN B 101 35.89 7.50 -21.93
C ASN B 101 34.58 6.76 -22.18
N THR B 102 33.88 6.37 -21.11
CA THR B 102 32.64 5.63 -21.27
C THR B 102 31.82 5.70 -19.99
N TRP B 103 30.56 6.07 -20.13
CA TRP B 103 29.61 6.07 -19.01
C TRP B 103 28.31 5.47 -19.53
N THR B 104 27.96 4.28 -19.06
CA THR B 104 26.82 3.53 -19.58
C THR B 104 25.84 3.23 -18.45
N VAL B 105 24.57 3.50 -18.71
CA VAL B 105 23.49 3.18 -17.77
C VAL B 105 22.53 2.25 -18.48
N SER B 106 22.36 1.06 -17.91
CA SER B 106 21.47 0.05 -18.48
C SER B 106 20.42 -0.34 -17.45
N GLY B 107 19.43 -1.10 -17.90
CA GLY B 107 18.33 -1.51 -17.07
C GLY B 107 16.99 -1.15 -17.69
N SER B 108 15.94 -1.71 -17.09
CA SER B 108 14.60 -1.55 -17.65
C SER B 108 13.53 -1.26 -16.61
N ASN B 109 13.89 -0.98 -15.36
CA ASN B 109 12.86 -0.66 -14.37
C ASN B 109 12.06 0.55 -14.85
N THR B 110 10.74 0.39 -14.88
CA THR B 110 9.86 1.40 -15.46
C THR B 110 9.23 2.33 -14.44
N LYS B 111 9.17 1.93 -13.18
CA LYS B 111 8.64 2.78 -12.13
C LYS B 111 9.72 3.67 -11.51
N TRP B 112 10.84 3.87 -12.21
CA TRP B 112 11.90 4.75 -11.77
C TRP B 112 12.33 5.65 -12.94
N MET B 113 12.73 6.86 -12.60
CA MET B 113 13.28 7.81 -13.54
C MET B 113 14.72 8.18 -13.15
N ILE B 114 15.72 7.91 -14.00
CA ILE B 114 17.13 8.20 -13.72
C ILE B 114 17.64 9.16 -14.79
N GLU B 115 18.28 10.24 -14.36
CA GLU B 115 18.82 11.23 -15.28
C GLU B 115 20.25 11.56 -14.87
N TYR B 116 21.21 11.28 -15.74
CA TYR B 116 22.61 11.51 -15.48
C TYR B 116 23.14 12.60 -16.39
N SER B 117 24.01 13.46 -15.85
CA SER B 117 24.56 14.54 -16.65
C SER B 117 25.93 14.93 -16.14
N GLY B 118 26.73 15.50 -17.02
CA GLY B 118 28.02 16.07 -16.68
C GLY B 118 29.22 15.30 -17.18
N GLN B 119 29.02 14.13 -17.80
CA GLN B 119 30.15 13.31 -18.22
C GLN B 119 30.88 13.93 -19.41
N ASN B 120 32.17 13.64 -19.49
CA ASN B 120 33.00 13.99 -20.64
C ASN B 120 33.46 12.70 -21.30
N LEU B 121 33.29 12.62 -22.62
CA LEU B 121 33.60 11.41 -23.36
C LEU B 121 34.69 11.56 -24.40
N ASP B 122 35.16 12.78 -24.68
CA ASP B 122 36.14 12.96 -25.75
C ASP B 122 37.54 12.58 -25.29
N SER B 123 38.06 13.27 -24.29
CA SER B 123 39.42 13.02 -23.83
C SER B 123 39.54 13.51 -22.39
N GLY B 124 40.62 13.10 -21.74
CA GLY B 124 40.86 13.49 -20.37
C GLY B 124 39.96 12.72 -19.41
N ALA B 125 39.87 13.24 -18.19
CA ALA B 125 39.13 12.55 -17.15
C ALA B 125 37.65 12.49 -17.49
N LEU B 126 36.98 11.48 -16.95
CA LEU B 126 35.55 11.30 -17.21
C LEU B 126 34.73 12.43 -16.61
N GLY B 127 35.17 12.99 -15.49
CA GLY B 127 34.54 14.16 -14.92
C GLY B 127 33.62 13.85 -13.76
N THR B 128 32.71 14.80 -13.50
CA THR B 128 31.72 14.69 -12.46
C THR B 128 30.37 14.40 -13.11
N ILE B 129 29.68 13.40 -12.59
CA ILE B 129 28.42 12.93 -13.15
C ILE B 129 27.38 12.96 -12.04
N THR B 130 26.35 13.79 -12.22
CA THR B 130 25.25 13.86 -11.27
C THR B 130 24.12 12.98 -11.77
N VAL B 131 23.65 12.09 -10.92
CA VAL B 131 22.63 11.10 -11.26
C VAL B 131 21.43 11.38 -10.35
N ASP B 132 20.41 12.03 -10.90
CA ASP B 132 19.17 12.27 -10.18
C ASP B 132 18.26 11.06 -10.35
N THR B 133 17.81 10.51 -9.22
CA THR B 133 16.94 9.35 -9.21
C THR B 133 15.61 9.70 -8.57
N LEU B 134 14.54 9.15 -9.13
CA LEU B 134 13.20 9.38 -8.60
C LEU B 134 12.33 8.18 -8.85
N LYS B 135 11.42 7.90 -7.93
CA LYS B 135 10.48 6.79 -8.09
C LYS B 135 9.09 7.37 -8.32
N LYS B 136 8.49 7.05 -9.45
CA LYS B 136 7.19 7.59 -9.82
C LYS B 136 6.15 7.25 -8.75
N GLN C 10 -21.93 -12.11 49.68
CA GLN C 10 -21.35 -11.25 48.66
C GLN C 10 -20.66 -12.08 47.62
N ALA C 11 -20.02 -13.16 48.04
CA ALA C 11 -19.28 -13.95 47.10
C ALA C 11 -20.28 -14.48 46.15
N GLY C 12 -19.90 -14.52 44.89
CA GLY C 12 -20.85 -14.94 43.90
C GLY C 12 -21.73 -13.82 43.45
N ASP C 13 -21.46 -12.59 43.87
CA ASP C 13 -22.25 -11.47 43.36
C ASP C 13 -21.76 -11.08 41.98
N THR C 14 -22.70 -10.76 41.11
CA THR C 14 -22.43 -10.33 39.74
C THR C 14 -22.98 -8.93 39.53
N LEU C 15 -22.79 -8.40 38.32
CA LEU C 15 -23.30 -7.06 38.02
C LEU C 15 -24.81 -6.97 38.25
N ASN C 16 -25.52 -8.09 38.07
CA ASN C 16 -26.96 -8.07 38.29
C ASN C 16 -27.29 -7.73 39.74
N ASP C 17 -26.56 -8.31 40.69
CA ASP C 17 -26.81 -8.02 42.09
C ASP C 17 -26.50 -6.57 42.42
N VAL C 18 -25.43 -6.03 41.83
CA VAL C 18 -25.10 -4.62 42.06
C VAL C 18 -26.20 -3.72 41.50
N ILE C 19 -26.70 -4.03 40.30
CA ILE C 19 -27.70 -3.18 39.67
C ILE C 19 -29.04 -3.29 40.38
N GLN C 20 -29.35 -4.46 40.94
CA GLN C 20 -30.64 -4.62 41.60
C GLN C 20 -30.76 -3.74 42.83
N ASP C 21 -29.69 -3.64 43.61
CA ASP C 21 -29.72 -2.85 44.84
C ASP C 21 -29.53 -1.38 44.49
N PRO C 22 -30.47 -0.50 44.85
CA PRO C 22 -30.29 0.92 44.49
C PRO C 22 -29.00 1.52 45.03
N THR C 23 -28.62 1.18 46.26
CA THR C 23 -27.42 1.77 46.84
C THR C 23 -26.17 1.33 46.07
N ARG C 24 -26.03 0.03 45.84
CA ARG C 24 -24.88 -0.47 45.12
C ARG C 24 -24.85 0.02 43.68
N ARG C 25 -26.02 0.08 43.04
CA ARG C 25 -26.09 0.59 41.67
C ARG C 25 -25.65 2.05 41.61
N ASN C 26 -26.12 2.86 42.55
CA ASN C 26 -25.73 4.27 42.56
C ASN C 26 -24.26 4.42 42.87
N LYS C 27 -23.72 3.59 43.75
CA LYS C 27 -22.28 3.64 44.02
C LYS C 27 -21.49 3.29 42.77
N LEU C 28 -21.94 2.28 42.02
CA LEU C 28 -21.26 1.93 40.78
C LEU C 28 -21.32 3.07 39.78
N ILE C 29 -22.48 3.73 39.67
CA ILE C 29 -22.62 4.84 38.73
C ILE C 29 -21.70 5.98 39.13
N ASN C 30 -21.66 6.33 40.42
CA ASN C 30 -20.88 7.46 40.87
C ASN C 30 -19.39 7.20 40.75
N ASP C 31 -18.94 6.04 41.25
CA ASP C 31 -17.51 5.75 41.29
C ASP C 31 -16.90 5.65 39.90
N ASN C 32 -17.71 5.37 38.87
CA ASN C 32 -17.22 5.21 37.52
C ASN C 32 -17.51 6.40 36.62
N ASN C 33 -18.20 7.42 37.12
CA ASN C 33 -18.50 8.61 36.34
C ASN C 33 -19.26 8.25 35.07
N LEU C 34 -20.30 7.42 35.24
CA LEU C 34 -21.07 6.98 34.09
C LEU C 34 -22.03 8.03 33.58
N LEU C 35 -22.33 9.05 34.38
CA LEU C 35 -23.22 10.14 33.96
C LEU C 35 -22.47 11.34 33.40
N LYS C 36 -21.15 11.25 33.24
CA LYS C 36 -20.34 12.38 32.84
C LYS C 36 -19.66 12.10 31.51
N GLY C 37 -19.50 13.16 30.72
CA GLY C 37 -18.83 13.04 29.44
C GLY C 37 -17.32 13.07 29.57
N ILE C 38 -16.67 12.72 28.50
CA ILE C 38 -15.24 12.68 28.50
C ILE C 38 -14.69 13.82 27.72
N ILE C 39 -13.92 14.66 28.38
CA ILE C 39 -13.32 15.79 27.75
C ILE C 39 -12.05 15.32 27.15
N MET C 40 -11.91 15.49 25.85
CA MET C 40 -10.75 15.06 25.13
C MET C 40 -9.84 16.25 25.12
N GLY C 41 -9.28 16.59 26.28
CA GLY C 41 -8.51 17.81 26.35
C GLY C 41 -7.03 17.60 26.11
N ARG C 42 -6.25 18.60 26.51
CA ARG C 42 -4.80 18.52 26.32
C ARG C 42 -4.18 17.43 27.18
N ASP C 43 -4.81 17.09 28.30
CA ASP C 43 -4.29 16.08 29.21
C ASP C 43 -4.79 14.68 28.89
N GLY C 44 -5.58 14.51 27.83
CA GLY C 44 -6.11 13.22 27.48
C GLY C 44 -7.60 13.14 27.78
N PRO C 45 -8.18 11.97 27.62
CA PRO C 45 -9.62 11.76 27.89
C PRO C 45 -9.95 11.68 29.38
N VAL C 46 -10.12 12.85 30.00
CA VAL C 46 -10.47 12.94 31.41
C VAL C 46 -11.97 13.17 31.53
N PRO C 47 -12.68 12.49 32.42
CA PRO C 47 -14.12 12.72 32.54
C PRO C 47 -14.44 14.10 33.09
N SER C 48 -15.60 14.61 32.72
CA SER C 48 -16.03 15.91 33.18
C SER C 48 -16.47 15.86 34.64
N SER C 49 -16.45 17.02 35.27
CA SER C 49 -16.90 17.15 36.66
C SER C 49 -18.38 17.45 36.77
N ARG C 50 -19.07 17.64 35.65
CA ARG C 50 -20.50 17.98 35.64
C ARG C 50 -21.28 16.85 35.00
N GLU C 51 -22.37 16.45 35.66
CA GLU C 51 -23.20 15.39 35.13
C GLU C 51 -23.86 15.83 33.82
N LEU C 52 -23.80 14.96 32.82
CA LEU C 52 -24.35 15.27 31.50
C LEU C 52 -25.78 14.77 31.36
N ILE C 53 -26.03 13.52 31.74
CA ILE C 53 -27.33 12.91 31.57
C ILE C 53 -28.02 12.82 32.93
N VAL C 54 -29.32 12.51 32.90
CA VAL C 54 -30.08 12.35 34.13
C VAL C 54 -29.86 10.94 34.68
N ARG C 55 -29.86 10.83 36.00
CA ARG C 55 -29.58 9.56 36.64
C ARG C 55 -30.64 8.53 36.27
N PRO C 56 -30.29 7.41 35.65
CA PRO C 56 -31.29 6.41 35.31
C PRO C 56 -31.81 5.69 36.55
N ASP C 57 -33.00 5.11 36.40
CA ASP C 57 -33.57 4.26 37.42
C ASP C 57 -33.05 2.83 37.36
N THR C 58 -32.32 2.48 36.31
CA THR C 58 -31.76 1.14 36.17
C THR C 58 -30.71 1.19 35.06
N LEU C 59 -30.00 0.09 34.90
CA LEU C 59 -28.97 -0.04 33.88
C LEU C 59 -29.15 -1.34 33.11
N ARG C 60 -28.80 -1.31 31.85
CA ARG C 60 -28.84 -2.47 31.03
C ARG C 60 -27.49 -3.06 31.12
N ALA C 61 -27.40 -4.33 31.49
CA ALA C 61 -26.10 -4.94 31.71
C ALA C 61 -26.12 -6.40 31.26
N ILE C 62 -24.94 -6.89 30.91
CA ILE C 62 -24.72 -8.30 30.63
C ILE C 62 -23.55 -8.77 31.49
N ILE C 63 -23.53 -10.06 31.78
CA ILE C 63 -22.53 -10.66 32.65
C ILE C 63 -21.50 -11.39 31.80
N ASN C 64 -20.23 -11.19 32.10
CA ASN C 64 -19.14 -11.86 31.40
C ASN C 64 -17.94 -11.94 32.34
N ASN C 65 -17.43 -13.15 32.54
CA ASN C 65 -16.36 -13.38 33.51
C ASN C 65 -15.16 -14.09 32.89
N ARG C 66 -14.99 -14.02 31.58
CA ARG C 66 -13.86 -14.66 30.92
C ARG C 66 -12.64 -13.75 31.02
N ALA C 67 -11.66 -14.16 31.81
CA ALA C 67 -10.42 -13.40 31.98
C ALA C 67 -9.41 -13.83 30.94
N THR C 68 -8.79 -12.86 30.27
CA THR C 68 -7.90 -13.19 29.16
C THR C 68 -7.09 -11.96 28.78
N ILE C 69 -6.11 -12.16 27.91
CA ILE C 69 -5.25 -11.10 27.43
C ILE C 69 -5.65 -10.75 26.00
N GLU C 70 -5.95 -9.48 25.78
CA GLU C 70 -6.31 -8.97 24.46
C GLU C 70 -5.26 -7.95 24.02
N THR C 71 -5.11 -7.80 22.71
CA THR C 71 -4.15 -6.84 22.16
C THR C 71 -4.80 -6.02 21.06
N THR C 72 -4.44 -4.75 21.00
CA THR C 72 -4.96 -3.83 19.98
C THR C 72 -3.83 -2.98 19.45
N THR C 73 -3.97 -2.56 18.20
CA THR C 73 -2.99 -1.71 17.54
C THR C 73 -3.70 -0.54 16.87
N MET C 74 -3.03 0.60 16.86
CA MET C 74 -3.58 1.83 16.29
C MET C 74 -2.51 2.53 15.46
N GLU C 75 -2.94 3.10 14.33
CA GLU C 75 -2.03 3.80 13.44
C GLU C 75 -2.17 5.32 13.52
N ALA C 76 -3.27 5.84 14.03
CA ALA C 76 -3.47 7.27 14.12
C ALA C 76 -2.39 7.89 15.00
N GLU C 77 -2.12 9.18 14.77
CA GLU C 77 -0.97 9.82 15.42
C GLU C 77 -1.26 10.18 16.87
N PHE C 78 -2.30 10.97 17.10
CA PHE C 78 -2.56 11.56 18.42
C PHE C 78 -3.47 10.70 19.27
N THR C 79 -3.48 9.38 19.07
CA THR C 79 -4.37 8.49 19.80
C THR C 79 -3.65 7.70 20.89
N GLU C 80 -2.51 8.21 21.37
CA GLU C 80 -1.78 7.50 22.42
C GLU C 80 -2.61 7.40 23.69
N THR C 81 -3.13 8.54 24.16
CA THR C 81 -3.91 8.54 25.40
C THR C 81 -5.18 7.73 25.25
N LEU C 82 -5.83 7.80 24.09
CA LEU C 82 -7.03 7.00 23.88
C LEU C 82 -6.71 5.52 23.98
N MET C 83 -5.60 5.08 23.39
CA MET C 83 -5.18 3.69 23.54
C MET C 83 -4.92 3.36 25.00
N GLU C 84 -4.27 4.28 25.73
CA GLU C 84 -4.00 4.04 27.14
C GLU C 84 -5.28 3.92 27.97
N SER C 85 -6.40 4.43 27.47
CA SER C 85 -7.67 4.33 28.16
C SER C 85 -8.48 3.12 27.73
N ASN C 86 -7.92 2.26 26.87
CA ASN C 86 -8.58 1.03 26.45
C ASN C 86 -9.82 1.34 25.60
N TYR C 87 -9.67 2.26 24.66
CA TYR C 87 -10.72 2.54 23.68
C TYR C 87 -10.52 1.63 22.47
N ASN C 88 -11.59 0.98 22.04
CA ASN C 88 -11.50 0.12 20.87
C ASN C 88 -11.35 0.98 19.62
N SER C 89 -11.29 0.31 18.46
CA SER C 89 -11.03 1.03 17.21
C SER C 89 -12.12 2.05 16.92
N ALA C 90 -13.38 1.66 17.07
CA ALA C 90 -14.47 2.57 16.75
C ALA C 90 -14.47 3.79 17.66
N SER C 91 -14.27 3.58 18.96
CA SER C 91 -14.24 4.70 19.89
C SER C 91 -13.07 5.63 19.59
N VAL C 92 -11.90 5.07 19.29
CA VAL C 92 -10.75 5.89 18.95
C VAL C 92 -11.04 6.69 17.68
N LYS C 93 -11.67 6.07 16.69
CA LYS C 93 -12.00 6.77 15.47
C LYS C 93 -12.96 7.93 15.74
N VAL C 94 -13.94 7.70 16.61
CA VAL C 94 -14.92 8.76 16.91
C VAL C 94 -14.25 9.89 17.67
N SER C 95 -13.33 9.57 18.59
CA SER C 95 -12.74 10.57 19.47
C SER C 95 -11.51 11.25 18.88
N ALA C 96 -10.94 10.72 17.81
CA ALA C 96 -9.69 11.29 17.29
C ALA C 96 -9.80 12.75 16.92
N PRO C 97 -10.86 13.24 16.26
CA PRO C 97 -10.89 14.66 15.89
C PRO C 97 -10.70 15.59 17.07
N PHE C 98 -11.34 15.30 18.21
CA PHE C 98 -11.26 16.20 19.35
C PHE C 98 -9.88 16.18 19.98
N ILE C 99 -9.32 15.00 20.16
CA ILE C 99 -8.03 14.89 20.77
C ILE C 99 -7.07 15.68 19.93
N THR C 100 -7.02 15.40 18.63
CA THR C 100 -6.07 16.06 17.78
C THR C 100 -6.24 17.55 17.93
N ALA C 101 -7.43 18.05 17.68
CA ALA C 101 -7.66 19.47 17.73
C ALA C 101 -7.16 20.08 19.03
N ASN C 102 -7.37 19.39 20.14
CA ASN C 102 -6.97 19.92 21.44
C ASN C 102 -5.60 19.43 21.88
N SER C 103 -4.92 18.62 21.09
CA SER C 103 -3.61 18.10 21.48
C SER C 103 -2.57 19.22 21.50
N GLU C 104 -1.42 18.93 22.09
CA GLU C 104 -0.35 19.92 22.14
C GLU C 104 0.72 19.51 21.15
N TYR C 105 0.79 20.22 20.03
CA TYR C 105 1.73 19.84 18.99
C TYR C 105 3.14 20.27 19.33
N SER C 106 4.13 19.56 18.79
CA SER C 106 5.52 19.88 19.03
C SER C 106 6.37 19.09 18.06
N GLU C 107 7.50 19.67 17.68
CA GLU C 107 8.50 18.94 16.90
C GLU C 107 9.12 17.86 17.78
N SER C 108 10.01 17.08 17.19
CA SER C 108 10.69 15.99 17.90
C SER C 108 9.71 14.95 18.41
N SER C 109 8.50 14.91 17.85
CA SER C 109 7.53 13.91 18.25
C SER C 109 8.03 12.52 17.89
N SER C 110 7.97 11.61 18.86
CA SER C 110 8.46 10.25 18.63
C SER C 110 7.68 9.54 17.53
N PHE C 111 6.49 10.00 17.21
CA PHE C 111 5.70 9.39 16.15
C PHE C 111 6.22 9.82 14.79
N LYS C 112 6.31 8.86 13.87
CA LYS C 112 6.77 9.11 12.51
C LYS C 112 5.77 8.50 11.53
N ASN C 113 5.34 9.30 10.56
CA ASN C 113 4.39 8.84 9.55
C ASN C 113 4.84 9.31 8.17
N THR C 114 6.13 9.20 7.89
CA THR C 114 6.64 9.58 6.59
C THR C 114 6.26 8.52 5.55
N GLU C 115 6.62 8.81 4.30
CA GLU C 115 6.32 7.89 3.21
C GLU C 115 7.23 6.66 3.21
N THR C 116 8.29 6.65 4.02
CA THR C 116 9.21 5.54 4.10
C THR C 116 9.03 4.69 5.34
N GLU C 117 8.71 5.30 6.49
CA GLU C 117 8.56 4.60 7.74
C GLU C 117 7.19 4.89 8.35
N LYS C 118 6.74 3.97 9.19
CA LYS C 118 5.41 4.00 9.77
C LYS C 118 5.52 3.70 11.25
N SER C 119 4.74 4.41 12.06
CA SER C 119 4.75 4.24 13.51
C SER C 119 3.34 3.86 13.97
N MET C 120 3.29 3.05 15.03
CA MET C 120 2.02 2.55 15.52
C MET C 120 2.08 2.35 17.03
N TYR C 121 0.91 2.40 17.66
CA TYR C 121 0.77 2.12 19.08
C TYR C 121 0.20 0.72 19.28
N THR C 122 0.70 0.02 20.28
CA THR C 122 0.21 -1.31 20.65
C THR C 122 -0.14 -1.31 22.13
N SER C 123 -1.22 -2.01 22.48
CA SER C 123 -1.67 -2.09 23.86
C SER C 123 -2.16 -3.49 24.15
N SER C 124 -1.72 -4.06 25.27
CA SER C 124 -2.15 -5.38 25.73
C SER C 124 -2.83 -5.22 27.07
N ARG C 125 -4.06 -5.70 27.16
CA ARG C 125 -4.87 -5.61 28.36
C ARG C 125 -5.13 -7.02 28.88
N TYR C 126 -4.70 -7.28 30.11
CA TYR C 126 -5.07 -8.49 30.83
C TYR C 126 -6.34 -8.16 31.60
N LEU C 127 -7.46 -8.71 31.14
CA LEU C 127 -8.79 -8.35 31.62
C LEU C 127 -9.35 -9.44 32.52
N PHE C 128 -10.05 -8.96 33.55
CA PHE C 128 -10.77 -9.82 34.47
C PHE C 128 -12.09 -9.11 34.51
N PRO C 129 -12.98 -9.42 33.58
CA PRO C 129 -14.23 -8.67 33.46
C PRO C 129 -15.34 -9.23 34.33
N GLN C 130 -16.35 -8.39 34.55
CA GLN C 130 -17.56 -8.77 35.25
C GLN C 130 -18.81 -8.58 34.41
N GLY C 131 -18.74 -7.81 33.34
CA GLY C 131 -19.90 -7.59 32.49
C GLY C 131 -19.71 -6.35 31.64
N ARG C 132 -20.83 -5.87 31.12
CA ARG C 132 -20.87 -4.71 30.26
C ARG C 132 -22.16 -3.95 30.49
N ILE C 133 -22.07 -2.63 30.53
CA ILE C 133 -23.21 -1.74 30.75
C ILE C 133 -23.44 -0.93 29.49
N ASP C 134 -24.70 -0.79 29.10
CA ASP C 134 -25.08 -0.12 27.86
C ASP C 134 -26.04 1.03 28.15
N PHE C 135 -25.94 2.08 27.34
CA PHE C 135 -26.85 3.21 27.37
C PHE C 135 -27.53 3.34 26.01
N THR C 136 -28.70 3.97 25.99
CA THR C 136 -29.48 4.09 24.76
C THR C 136 -29.44 5.46 24.27
N THR C 137 -28.87 5.61 23.11
CA THR C 137 -28.76 6.93 22.51
C THR C 137 -30.09 7.34 21.87
N PRO C 138 -30.37 8.63 21.76
CA PRO C 138 -31.60 9.06 21.09
C PRO C 138 -31.72 8.57 19.67
N ASP C 139 -30.60 8.45 18.95
CA ASP C 139 -30.65 7.97 17.58
C ASP C 139 -31.11 6.53 17.48
N SER C 140 -30.96 5.74 18.55
CA SER C 140 -31.39 4.35 18.49
C SER C 140 -32.89 4.23 18.28
N GLY C 141 -33.68 5.10 18.90
CA GLY C 141 -35.12 5.10 18.71
C GLY C 141 -35.90 4.28 19.70
N PHE C 142 -35.26 3.72 20.72
CA PHE C 142 -35.97 2.92 21.71
C PHE C 142 -36.56 3.82 22.79
N ASP C 143 -37.36 3.23 23.67
CA ASP C 143 -38.14 4.01 24.63
C ASP C 143 -37.34 4.43 25.85
N ASP C 144 -36.19 3.79 26.12
CA ASP C 144 -35.40 4.07 27.31
C ASP C 144 -34.20 4.96 27.01
N VAL C 145 -34.36 5.93 26.11
CA VAL C 145 -33.25 6.80 25.76
C VAL C 145 -32.75 7.53 26.99
N ILE C 146 -31.47 7.89 26.97
CA ILE C 146 -30.91 8.75 28.00
C ILE C 146 -31.41 10.16 27.80
N LYS C 147 -31.65 10.87 28.91
CA LYS C 147 -32.17 12.23 28.88
C LYS C 147 -31.07 13.18 29.35
N LEU C 148 -30.73 14.15 28.51
CA LEU C 148 -29.72 15.13 28.88
C LEU C 148 -30.20 15.94 30.08
N SER C 149 -29.29 16.25 30.99
CA SER C 149 -29.65 17.00 32.17
C SER C 149 -30.15 18.39 31.76
N PRO C 150 -31.14 18.92 32.48
CA PRO C 150 -31.68 20.23 32.09
C PRO C 150 -30.63 21.33 32.08
N GLN C 151 -29.60 21.23 32.92
CA GLN C 151 -28.56 22.25 32.94
C GLN C 151 -27.80 22.30 31.62
N PHE C 152 -27.47 21.14 31.06
CA PHE C 152 -26.76 21.11 29.79
C PHE C 152 -27.62 21.70 28.67
N THR C 153 -28.91 21.34 28.64
CA THR C 153 -29.79 21.88 27.61
C THR C 153 -29.93 23.39 27.76
N SER C 154 -30.06 23.88 28.99
CA SER C 154 -30.14 25.32 29.20
C SER C 154 -28.86 26.00 28.77
N GLY C 155 -27.71 25.40 29.04
CA GLY C 155 -26.45 25.98 28.58
C GLY C 155 -26.36 26.04 27.07
N VAL C 156 -26.79 24.98 26.39
CA VAL C 156 -26.77 25.00 24.93
C VAL C 156 -27.71 26.09 24.40
N GLN C 157 -28.90 26.19 24.99
CA GLN C 157 -29.84 27.22 24.55
C GLN C 157 -29.26 28.62 24.75
N ALA C 158 -28.63 28.85 25.90
CA ALA C 158 -28.01 30.15 26.14
C ALA C 158 -26.89 30.42 25.14
N ALA C 159 -26.08 29.41 24.84
CA ALA C 159 -25.01 29.59 23.88
C ALA C 159 -25.56 29.97 22.51
N LEU C 160 -26.59 29.27 22.06
CA LEU C 160 -27.14 29.52 20.74
C LEU C 160 -27.98 30.79 20.66
N ALA C 161 -28.26 31.44 21.80
CA ALA C 161 -29.06 32.66 21.82
C ALA C 161 -28.21 33.92 21.82
N LYS C 162 -26.89 33.81 21.71
CA LYS C 162 -26.03 34.97 21.77
C LYS C 162 -26.16 35.81 20.49
N ALA C 163 -25.75 37.07 20.60
CA ALA C 163 -26.03 38.04 19.53
C ALA C 163 -25.27 37.71 18.25
N THR C 164 -23.99 37.35 18.36
CA THR C 164 -23.12 37.21 17.21
C THR C 164 -22.61 35.79 17.08
N GLY C 165 -22.25 35.42 15.85
CA GLY C 165 -21.76 34.07 15.61
C GLY C 165 -20.51 33.76 16.38
N THR C 166 -19.59 34.72 16.49
CA THR C 166 -18.38 34.50 17.26
C THR C 166 -18.70 34.23 18.71
N GLU C 167 -19.64 34.98 19.29
CA GLU C 167 -20.03 34.74 20.68
C GLU C 167 -20.68 33.38 20.84
N LYS C 168 -21.53 32.99 19.89
CA LYS C 168 -22.13 31.65 19.95
C LYS C 168 -21.06 30.58 19.93
N ARG C 169 -20.06 30.71 19.05
CA ARG C 169 -19.02 29.71 18.96
C ARG C 169 -18.18 29.67 20.23
N GLU C 170 -17.87 30.83 20.80
CA GLU C 170 -17.12 30.85 22.05
C GLU C 170 -17.90 30.18 23.18
N ALA C 171 -19.20 30.47 23.26
CA ALA C 171 -20.02 29.85 24.29
C ALA C 171 -20.07 28.34 24.11
N LEU C 172 -20.22 27.88 22.87
CA LEU C 172 -20.25 26.44 22.62
C LEU C 172 -18.91 25.81 22.98
N GLN C 173 -17.80 26.49 22.67
CA GLN C 173 -16.49 25.94 23.00
C GLN C 173 -16.32 25.81 24.50
N ASN C 174 -16.71 26.84 25.26
CA ASN C 174 -16.65 26.74 26.72
C ASN C 174 -17.54 25.62 27.23
N LEU C 175 -18.76 25.51 26.69
CA LEU C 175 -19.69 24.49 27.16
C LEU C 175 -19.14 23.10 26.91
N PHE C 176 -18.54 22.87 25.74
CA PHE C 176 -18.01 21.54 25.44
C PHE C 176 -16.70 21.27 26.17
N GLN C 177 -15.95 22.31 26.52
CA GLN C 177 -14.78 22.11 27.37
C GLN C 177 -15.19 21.75 28.78
N GLU C 178 -16.35 22.23 29.23
CA GLU C 178 -16.80 21.96 30.59
C GLU C 178 -17.51 20.61 30.70
N TYR C 179 -18.43 20.33 29.77
CA TYR C 179 -19.27 19.16 29.86
C TYR C 179 -18.74 17.94 29.11
N GLY C 180 -17.68 18.11 28.33
CA GLY C 180 -17.07 17.00 27.61
C GLY C 180 -17.41 17.04 26.12
N HIS C 181 -16.75 16.14 25.40
CA HIS C 181 -16.90 16.04 23.95
C HIS C 181 -17.61 14.77 23.49
N VAL C 182 -17.42 13.66 24.19
CA VAL C 182 -18.08 12.40 23.86
C VAL C 182 -18.65 11.80 25.12
N PHE C 183 -19.59 10.87 24.94
CA PHE C 183 -20.25 10.16 26.02
C PHE C 183 -20.08 8.67 25.78
N ARG C 184 -19.65 7.94 26.81
CA ARG C 184 -19.41 6.51 26.69
C ARG C 184 -20.74 5.78 26.77
N THR C 185 -21.12 5.11 25.68
CA THR C 185 -22.41 4.44 25.60
C THR C 185 -22.31 2.97 25.97
N LYS C 186 -21.14 2.35 25.83
CA LYS C 186 -20.92 0.96 26.22
C LYS C 186 -19.59 0.88 26.94
N VAL C 187 -19.61 0.36 28.16
CA VAL C 187 -18.42 0.28 29.00
C VAL C 187 -18.38 -1.09 29.67
N HIS C 188 -17.18 -1.65 29.77
CA HIS C 188 -16.95 -2.93 30.43
C HIS C 188 -16.49 -2.68 31.85
N ILE C 189 -16.96 -3.51 32.78
CA ILE C 189 -16.66 -3.36 34.19
C ILE C 189 -15.78 -4.52 34.62
N GLY C 190 -14.95 -4.26 35.64
CA GLY C 190 -14.06 -5.29 36.16
C GLY C 190 -12.69 -4.76 36.52
N GLY C 191 -11.66 -5.56 36.28
CA GLY C 191 -10.29 -5.13 36.52
C GLY C 191 -9.42 -5.39 35.32
N VAL C 192 -8.35 -4.61 35.20
CA VAL C 192 -7.49 -4.69 34.03
C VAL C 192 -6.07 -4.27 34.36
N LEU C 193 -5.11 -5.02 33.83
CA LEU C 193 -3.70 -4.65 33.85
C LEU C 193 -3.28 -4.35 32.42
N SER C 194 -2.86 -3.13 32.15
CA SER C 194 -2.58 -2.69 30.79
C SER C 194 -1.10 -2.40 30.61
N ALA C 195 -0.57 -2.78 29.43
CA ALA C 195 0.80 -2.44 29.04
C ALA C 195 0.76 -1.86 27.64
N HIS C 196 1.35 -0.68 27.47
CA HIS C 196 1.26 0.04 26.21
C HIS C 196 2.66 0.42 25.71
N THR C 197 2.80 0.48 24.40
CA THR C 197 4.08 0.80 23.79
C THR C 197 3.84 1.36 22.40
N MET C 198 4.90 1.90 21.80
CA MET C 198 4.87 2.40 20.43
C MET C 198 6.09 1.88 19.69
N GLU C 199 5.92 1.63 18.39
CA GLU C 199 6.99 1.10 17.57
C GLU C 199 6.98 1.79 16.21
N THR C 200 8.18 2.14 15.73
CA THR C 200 8.38 2.70 14.40
C THR C 200 9.21 1.74 13.58
N PHE C 201 8.85 1.57 12.31
CA PHE C 201 9.54 0.61 11.45
C PHE C 201 9.36 1.02 10.00
N SER C 202 10.36 0.66 9.18
CA SER C 202 10.31 1.00 7.76
C SER C 202 9.12 0.33 7.09
N ARG C 203 8.50 1.05 6.16
CA ARG C 203 7.34 0.51 5.46
C ARG C 203 7.69 -0.71 4.63
N SER C 204 8.97 -0.89 4.28
CA SER C 204 9.35 -2.06 3.49
C SER C 204 9.22 -3.35 4.29
N GLU C 205 9.41 -3.29 5.60
CA GLU C 205 9.34 -4.48 6.43
C GLU C 205 7.93 -5.08 6.40
N ASN C 206 7.87 -6.40 6.54
CA ASN C 206 6.59 -7.09 6.60
C ASN C 206 5.79 -6.61 7.80
N GLU C 207 4.68 -5.92 7.54
CA GLU C 207 3.89 -5.35 8.63
C GLU C 207 3.35 -6.43 9.55
N THR C 208 2.87 -7.54 8.97
CA THR C 208 2.30 -8.61 9.79
C THR C 208 3.33 -9.17 10.76
N GLU C 209 4.56 -9.40 10.28
CA GLU C 209 5.58 -9.96 11.15
C GLU C 209 5.91 -9.01 12.29
N VAL C 210 6.04 -7.71 12.00
CA VAL C 210 6.34 -6.74 13.04
C VAL C 210 5.22 -6.70 14.07
N LYS C 211 3.97 -6.68 13.59
CA LYS C 211 2.84 -6.66 14.50
C LYS C 211 2.84 -7.89 15.40
N GLN C 212 3.07 -9.07 14.80
CA GLN C 212 3.08 -10.30 15.59
C GLN C 212 4.19 -10.28 16.63
N ASP C 213 5.38 -9.82 16.25
CA ASP C 213 6.49 -9.80 17.20
C ASP C 213 6.20 -8.85 18.36
N VAL C 214 5.70 -7.65 18.05
CA VAL C 214 5.40 -6.69 19.11
C VAL C 214 4.30 -7.24 20.01
N LYS C 215 3.27 -7.84 19.42
CA LYS C 215 2.19 -8.40 20.22
C LYS C 215 2.71 -9.50 21.14
N ALA C 216 3.55 -10.38 20.63
CA ALA C 216 4.09 -11.45 21.46
C ALA C 216 4.90 -10.88 22.62
N GLY C 217 5.76 -9.90 22.32
CA GLY C 217 6.58 -9.32 23.39
C GLY C 217 5.73 -8.65 24.46
N LEU C 218 4.76 -7.84 24.04
CA LEU C 218 3.94 -7.11 25.01
C LEU C 218 3.06 -8.07 25.81
N GLU C 219 2.49 -9.08 25.15
CA GLU C 219 1.68 -10.05 25.86
C GLU C 219 2.51 -10.82 26.87
N GLY C 220 3.73 -11.20 26.51
CA GLY C 220 4.60 -11.83 27.49
C GLY C 220 4.90 -10.92 28.66
N ALA C 221 5.14 -9.63 28.37
CA ALA C 221 5.44 -8.68 29.43
C ALA C 221 4.28 -8.58 30.42
N VAL C 222 3.06 -8.43 29.90
CA VAL C 222 1.91 -8.27 30.78
C VAL C 222 1.61 -9.58 31.51
N LYS C 223 1.74 -10.71 30.82
CA LYS C 223 1.46 -12.00 31.45
C LYS C 223 2.42 -12.28 32.59
N GLY C 224 3.71 -12.02 32.39
CA GLY C 224 4.67 -12.26 33.46
C GLY C 224 4.62 -11.27 34.60
N TRP C 225 3.85 -10.20 34.43
CA TRP C 225 3.70 -9.20 35.47
C TRP C 225 3.17 -9.81 36.76
N GLN C 237 9.53 -4.33 34.74
CA GLN C 237 10.51 -4.17 33.68
C GLN C 237 10.05 -3.12 32.68
N GLY C 238 10.72 -1.97 32.68
CA GLY C 238 10.33 -0.86 31.84
C GLY C 238 10.70 -0.99 30.38
N THR C 239 11.55 -1.95 30.03
CA THR C 239 11.97 -2.17 28.66
C THR C 239 11.88 -3.64 28.32
N ILE C 240 11.47 -3.94 27.09
CA ILE C 240 11.23 -5.32 26.65
C ILE C 240 12.01 -5.56 25.37
N THR C 241 12.52 -6.78 25.21
CA THR C 241 13.20 -7.20 24.00
C THR C 241 12.38 -8.31 23.35
N THR C 242 11.99 -8.10 22.10
CA THR C 242 11.15 -9.05 21.39
C THR C 242 12.01 -10.09 20.69
N SER C 243 11.34 -10.98 19.95
CA SER C 243 12.07 -12.01 19.20
C SER C 243 12.96 -11.40 18.14
N GLN C 244 12.47 -10.35 17.46
CA GLN C 244 13.25 -9.65 16.45
C GLN C 244 14.28 -8.70 17.05
N ASN C 245 14.54 -8.79 18.35
CA ASN C 245 15.52 -7.95 19.03
C ASN C 245 15.11 -6.48 19.02
N ARG C 246 13.81 -6.21 18.98
CA ARG C 246 13.32 -4.84 19.07
C ARG C 246 13.23 -4.43 20.54
N LYS C 247 13.73 -3.23 20.84
CA LYS C 247 13.65 -2.69 22.20
C LYS C 247 12.42 -1.81 22.30
N LEU C 248 11.52 -2.16 23.22
CA LEU C 248 10.25 -1.47 23.37
C LEU C 248 10.17 -0.88 24.77
N ASN C 249 9.71 0.36 24.86
CA ASN C 249 9.40 1.00 26.14
C ASN C 249 7.93 0.76 26.45
N VAL C 250 7.65 0.25 27.65
CA VAL C 250 6.32 -0.18 28.04
C VAL C 250 5.86 0.66 29.23
N LYS C 251 4.64 1.17 29.13
CA LYS C 251 3.97 1.87 30.22
C LYS C 251 2.91 0.96 30.80
N TYR C 252 2.94 0.80 32.12
CA TYR C 252 2.05 -0.12 32.82
C TYR C 252 1.00 0.66 33.59
N ILE C 253 -0.24 0.17 33.55
CA ILE C 253 -1.35 0.78 34.26
C ILE C 253 -2.09 -0.32 35.01
N VAL C 254 -2.35 -0.08 36.30
CA VAL C 254 -3.00 -1.03 37.18
C VAL C 254 -4.40 -0.53 37.48
N ASN C 255 -5.40 -1.34 37.18
CA ASN C 255 -6.79 -1.04 37.51
C ASN C 255 -7.45 -2.31 38.04
N VAL C 256 -6.80 -2.92 39.04
CA VAL C 256 -7.32 -4.15 39.64
C VAL C 256 -6.90 -4.16 41.11
N VAL C 257 -7.83 -4.57 41.97
CA VAL C 257 -7.59 -4.65 43.40
C VAL C 257 -8.16 -5.94 43.96
N GLN C 274 -14.68 -8.23 45.34
CA GLN C 274 -15.60 -7.30 45.98
C GLN C 274 -16.13 -6.29 44.96
N SER C 275 -17.44 -6.12 44.93
CA SER C 275 -18.07 -5.28 43.91
C SER C 275 -17.75 -3.80 44.11
N GLU C 276 -17.23 -3.41 45.27
CA GLU C 276 -16.93 -2.01 45.52
C GLU C 276 -15.73 -1.53 44.72
N HIS C 277 -14.86 -2.42 44.28
CA HIS C 277 -13.62 -2.05 43.59
C HIS C 277 -13.69 -2.25 42.09
N TRP C 278 -14.87 -2.55 41.54
CA TRP C 278 -14.99 -2.69 40.10
C TRP C 278 -14.90 -1.32 39.43
N ARG C 279 -14.19 -1.27 38.31
CA ARG C 279 -13.98 -0.04 37.57
C ARG C 279 -14.12 -0.32 36.08
N VAL C 280 -14.27 0.76 35.31
CA VAL C 280 -14.38 0.63 33.87
C VAL C 280 -13.05 0.19 33.30
N ILE C 281 -13.06 -0.88 32.51
CA ILE C 281 -11.85 -1.46 31.97
C ILE C 281 -11.74 -1.32 30.46
N GLU C 282 -12.81 -0.91 29.77
CA GLU C 282 -12.77 -0.80 28.32
C GLU C 282 -14.00 -0.04 27.86
N VAL C 283 -13.82 0.76 26.83
CA VAL C 283 -14.90 1.53 26.21
C VAL C 283 -15.14 0.98 24.83
N THR C 284 -16.32 0.39 24.61
CA THR C 284 -16.64 -0.23 23.33
C THR C 284 -17.34 0.71 22.37
N GLU C 285 -17.96 1.78 22.87
CA GLU C 285 -18.67 2.70 22.00
C GLU C 285 -18.78 4.05 22.68
N VAL C 286 -18.55 5.11 21.92
CA VAL C 286 -18.76 6.48 22.38
C VAL C 286 -19.57 7.21 21.32
N THR C 287 -20.35 8.18 21.77
CA THR C 287 -21.15 9.01 20.89
C THR C 287 -20.85 10.47 21.16
N ALA C 288 -20.60 11.24 20.11
CA ALA C 288 -20.30 12.66 20.28
C ALA C 288 -21.44 13.34 21.02
N VAL C 289 -21.08 14.20 21.97
CA VAL C 289 -22.10 14.85 22.80
C VAL C 289 -23.07 15.63 21.94
N ALA C 290 -22.56 16.30 20.91
CA ALA C 290 -23.45 17.05 20.02
C ALA C 290 -24.52 16.15 19.42
N ASP C 291 -24.19 14.89 19.13
CA ASP C 291 -25.16 13.98 18.54
C ASP C 291 -26.33 13.69 19.48
N LEU C 292 -26.17 13.94 20.77
CA LEU C 292 -27.25 13.64 21.72
C LEU C 292 -28.35 14.68 21.71
N LEU C 293 -28.14 15.85 21.10
CA LEU C 293 -29.12 16.90 21.10
C LEU C 293 -30.23 16.63 20.09
N PRO C 294 -31.38 17.30 20.22
CA PRO C 294 -32.42 17.17 19.21
C PRO C 294 -31.93 17.66 17.85
N GLN C 295 -32.55 17.13 16.80
CA GLN C 295 -32.05 17.37 15.44
C GLN C 295 -32.00 18.86 15.09
N PRO C 296 -33.05 19.65 15.30
CA PRO C 296 -32.95 21.08 14.91
C PRO C 296 -31.81 21.81 15.61
N ILE C 297 -31.56 21.48 16.88
CA ILE C 297 -30.43 22.09 17.58
C ILE C 297 -29.13 21.39 17.23
N ARG C 298 -29.18 20.08 16.96
CA ARG C 298 -27.97 19.34 16.62
C ARG C 298 -27.35 19.90 15.33
N GLY C 299 -28.19 20.19 14.34
CA GLY C 299 -27.65 20.73 13.10
C GLY C 299 -26.95 22.06 13.30
N GLN C 300 -27.59 22.97 14.05
CA GLN C 300 -26.98 24.27 14.30
C GLN C 300 -25.68 24.13 15.07
N VAL C 301 -25.65 23.26 16.09
CA VAL C 301 -24.44 23.09 16.88
C VAL C 301 -23.32 22.52 16.01
N LYS C 302 -23.65 21.53 15.18
CA LYS C 302 -22.63 20.95 14.31
C LYS C 302 -22.08 21.98 13.33
N ASP C 303 -22.96 22.80 12.75
CA ASP C 303 -22.50 23.82 11.82
C ASP C 303 -21.64 24.87 12.51
N LEU C 304 -22.02 25.29 13.71
CA LEU C 304 -21.27 26.33 14.40
C LEU C 304 -19.89 25.86 14.84
N LEU C 305 -19.68 24.56 14.98
CA LEU C 305 -18.40 24.04 15.42
C LEU C 305 -17.38 23.89 14.30
N LYS C 306 -17.75 24.19 13.06
CA LYS C 306 -16.82 24.02 11.96
C LYS C 306 -15.72 25.08 12.04
N PRO C 307 -14.45 24.69 12.04
CA PRO C 307 -13.38 25.68 12.27
C PRO C 307 -13.33 26.80 11.25
N LEU C 308 -13.63 26.53 9.98
CA LEU C 308 -13.36 27.45 8.90
C LEU C 308 -14.63 27.81 8.13
N LEU C 309 -14.72 29.06 7.70
CA LEU C 309 -15.72 29.50 6.74
C LEU C 309 -15.09 29.52 5.36
N GLY C 310 -15.77 28.90 4.39
CA GLY C 310 -15.22 28.77 3.05
C GLY C 310 -15.86 29.66 2.02
N LYS C 311 -15.15 29.91 0.92
CA LYS C 311 -15.66 30.73 -0.16
C LYS C 311 -14.97 30.33 -1.45
N TRP C 312 -15.68 30.47 -2.57
CA TRP C 312 -15.14 30.20 -3.89
C TRP C 312 -14.92 31.52 -4.61
N VAL C 313 -13.75 31.69 -5.22
CA VAL C 313 -13.40 32.92 -5.91
C VAL C 313 -12.78 32.58 -7.26
N ASP C 314 -12.70 33.60 -8.12
CA ASP C 314 -12.10 33.43 -9.43
C ASP C 314 -10.59 33.28 -9.30
N VAL C 315 -9.96 32.78 -10.36
CA VAL C 315 -8.53 32.49 -10.37
C VAL C 315 -7.88 33.17 -11.56
N GLU C 316 -6.57 33.32 -11.46
CA GLU C 316 -5.75 33.94 -12.50
C GLU C 316 -4.51 33.11 -12.72
N LYS C 317 -4.08 33.04 -13.98
CA LYS C 317 -2.90 32.27 -14.35
C LYS C 317 -1.64 32.99 -13.90
N VAL C 318 -0.74 32.25 -13.25
CA VAL C 318 0.51 32.84 -12.76
C VAL C 318 1.39 33.19 -13.96
N PRO C 319 1.91 34.41 -14.06
CA PRO C 319 2.79 34.74 -15.18
C PRO C 319 4.10 33.94 -15.11
N GLY C 320 4.66 33.68 -16.28
CA GLY C 320 5.87 32.88 -16.34
C GLY C 320 5.57 31.41 -16.14
N LEU C 321 6.62 30.68 -15.75
CA LEU C 321 6.51 29.24 -15.49
C LEU C 321 6.04 28.48 -16.73
N GLU C 322 6.37 28.98 -17.92
CA GLU C 322 5.98 28.30 -19.15
C GLU C 322 6.66 26.96 -19.31
N SER C 323 7.76 26.72 -18.59
CA SER C 323 8.45 25.44 -18.70
C SER C 323 7.61 24.30 -18.13
N LEU C 324 6.77 24.59 -17.14
CA LEU C 324 6.05 23.53 -16.45
C LEU C 324 5.01 22.90 -17.38
N PRO C 325 4.74 21.60 -17.21
CA PRO C 325 3.77 20.93 -18.09
C PRO C 325 2.35 21.44 -17.93
N VAL C 326 2.01 22.05 -16.78
CA VAL C 326 0.65 22.48 -16.51
C VAL C 326 0.70 23.92 -16.01
N SER C 327 -0.42 24.62 -16.19
CA SER C 327 -0.52 26.00 -15.76
C SER C 327 -0.79 26.08 -14.26
N VAL C 328 -0.33 27.18 -13.65
CA VAL C 328 -0.47 27.41 -12.23
C VAL C 328 -1.42 28.59 -12.02
N TYR C 329 -2.39 28.42 -11.14
CA TYR C 329 -3.42 29.42 -10.90
C TYR C 329 -3.41 29.85 -9.45
N ARG C 330 -3.65 31.14 -9.22
CA ARG C 330 -3.73 31.72 -7.89
C ARG C 330 -4.98 32.59 -7.81
N PRO C 331 -5.51 32.80 -6.61
CA PRO C 331 -6.72 33.64 -6.50
C PRO C 331 -6.52 34.99 -7.17
N LYS C 332 -7.51 35.39 -7.97
CA LYS C 332 -7.42 36.63 -8.72
C LYS C 332 -7.79 37.81 -7.84
N GLY C 333 -7.15 38.94 -8.11
CA GLY C 333 -7.45 40.15 -7.39
C GLY C 333 -6.94 40.11 -5.96
N ALA C 334 -7.39 41.09 -5.18
CA ALA C 334 -7.01 41.18 -3.78
C ALA C 334 -7.89 40.29 -2.92
N ILE C 335 -7.26 39.55 -2.02
CA ILE C 335 -8.02 38.69 -1.10
C ILE C 335 -8.86 39.57 -0.18
N PRO C 336 -10.12 39.23 0.07
CA PRO C 336 -10.90 40.05 1.01
C PRO C 336 -10.26 40.07 2.38
N ALA C 337 -10.38 41.21 3.05
CA ALA C 337 -9.75 41.37 4.36
C ALA C 337 -10.23 40.29 5.32
N GLY C 338 -9.29 39.65 6.00
CA GLY C 338 -9.58 38.61 6.96
C GLY C 338 -9.63 37.21 6.39
N TRP C 339 -9.58 37.06 5.07
CA TRP C 339 -9.63 35.76 4.43
C TRP C 339 -8.24 35.35 3.96
N PHE C 340 -8.04 34.04 3.82
CA PHE C 340 -6.76 33.48 3.44
C PHE C 340 -6.96 32.38 2.42
N TRP C 341 -5.93 32.14 1.62
CA TRP C 341 -5.91 31.06 0.64
C TRP C 341 -4.88 30.03 1.05
N LEU C 342 -4.95 28.86 0.41
CA LEU C 342 -4.20 27.69 0.86
C LEU C 342 -3.02 27.31 -0.03
N GLY C 343 -2.95 27.81 -1.24
CA GLY C 343 -1.79 27.55 -2.09
C GLY C 343 -2.17 27.56 -3.56
N ASP C 344 -1.16 27.34 -4.39
CA ASP C 344 -1.34 27.29 -5.82
C ASP C 344 -2.01 25.99 -6.24
N THR C 345 -2.87 26.08 -7.25
CA THR C 345 -3.65 24.94 -7.70
C THR C 345 -3.63 24.88 -9.21
N ALA C 346 -3.85 23.68 -9.74
CA ALA C 346 -3.93 23.47 -11.18
C ALA C 346 -5.34 23.66 -11.72
N ASP C 347 -6.32 23.87 -10.86
CA ASP C 347 -7.68 24.09 -11.32
C ASP C 347 -7.81 25.46 -11.97
N ALA C 348 -8.41 25.50 -13.16
CA ALA C 348 -8.56 26.73 -13.91
C ALA C 348 -9.90 27.42 -13.68
N SER C 349 -10.73 26.90 -12.77
CA SER C 349 -12.07 27.42 -12.57
C SER C 349 -12.19 28.32 -11.35
N LYS C 350 -11.77 27.86 -10.18
CA LYS C 350 -12.02 28.59 -8.95
C LYS C 350 -10.97 28.23 -7.91
N ALA C 351 -10.89 29.06 -6.87
CA ALA C 351 -10.00 28.84 -5.75
C ALA C 351 -10.77 28.99 -4.45
N LEU C 352 -10.31 28.27 -3.42
CA LEU C 352 -10.98 28.20 -2.14
C LEU C 352 -10.29 29.14 -1.15
N LEU C 353 -11.05 30.12 -0.65
CA LEU C 353 -10.60 30.97 0.44
C LEU C 353 -11.23 30.48 1.73
N VAL C 354 -10.49 30.62 2.83
CA VAL C 354 -10.95 30.17 4.14
C VAL C 354 -10.74 31.30 5.14
N LYS C 355 -11.57 31.28 6.19
CA LYS C 355 -11.50 32.29 7.25
C LYS C 355 -11.67 31.58 8.59
N PRO C 356 -10.85 31.86 9.59
CA PRO C 356 -11.06 31.26 10.90
C PRO C 356 -12.38 31.72 11.51
N THR C 357 -12.97 30.83 12.31
CA THR C 357 -14.22 31.13 13.00
C THR C 357 -14.01 31.56 14.45
N LEU C 358 -12.96 31.06 15.11
CA LEU C 358 -12.69 31.38 16.50
C LEU C 358 -11.49 32.32 16.61
N PRO C 359 -11.57 33.41 17.37
CA PRO C 359 -10.40 34.26 17.53
C PRO C 359 -9.26 33.53 18.19
N ALA C 360 -8.03 33.93 17.84
CA ALA C 360 -6.85 33.33 18.44
C ALA C 360 -6.82 33.60 19.94
N ARG C 361 -6.60 32.55 20.72
CA ARG C 361 -6.55 32.67 22.17
C ARG C 361 -5.48 31.74 22.72
N SER C 362 -4.88 32.13 23.83
CA SER C 362 -3.84 31.33 24.45
C SER C 362 -4.38 29.97 24.84
N GLY C 363 -3.56 28.93 24.64
CA GLY C 363 -3.95 27.59 24.99
C GLY C 363 -4.88 26.92 24.02
N ARG C 364 -5.20 27.55 22.90
CA ARG C 364 -6.07 26.99 21.89
C ARG C 364 -5.32 26.91 20.57
N ASN C 365 -5.33 25.73 19.95
CA ASN C 365 -4.62 25.55 18.70
C ASN C 365 -5.31 26.33 17.59
N PRO C 366 -4.66 27.29 16.94
CA PRO C 366 -5.31 28.01 15.85
C PRO C 366 -5.61 27.07 14.69
N ALA C 367 -6.66 27.41 13.94
CA ALA C 367 -7.01 26.62 12.77
C ALA C 367 -5.99 26.80 11.65
N LEU C 368 -5.37 27.98 11.55
CA LEU C 368 -4.41 28.29 10.51
C LEU C 368 -3.14 28.84 11.12
N THR C 369 -2.05 28.73 10.36
CA THR C 369 -0.74 29.22 10.79
C THR C 369 -0.12 30.07 9.70
N SER C 370 0.61 31.09 10.12
CA SER C 370 1.41 31.87 9.19
C SER C 370 2.60 31.04 8.71
N LEU C 371 3.17 31.46 7.60
CA LEU C 371 4.35 30.82 7.03
C LEU C 371 5.49 31.81 6.97
N HIS C 372 6.71 31.29 7.14
CA HIS C 372 7.90 32.13 7.16
C HIS C 372 8.91 31.65 6.12
N GLN C 373 9.73 32.58 5.64
CA GLN C 373 10.71 32.28 4.62
C GLN C 373 11.75 31.29 5.15
N GLY C 374 12.22 30.41 4.26
CA GLY C 374 13.15 29.39 4.66
C GLY C 374 14.48 29.97 5.11
N SER C 375 15.26 29.12 5.80
CA SER C 375 16.52 29.57 6.38
C SER C 375 17.53 29.93 5.30
N GLY C 376 17.74 29.04 4.33
CA GLY C 376 18.71 29.30 3.29
C GLY C 376 18.63 28.37 2.10
N MET C 377 19.03 28.87 0.93
CA MET C 377 19.02 28.11 -0.32
C MET C 377 17.64 27.51 -0.60
N THR C 378 16.58 28.29 -0.37
CA THR C 378 15.24 27.88 -0.76
C THR C 378 14.30 29.07 -0.65
N GLU C 379 13.38 29.18 -1.61
CA GLU C 379 12.35 30.19 -1.60
C GLU C 379 11.02 29.66 -1.09
N GLN C 380 10.98 28.42 -0.63
CA GLN C 380 9.74 27.83 -0.17
C GLN C 380 9.41 28.30 1.26
N PRO C 381 8.14 28.29 1.63
CA PRO C 381 7.76 28.68 3.00
C PRO C 381 7.77 27.50 3.96
N PHE C 382 7.87 27.84 5.24
CA PHE C 382 7.84 26.87 6.32
C PHE C 382 6.74 27.23 7.31
N VAL C 383 6.07 26.21 7.84
CA VAL C 383 4.98 26.44 8.77
C VAL C 383 5.54 26.98 10.08
N ASP C 384 4.93 28.06 10.58
CA ASP C 384 5.39 28.66 11.83
C ASP C 384 5.15 27.73 13.01
N LEU C 385 4.00 27.03 13.03
CA LEU C 385 3.67 26.21 14.17
C LEU C 385 4.06 24.75 13.92
N PRO C 386 4.39 24.01 14.99
CA PRO C 386 5.13 22.74 14.83
C PRO C 386 4.59 21.77 13.79
N GLN C 387 3.33 21.32 13.93
CA GLN C 387 2.85 20.19 13.16
C GLN C 387 1.76 20.56 12.16
N TYR C 388 1.74 21.80 11.69
CA TYR C 388 0.76 22.17 10.68
C TYR C 388 1.32 21.87 9.28
N GLN C 389 0.44 21.95 8.28
CA GLN C 389 0.81 21.61 6.92
C GLN C 389 0.07 22.52 5.95
N TYR C 390 0.76 22.86 4.85
CA TYR C 390 0.14 23.51 3.71
C TYR C 390 0.07 22.52 2.56
N LEU C 391 -0.77 22.84 1.57
CA LEU C 391 -1.16 21.86 0.56
C LEU C 391 -0.35 21.96 -0.73
N SER C 392 0.22 23.12 -1.05
CA SER C 392 0.91 23.31 -2.30
C SER C 392 2.26 23.97 -2.08
N THR C 393 3.23 23.63 -2.92
CA THR C 393 4.49 24.35 -2.94
C THR C 393 4.32 25.70 -3.61
N TYR C 394 5.11 26.67 -3.17
CA TYR C 394 5.01 28.02 -3.69
C TYR C 394 5.78 28.11 -4.99
N PHE C 395 5.12 28.55 -6.05
CA PHE C 395 5.73 28.72 -7.37
C PHE C 395 6.13 30.18 -7.51
N GLY C 396 7.31 30.50 -7.01
CA GLY C 396 7.82 31.86 -7.02
C GLY C 396 8.69 32.09 -5.79
N SER C 397 8.78 33.36 -5.39
CA SER C 397 9.52 33.76 -4.20
C SER C 397 8.52 34.15 -3.13
N PHE C 398 8.58 33.48 -1.98
CA PHE C 398 7.64 33.71 -0.90
C PHE C 398 8.17 34.81 0.01
N ALA C 399 7.36 35.85 0.19
CA ALA C 399 7.66 36.94 1.11
C ALA C 399 6.43 37.17 1.97
N HIS C 400 6.51 36.79 3.25
CA HIS C 400 5.35 36.85 4.13
C HIS C 400 4.90 38.27 4.42
N ASP C 401 5.70 39.27 4.10
CA ASP C 401 5.35 40.66 4.39
C ASP C 401 4.54 41.33 3.29
N THR C 402 4.38 40.69 2.13
CA THR C 402 3.68 41.29 1.02
C THR C 402 2.72 40.29 0.40
N PRO C 403 1.65 40.75 -0.23
CA PRO C 403 0.70 39.83 -0.86
C PRO C 403 1.27 39.27 -2.15
N PRO C 404 0.80 38.08 -2.57
CA PRO C 404 -0.20 37.23 -1.94
C PRO C 404 0.40 36.31 -0.89
N GLY C 405 1.68 36.49 -0.57
CA GLY C 405 2.31 35.64 0.42
C GLY C 405 1.75 35.84 1.81
N SER C 406 1.46 37.09 2.18
CA SER C 406 1.00 37.39 3.53
C SER C 406 -0.33 36.72 3.84
N THR C 407 -1.09 36.30 2.83
CA THR C 407 -2.39 35.67 3.03
C THR C 407 -2.35 34.17 2.77
N LEU C 408 -1.16 33.57 2.72
CA LEU C 408 -1.03 32.12 2.59
C LEU C 408 -0.91 31.51 3.99
N ARG C 409 -1.60 30.39 4.19
CA ARG C 409 -1.69 29.80 5.51
C ARG C 409 -1.62 28.28 5.43
N GLY C 410 -1.24 27.67 6.55
CA GLY C 410 -1.28 26.24 6.71
C GLY C 410 -2.51 25.82 7.49
N LEU C 411 -2.59 24.52 7.76
CA LEU C 411 -3.76 23.92 8.37
C LEU C 411 -3.37 23.10 9.58
N ARG C 412 -4.26 23.09 10.57
CA ARG C 412 -4.07 22.26 11.74
C ARG C 412 -4.06 20.78 11.31
N PRO C 413 -3.29 19.93 11.96
CA PRO C 413 -3.16 18.55 11.47
C PRO C 413 -4.48 17.79 11.41
N ASP C 414 -5.51 18.22 12.13
CA ASP C 414 -6.81 17.56 12.06
C ASP C 414 -7.61 17.97 10.85
N HIS C 415 -7.20 19.02 10.13
CA HIS C 415 -7.96 19.53 8.99
C HIS C 415 -7.70 18.77 7.70
N VAL C 416 -6.65 17.94 7.64
CA VAL C 416 -6.18 17.39 6.39
C VAL C 416 -6.13 15.88 6.45
N LEU C 417 -6.18 15.27 5.28
CA LEU C 417 -6.02 13.84 5.09
C LEU C 417 -5.04 13.57 3.96
N PRO C 418 -4.32 12.45 4.01
CA PRO C 418 -3.38 12.15 2.91
C PRO C 418 -4.13 12.01 1.59
N GLY C 419 -3.55 12.57 0.54
CA GLY C 419 -4.10 12.49 -0.80
C GLY C 419 -3.33 11.52 -1.67
N ARG C 420 -3.50 11.67 -2.98
CA ARG C 420 -2.75 10.89 -3.96
C ARG C 420 -2.21 11.81 -5.04
N TYR C 421 -1.12 11.39 -5.66
CA TYR C 421 -0.42 12.21 -6.65
C TYR C 421 -0.75 11.75 -8.06
N GLU C 422 -0.99 12.72 -8.94
CA GLU C 422 -1.08 12.49 -10.38
C GLU C 422 0.08 13.25 -11.02
N MET C 423 0.93 12.53 -11.74
CA MET C 423 2.19 13.09 -12.23
C MET C 423 2.02 13.71 -13.61
N HIS C 424 2.63 14.86 -13.81
CA HIS C 424 2.66 15.53 -15.10
C HIS C 424 4.09 15.94 -15.42
N GLY C 425 4.41 15.97 -16.70
CA GLY C 425 5.74 16.32 -17.15
C GLY C 425 6.57 15.11 -17.50
N ASP C 426 7.57 15.33 -18.35
CA ASP C 426 8.39 14.24 -18.87
C ASP C 426 9.76 14.15 -18.22
N THR C 427 10.24 15.22 -17.57
CA THR C 427 11.56 15.24 -16.98
C THR C 427 11.46 15.64 -15.52
N ILE C 428 12.43 15.19 -14.73
CA ILE C 428 12.42 15.48 -13.29
C ILE C 428 12.47 16.98 -13.06
N SER C 429 13.26 17.70 -13.85
CA SER C 429 13.46 19.13 -13.61
C SER C 429 12.17 19.94 -13.75
N THR C 430 11.19 19.44 -14.49
CA THR C 430 9.96 20.19 -14.75
C THR C 430 8.69 19.45 -14.38
N ALA C 431 8.79 18.21 -13.89
CA ALA C 431 7.59 17.45 -13.55
C ALA C 431 6.92 18.02 -12.30
N VAL C 432 5.60 17.84 -12.23
CA VAL C 432 4.81 18.30 -11.10
C VAL C 432 3.83 17.20 -10.69
N TYR C 433 3.32 17.32 -9.47
CA TYR C 433 2.26 16.47 -8.95
C TYR C 433 1.01 17.31 -8.76
N VAL C 434 -0.14 16.74 -9.11
CA VAL C 434 -1.43 17.30 -8.77
C VAL C 434 -2.05 16.40 -7.70
N THR C 435 -2.44 17.00 -6.58
CA THR C 435 -2.96 16.25 -5.44
C THR C 435 -4.46 16.05 -5.58
N ARG C 436 -4.88 14.79 -5.72
CA ARG C 436 -6.28 14.46 -5.80
C ARG C 436 -6.73 13.74 -4.52
N PRO C 437 -7.96 13.95 -4.09
CA PRO C 437 -8.45 13.24 -2.90
C PRO C 437 -8.53 11.75 -3.14
N VAL C 438 -8.35 10.99 -2.07
CA VAL C 438 -8.55 9.54 -2.12
C VAL C 438 -10.04 9.27 -2.00
N ASP C 439 -10.63 8.69 -3.05
CA ASP C 439 -12.06 8.40 -3.03
C ASP C 439 -12.40 7.45 -1.90
N VAL C 440 -13.46 7.78 -1.16
CA VAL C 440 -13.93 6.95 -0.06
C VAL C 440 -15.43 6.78 -0.18
N PRO C 441 -16.00 5.68 0.31
CA PRO C 441 -17.46 5.51 0.21
C PRO C 441 -18.25 6.32 1.22
N PHE C 442 -17.65 6.68 2.36
CA PHE C 442 -18.37 7.39 3.41
C PHE C 442 -18.20 8.88 3.22
N PRO C 443 -19.27 9.67 3.10
CA PRO C 443 -19.09 11.11 2.91
C PRO C 443 -18.36 11.81 4.04
N GLU C 444 -18.30 11.19 5.23
CA GLU C 444 -17.66 11.85 6.36
C GLU C 444 -16.20 12.14 6.11
N ASP C 445 -15.53 11.35 5.26
CA ASP C 445 -14.11 11.46 5.03
C ASP C 445 -13.78 12.10 3.68
N GLU C 446 -14.76 12.70 3.01
CA GLU C 446 -14.49 13.35 1.73
C GLU C 446 -13.59 14.55 1.93
N CYS C 447 -12.71 14.77 0.95
CA CYS C 447 -11.77 15.88 0.98
C CYS C 447 -11.94 16.72 -0.29
N PHE C 448 -11.64 18.01 -0.17
CA PHE C 448 -11.77 18.91 -1.30
C PHE C 448 -10.83 18.51 -2.42
N ASP C 449 -11.30 18.65 -3.66
CA ASP C 449 -10.48 18.39 -4.84
C ASP C 449 -9.97 19.74 -5.36
N LEU C 450 -8.98 20.29 -4.66
CA LEU C 450 -8.41 21.58 -5.01
C LEU C 450 -7.33 21.49 -6.08
N LYS C 451 -6.86 20.28 -6.40
CA LYS C 451 -5.81 20.11 -7.41
C LYS C 451 -4.56 20.89 -7.02
N SER C 452 -4.11 20.69 -5.79
CA SER C 452 -2.91 21.36 -5.31
C SER C 452 -1.69 20.92 -6.11
N LEU C 453 -0.81 21.86 -6.40
CA LEU C 453 0.38 21.61 -7.20
C LEU C 453 1.59 21.44 -6.28
N VAL C 454 2.40 20.42 -6.58
CA VAL C 454 3.61 20.14 -5.82
C VAL C 454 4.76 19.97 -6.82
N ARG C 455 5.80 20.77 -6.67
CA ARG C 455 6.95 20.65 -7.56
C ARG C 455 7.72 19.38 -7.24
N VAL C 456 8.00 18.57 -8.27
CA VAL C 456 8.63 17.28 -8.06
C VAL C 456 10.04 17.46 -7.51
N LYS C 457 10.83 18.31 -8.16
CA LYS C 457 12.20 18.61 -7.73
C LYS C 457 12.30 20.10 -7.48
N LEU C 458 12.40 20.48 -6.21
CA LEU C 458 12.56 21.87 -5.85
C LEU C 458 14.02 22.27 -6.00
N PRO C 459 14.35 23.29 -6.79
CA PRO C 459 15.75 23.71 -6.89
C PRO C 459 16.33 24.04 -5.53
N GLY C 460 17.66 24.09 -5.47
CA GLY C 460 18.29 24.41 -4.21
C GLY C 460 18.31 23.21 -3.26
N SER C 461 18.43 23.53 -1.98
CA SER C 461 18.55 22.50 -0.95
C SER C 461 17.92 23.02 0.34
N GLY C 462 17.76 22.11 1.29
CA GLY C 462 17.13 22.46 2.55
C GLY C 462 15.70 22.90 2.38
N ASN C 463 14.99 22.29 1.43
CA ASN C 463 13.60 22.62 1.19
C ASN C 463 12.71 21.92 2.21
N PRO C 464 11.49 22.42 2.40
CA PRO C 464 10.57 21.78 3.35
C PRO C 464 10.10 20.44 2.81
N PRO C 465 9.57 19.58 3.66
CA PRO C 465 9.03 18.31 3.17
C PRO C 465 7.88 18.54 2.20
N LYS C 466 7.79 17.66 1.21
CA LYS C 466 6.77 17.80 0.18
C LYS C 466 5.40 17.56 0.77
N PRO C 467 4.41 18.41 0.51
CA PRO C 467 3.06 18.16 1.02
C PRO C 467 2.29 17.21 0.12
N ARG C 468 1.52 16.31 0.75
CA ARG C 468 0.65 15.39 0.04
C ARG C 468 -0.70 15.31 0.73
N SER C 469 -1.24 16.46 1.10
CA SER C 469 -2.43 16.53 1.93
C SER C 469 -3.58 17.18 1.17
N ALA C 470 -4.80 16.81 1.55
CA ALA C 470 -6.02 17.39 1.00
C ALA C 470 -6.92 17.81 2.14
N LEU C 471 -7.63 18.92 1.94
CA LEU C 471 -8.46 19.50 2.99
C LEU C 471 -9.76 18.71 3.16
N LYS C 472 -10.15 18.52 4.41
CA LYS C 472 -11.38 17.81 4.70
C LYS C 472 -12.60 18.68 4.39
N LYS C 473 -13.64 18.07 3.83
CA LYS C 473 -14.85 18.82 3.52
C LYS C 473 -15.61 19.21 4.77
N SER C 474 -15.57 18.37 5.81
CA SER C 474 -16.35 18.61 7.01
C SER C 474 -15.85 19.78 7.85
N MET C 475 -14.69 20.33 7.53
CA MET C 475 -14.10 21.41 8.32
C MET C 475 -14.45 22.79 7.79
N VAL C 476 -15.24 22.89 6.73
CA VAL C 476 -15.53 24.16 6.09
C VAL C 476 -17.03 24.36 6.02
N LEU C 477 -17.48 25.58 6.33
CA LEU C 477 -18.89 25.95 6.31
C LEU C 477 -19.13 26.93 5.18
N PHE C 478 -20.08 26.61 4.30
CA PHE C 478 -20.36 27.41 3.12
C PHE C 478 -21.70 28.11 3.24
N ASP C 479 -21.85 29.18 2.45
CA ASP C 479 -23.10 29.91 2.27
C ASP C 479 -23.61 30.57 3.55
N SER C 480 -22.81 30.58 4.61
CA SER C 480 -23.21 31.25 5.83
C SER C 480 -23.19 32.77 5.62
N GLY C 481 -24.12 33.45 6.28
CA GLY C 481 -24.19 34.90 6.16
C GLY C 481 -23.11 35.61 6.95
N GLU C 482 -22.30 34.85 7.67
CA GLU C 482 -21.21 35.39 8.46
C GLU C 482 -20.37 36.38 7.66
N ALA D 2 29.39 -12.06 -39.78
CA ALA D 2 29.39 -13.39 -39.18
C ALA D 2 28.02 -13.70 -38.59
N TYR D 3 27.52 -14.90 -38.86
CA TYR D 3 26.25 -15.32 -38.27
C TYR D 3 26.30 -15.34 -36.76
N ALA D 4 27.50 -15.46 -36.19
CA ALA D 4 27.63 -15.44 -34.74
C ALA D 4 26.97 -14.21 -34.12
N GLN D 5 27.14 -13.05 -34.74
CA GLN D 5 26.52 -11.82 -34.25
C GLN D 5 25.05 -11.81 -34.68
N TRP D 6 24.15 -12.00 -33.72
CA TRP D 6 22.72 -12.06 -34.02
C TRP D 6 21.94 -11.44 -32.87
N VAL D 7 20.73 -10.99 -33.20
CA VAL D 7 19.83 -10.42 -32.21
C VAL D 7 18.40 -10.72 -32.65
N ILE D 8 17.53 -10.92 -31.68
CA ILE D 8 16.10 -11.10 -31.89
C ILE D 8 15.36 -10.12 -31.00
N ILE D 9 14.55 -9.26 -31.60
CA ILE D 9 13.75 -8.28 -30.88
C ILE D 9 12.31 -8.72 -30.97
N ILE D 10 11.67 -8.93 -29.83
CA ILE D 10 10.27 -9.35 -29.78
C ILE D 10 9.48 -8.20 -29.19
N ILE D 11 8.77 -7.47 -30.03
CA ILE D 11 7.87 -6.42 -29.57
C ILE D 11 6.56 -7.09 -29.15
N HIS D 12 6.19 -6.90 -27.89
CA HIS D 12 5.02 -7.54 -27.30
C HIS D 12 4.10 -6.45 -26.77
N ASN D 13 2.95 -6.27 -27.41
CA ASN D 13 2.00 -5.23 -27.03
C ASN D 13 1.10 -5.78 -25.94
N VAL D 14 1.45 -5.49 -24.68
CA VAL D 14 0.64 -5.95 -23.55
C VAL D 14 -0.50 -5.00 -23.22
N GLY D 15 -0.60 -3.86 -23.90
CA GLY D 15 -1.67 -2.91 -23.68
C GLY D 15 -2.88 -3.23 -24.52
N SER D 16 -3.74 -2.22 -24.67
CA SER D 16 -4.97 -2.35 -25.43
C SER D 16 -5.01 -1.46 -26.66
N GLN D 17 -3.91 -0.77 -26.96
CA GLN D 17 -3.86 0.17 -28.07
C GLN D 17 -2.71 -0.20 -29.00
N ASP D 18 -2.89 0.10 -30.28
CA ASP D 18 -1.92 -0.30 -31.29
C ASP D 18 -0.61 0.49 -31.15
N VAL D 19 0.47 -0.13 -31.61
CA VAL D 19 1.78 0.51 -31.69
C VAL D 19 2.34 0.21 -33.07
N LYS D 20 3.25 1.09 -33.52
CA LYS D 20 3.76 1.06 -34.88
C LYS D 20 5.28 1.03 -34.87
N ILE D 21 5.85 0.43 -35.92
CA ILE D 21 7.30 0.37 -36.11
C ILE D 21 7.64 1.24 -37.31
N LYS D 22 8.64 2.11 -37.14
CA LYS D 22 9.02 3.05 -38.19
C LYS D 22 10.54 3.11 -38.27
N ASN D 23 11.02 3.52 -39.44
CA ASN D 23 12.43 3.82 -39.65
C ASN D 23 13.32 2.67 -39.21
N LEU D 24 12.92 1.44 -39.55
CA LEU D 24 13.75 0.27 -39.28
C LEU D 24 14.89 0.23 -40.29
N LYS D 25 16.12 0.23 -39.80
CA LYS D 25 17.29 0.26 -40.68
C LYS D 25 18.42 -0.53 -40.04
N ALA D 26 18.92 -1.53 -40.74
CA ALA D 26 20.05 -2.34 -40.30
C ALA D 26 21.30 -1.83 -41.01
N SER D 27 22.11 -1.02 -40.36
CA SER D 27 23.32 -0.47 -40.94
C SER D 27 24.29 -1.54 -41.26
N TRP D 28 24.41 -2.55 -40.44
CA TRP D 28 25.27 -3.69 -40.68
C TRP D 28 24.47 -4.98 -40.57
N GLY D 29 24.90 -5.99 -41.28
CA GLY D 29 24.21 -7.26 -41.25
C GLY D 29 22.93 -7.24 -42.07
N LYS D 30 22.07 -8.21 -41.78
CA LYS D 30 20.83 -8.41 -42.53
C LYS D 30 19.73 -8.81 -41.59
N LEU D 31 18.50 -8.60 -42.05
CA LEU D 31 17.32 -9.13 -41.37
C LEU D 31 16.92 -10.43 -42.04
N HIS D 32 16.72 -11.48 -41.24
CA HIS D 32 16.46 -12.81 -41.75
C HIS D 32 15.19 -13.36 -41.14
N ALA D 33 14.70 -14.45 -41.73
CA ALA D 33 13.47 -15.07 -41.26
C ALA D 33 13.68 -15.72 -39.89
N ASP D 34 12.58 -16.16 -39.29
CA ASP D 34 12.62 -16.75 -37.97
C ASP D 34 13.36 -18.08 -38.01
N GLY D 35 14.56 -18.11 -37.42
CA GLY D 35 15.31 -19.34 -37.30
C GLY D 35 16.02 -19.80 -38.54
N ASP D 36 15.98 -19.03 -39.62
CA ASP D 36 16.64 -19.39 -40.88
C ASP D 36 17.46 -18.19 -41.33
N LYS D 37 18.73 -18.16 -40.92
CA LYS D 37 19.60 -17.03 -41.25
C LYS D 37 19.85 -16.92 -42.75
N ASP D 38 19.61 -17.98 -43.52
CA ASP D 38 19.82 -17.93 -44.95
C ASP D 38 18.68 -17.22 -45.69
N ALA D 39 17.53 -17.08 -45.05
CA ALA D 39 16.37 -16.45 -45.70
C ALA D 39 16.37 -14.96 -45.37
N GLU D 40 16.98 -14.18 -46.25
CA GLU D 40 17.04 -12.74 -46.05
C GLU D 40 15.64 -12.13 -46.18
N VAL D 41 15.43 -11.03 -45.46
CA VAL D 41 14.15 -10.32 -45.48
C VAL D 41 14.43 -8.83 -45.53
N SER D 42 13.69 -8.12 -46.37
CA SER D 42 13.88 -6.68 -46.52
C SER D 42 13.17 -5.93 -45.40
N ALA D 43 13.68 -4.75 -45.08
CA ALA D 43 13.11 -3.95 -44.00
C ALA D 43 11.69 -3.50 -44.33
N SER D 44 11.31 -3.51 -45.61
CA SER D 44 9.96 -3.07 -45.97
C SER D 44 8.89 -3.93 -45.31
N ASN D 45 9.19 -5.20 -45.07
CA ASN D 45 8.22 -6.10 -44.46
C ASN D 45 7.93 -5.77 -43.01
N TYR D 46 8.73 -4.91 -42.39
CA TYR D 46 8.50 -4.48 -41.02
C TYR D 46 8.26 -2.98 -40.89
N GLU D 47 8.49 -2.21 -41.95
CA GLU D 47 8.29 -0.76 -41.89
C GLU D 47 6.80 -0.45 -41.91
N GLY D 48 6.34 0.27 -40.89
CA GLY D 48 4.96 0.69 -40.82
C GLY D 48 3.99 -0.34 -40.29
N LYS D 49 4.46 -1.53 -39.94
CA LYS D 49 3.56 -2.54 -39.39
C LYS D 49 3.04 -2.10 -38.03
N ILE D 50 1.86 -2.60 -37.68
CA ILE D 50 1.20 -2.27 -36.42
C ILE D 50 1.09 -3.55 -35.60
N VAL D 51 1.45 -3.44 -34.32
CA VAL D 51 1.34 -4.56 -33.39
C VAL D 51 0.07 -4.34 -32.58
N LYS D 52 -1.00 -5.02 -32.97
CA LYS D 52 -2.27 -4.90 -32.27
C LYS D 52 -2.10 -5.43 -30.85
N PRO D 53 -2.94 -4.98 -29.92
CA PRO D 53 -2.75 -5.37 -28.53
C PRO D 53 -2.73 -6.89 -28.37
N ASP D 54 -1.82 -7.36 -27.54
CA ASP D 54 -1.62 -8.78 -27.26
C ASP D 54 -0.96 -9.53 -28.40
N GLU D 55 -0.31 -8.82 -29.32
CA GLU D 55 0.41 -9.45 -30.42
C GLU D 55 1.91 -9.40 -30.16
N LYS D 56 2.62 -10.32 -30.82
CA LYS D 56 4.08 -10.40 -30.77
C LYS D 56 4.62 -10.26 -32.18
N LEU D 57 5.61 -9.40 -32.35
CA LEU D 57 6.29 -9.22 -33.62
C LEU D 57 7.79 -9.44 -33.42
N GLN D 58 8.37 -10.31 -34.24
CA GLN D 58 9.75 -10.73 -34.08
C GLN D 58 10.59 -10.19 -35.22
N ILE D 59 11.69 -9.51 -34.89
CA ILE D 59 12.66 -8.99 -35.84
C ILE D 59 13.97 -9.70 -35.58
N ASN D 60 14.46 -10.44 -36.56
CA ASN D 60 15.71 -11.19 -36.46
C ASN D 60 16.76 -10.51 -37.32
N ALA D 61 17.87 -10.11 -36.70
CA ALA D 61 18.96 -9.47 -37.41
C ALA D 61 20.24 -10.25 -37.15
N SER D 62 21.09 -10.31 -38.17
CA SER D 62 22.34 -11.05 -38.05
C SER D 62 23.33 -10.54 -39.07
N GLY D 63 24.60 -10.83 -38.84
CA GLY D 63 25.65 -10.42 -39.75
C GLY D 63 25.72 -11.30 -40.98
N ARG D 64 26.59 -10.93 -41.90
CA ARG D 64 26.79 -11.71 -43.11
C ARG D 64 27.50 -13.02 -42.76
N SER D 65 27.31 -14.02 -43.62
CA SER D 65 27.69 -15.39 -43.30
C SER D 65 29.13 -15.52 -42.79
N ASP D 66 30.10 -15.17 -43.63
CA ASP D 66 31.51 -15.23 -43.25
C ASP D 66 32.12 -13.86 -43.52
N ALA D 67 32.01 -12.98 -42.52
CA ALA D 67 32.55 -11.64 -42.63
C ALA D 67 32.79 -11.11 -41.24
N ALA D 68 33.86 -10.33 -41.08
CA ALA D 68 34.15 -9.65 -39.82
C ALA D 68 33.24 -8.42 -39.72
N GLU D 69 31.94 -8.71 -39.62
CA GLU D 69 30.92 -7.65 -39.63
C GLU D 69 29.77 -8.11 -38.73
N GLY D 70 29.59 -7.43 -37.61
CA GLY D 70 28.46 -7.72 -36.75
C GLY D 70 27.17 -7.22 -37.34
N THR D 71 26.17 -6.96 -36.51
CA THR D 71 24.91 -6.39 -36.96
C THR D 71 24.55 -5.21 -36.08
N THR D 72 24.26 -4.07 -36.70
CA THR D 72 23.84 -2.87 -36.01
C THR D 72 22.61 -2.31 -36.70
N GLY D 73 21.70 -1.75 -35.92
CA GLY D 73 20.47 -1.24 -36.49
C GLY D 73 19.69 -0.41 -35.50
N THR D 74 18.61 0.19 -36.02
CA THR D 74 17.75 1.05 -35.22
C THR D 74 16.33 0.95 -35.74
N PHE D 75 15.38 1.32 -34.88
CA PHE D 75 14.01 1.55 -35.29
C PHE D 75 13.35 2.44 -34.26
N ASP D 76 12.11 2.83 -34.55
CA ASP D 76 11.33 3.68 -33.67
C ASP D 76 9.97 3.05 -33.41
N LEU D 77 9.62 2.90 -32.15
CA LEU D 77 8.25 2.61 -31.78
C LEU D 77 7.47 3.91 -31.75
N VAL D 78 6.36 3.95 -32.47
CA VAL D 78 5.62 5.16 -32.74
C VAL D 78 4.15 4.92 -32.41
N ASP D 79 3.48 5.96 -31.97
CA ASP D 79 2.08 5.87 -31.57
C ASP D 79 1.18 6.32 -32.71
N PRO D 80 0.43 5.41 -33.34
CA PRO D 80 -0.46 5.83 -34.43
C PRO D 80 -1.72 6.54 -33.97
N ALA D 81 -2.01 6.56 -32.67
CA ALA D 81 -3.24 7.17 -32.19
C ALA D 81 -3.19 8.68 -32.22
N ASP D 82 -2.00 9.28 -32.19
CA ASP D 82 -1.83 10.73 -32.14
C ASP D 82 -0.91 11.20 -33.28
N GLY D 83 -1.22 10.75 -34.49
CA GLY D 83 -0.47 11.17 -35.66
C GLY D 83 0.95 10.65 -35.71
N ASP D 84 1.16 9.39 -35.38
CA ASP D 84 2.47 8.75 -35.47
C ASP D 84 3.52 9.50 -34.66
N LYS D 85 3.15 9.88 -33.44
CA LYS D 85 4.12 10.47 -32.52
C LYS D 85 5.07 9.39 -32.01
N GLN D 86 6.34 9.73 -31.93
CA GLN D 86 7.36 8.75 -31.53
C GLN D 86 7.18 8.34 -30.08
N VAL D 87 7.32 7.04 -29.83
CA VAL D 87 7.25 6.49 -28.48
C VAL D 87 8.63 6.21 -27.92
N ARG D 88 9.46 5.50 -28.68
CA ARG D 88 10.82 5.20 -28.26
C ARG D 88 11.69 5.00 -29.49
N HIS D 89 13.00 5.11 -29.27
CA HIS D 89 13.99 4.89 -30.32
C HIS D 89 14.94 3.78 -29.84
N PHE D 90 14.90 2.64 -30.50
CA PHE D 90 15.70 1.48 -30.13
C PHE D 90 16.90 1.38 -31.05
N TYR D 91 18.08 1.16 -30.46
CA TYR D 91 19.31 0.97 -31.21
C TYR D 91 20.03 -0.24 -30.66
N TRP D 92 20.43 -1.16 -31.55
CA TRP D 92 21.16 -2.36 -31.16
C TRP D 92 22.43 -2.46 -31.98
N ASP D 93 23.45 -3.04 -31.35
CA ASP D 93 24.73 -3.25 -32.02
C ASP D 93 25.41 -4.45 -31.39
N SER D 94 25.51 -5.54 -32.14
CA SER D 94 26.30 -6.70 -31.75
C SER D 94 27.48 -6.78 -32.70
N PRO D 95 28.65 -6.28 -32.32
CA PRO D 95 29.77 -6.21 -33.27
C PRO D 95 30.64 -7.45 -33.26
N TRP D 96 31.25 -7.70 -34.42
CA TRP D 96 32.19 -8.80 -34.53
C TRP D 96 33.53 -8.47 -33.91
N GLY D 97 33.97 -7.22 -34.01
CA GLY D 97 35.28 -6.80 -33.56
C GLY D 97 35.37 -6.33 -32.12
N SER D 98 34.28 -6.34 -31.37
CA SER D 98 34.29 -5.91 -29.98
C SER D 98 33.51 -6.91 -29.15
N LYS D 99 33.84 -6.97 -27.87
CA LYS D 99 33.21 -7.90 -26.94
C LYS D 99 32.03 -7.29 -26.19
N THR D 100 31.70 -6.03 -26.43
CA THR D 100 30.60 -5.35 -25.76
C THR D 100 29.49 -5.07 -26.75
N ASN D 101 28.28 -5.50 -26.42
CA ASN D 101 27.09 -5.26 -27.23
C ASN D 101 26.29 -4.12 -26.64
N THR D 102 25.67 -3.33 -27.52
CA THR D 102 24.93 -2.14 -27.12
C THR D 102 23.46 -2.32 -27.42
N TRP D 103 22.62 -1.99 -26.44
CA TRP D 103 21.17 -1.98 -26.62
C TRP D 103 20.65 -0.76 -25.87
N THR D 104 20.27 0.28 -26.61
CA THR D 104 19.85 1.55 -26.02
C THR D 104 18.44 1.88 -26.43
N VAL D 105 17.61 2.21 -25.45
CA VAL D 105 16.26 2.71 -25.66
C VAL D 105 16.25 4.18 -25.25
N SER D 106 16.03 5.06 -26.21
CA SER D 106 16.05 6.49 -25.99
C SER D 106 14.69 7.10 -26.31
N GLY D 107 14.56 8.38 -26.04
CA GLY D 107 13.30 9.07 -26.15
C GLY D 107 12.53 9.05 -24.83
N SER D 108 11.42 9.79 -24.81
CA SER D 108 10.62 9.87 -23.60
C SER D 108 9.24 10.44 -23.86
N ASN D 109 8.21 9.75 -23.37
CA ASN D 109 6.86 10.28 -23.33
C ASN D 109 6.08 9.46 -22.31
N THR D 110 5.52 10.13 -21.31
CA THR D 110 4.91 9.44 -20.18
C THR D 110 3.68 8.63 -20.56
N LYS D 111 3.12 8.84 -21.75
CA LYS D 111 1.91 8.13 -22.14
C LYS D 111 2.15 6.65 -22.39
N TRP D 112 3.40 6.20 -22.43
CA TRP D 112 3.72 4.80 -22.70
C TRP D 112 4.68 4.27 -21.65
N MET D 113 4.55 2.99 -21.34
CA MET D 113 5.46 2.27 -20.46
C MET D 113 6.11 1.17 -21.25
N ILE D 114 7.44 1.11 -21.21
CA ILE D 114 8.23 0.15 -21.97
C ILE D 114 9.10 -0.62 -21.00
N GLU D 115 9.10 -1.94 -21.12
CA GLU D 115 9.88 -2.82 -20.26
C GLU D 115 10.58 -3.85 -21.13
N TYR D 116 11.90 -3.75 -21.26
CA TYR D 116 12.66 -4.66 -22.09
C TYR D 116 13.54 -5.54 -21.21
N SER D 117 13.76 -6.76 -21.67
CA SER D 117 14.56 -7.70 -20.89
C SER D 117 15.11 -8.78 -21.80
N GLY D 118 16.17 -9.44 -21.32
CA GLY D 118 16.76 -10.57 -22.03
C GLY D 118 18.04 -10.25 -22.77
N GLN D 119 18.47 -8.99 -22.79
CA GLN D 119 19.67 -8.63 -23.53
C GLN D 119 20.91 -9.24 -22.89
N ASN D 120 22.00 -9.26 -23.65
CA ASN D 120 23.30 -9.73 -23.18
C ASN D 120 24.36 -8.77 -23.69
N LEU D 121 25.01 -8.06 -22.78
CA LEU D 121 26.03 -7.09 -23.14
C LEU D 121 27.44 -7.54 -22.80
N ASP D 122 27.61 -8.77 -22.29
CA ASP D 122 28.91 -9.20 -21.81
C ASP D 122 29.81 -9.64 -22.96
N SER D 123 29.34 -10.59 -23.78
CA SER D 123 30.12 -11.06 -24.91
C SER D 123 29.20 -11.94 -25.76
N GLY D 124 29.71 -12.31 -26.94
CA GLY D 124 28.91 -13.12 -27.83
C GLY D 124 27.78 -12.32 -28.46
N ALA D 125 26.75 -13.04 -28.89
CA ALA D 125 25.61 -12.40 -29.53
C ALA D 125 24.84 -11.56 -28.52
N LEU D 126 24.13 -10.55 -29.04
CA LEU D 126 23.34 -9.68 -28.18
C LEU D 126 22.16 -10.41 -27.55
N GLY D 127 21.75 -11.55 -28.10
CA GLY D 127 20.71 -12.35 -27.50
C GLY D 127 19.32 -11.97 -27.95
N THR D 128 18.35 -12.62 -27.32
CA THR D 128 16.94 -12.36 -27.59
C THR D 128 16.42 -11.34 -26.58
N ILE D 129 15.74 -10.32 -27.09
CA ILE D 129 15.25 -9.22 -26.28
C ILE D 129 13.74 -9.14 -26.45
N THR D 130 13.03 -9.14 -25.33
CA THR D 130 11.58 -9.01 -25.32
C THR D 130 11.22 -7.65 -24.75
N VAL D 131 10.38 -6.91 -25.48
CA VAL D 131 10.02 -5.54 -25.13
C VAL D 131 8.51 -5.50 -25.00
N ASP D 132 8.03 -5.33 -23.77
CA ASP D 132 6.62 -5.14 -23.49
C ASP D 132 6.29 -3.66 -23.53
N THR D 133 5.26 -3.31 -24.30
CA THR D 133 4.82 -1.93 -24.46
C THR D 133 3.38 -1.81 -23.99
N LEU D 134 3.09 -0.75 -23.24
CA LEU D 134 1.77 -0.56 -22.65
C LEU D 134 1.39 0.91 -22.74
N LYS D 135 0.29 1.20 -23.44
CA LYS D 135 -0.25 2.55 -23.51
C LYS D 135 -0.99 2.84 -22.21
N LYS D 136 -0.42 3.69 -21.38
CA LYS D 136 -1.01 3.99 -20.07
C LYS D 136 -0.69 5.42 -19.64
N ALA E 2 34.62 -20.53 -23.69
CA ALA E 2 34.61 -19.14 -24.13
C ALA E 2 33.34 -18.45 -23.64
N TYR E 3 33.45 -17.13 -23.41
CA TYR E 3 32.29 -16.36 -22.99
C TYR E 3 31.29 -16.17 -24.12
N ALA E 4 31.72 -16.37 -25.38
CA ALA E 4 30.82 -16.18 -26.51
C ALA E 4 29.66 -17.17 -26.49
N GLN E 5 29.83 -18.31 -25.87
CA GLN E 5 28.75 -19.28 -25.72
C GLN E 5 28.03 -19.02 -24.41
N TRP E 6 26.73 -18.80 -24.48
CA TRP E 6 25.97 -18.44 -23.29
C TRP E 6 24.51 -18.80 -23.52
N VAL E 7 23.74 -18.75 -22.43
CA VAL E 7 22.31 -19.02 -22.48
C VAL E 7 21.69 -18.47 -21.21
N ILE E 8 20.47 -17.98 -21.32
CA ILE E 8 19.70 -17.47 -20.19
C ILE E 8 18.34 -18.14 -20.22
N ILE E 9 18.06 -18.99 -19.23
CA ILE E 9 16.80 -19.72 -19.15
C ILE E 9 15.95 -19.04 -18.10
N ILE E 10 14.81 -18.51 -18.51
CA ILE E 10 13.90 -17.79 -17.62
C ILE E 10 12.68 -18.67 -17.40
N ILE E 11 12.54 -19.21 -16.18
CA ILE E 11 11.39 -20.01 -15.81
C ILE E 11 10.32 -19.07 -15.30
N HIS E 12 9.13 -19.14 -15.87
CA HIS E 12 8.03 -18.24 -15.57
C HIS E 12 6.82 -19.10 -15.23
N ASN E 13 6.45 -19.13 -13.95
CA ASN E 13 5.31 -19.90 -13.49
C ASN E 13 4.07 -19.01 -13.60
N VAL E 14 3.29 -19.20 -14.67
CA VAL E 14 2.09 -18.40 -14.88
C VAL E 14 0.85 -19.03 -14.27
N GLY E 15 0.98 -20.20 -13.65
CA GLY E 15 -0.16 -20.90 -13.08
C GLY E 15 -0.40 -20.55 -11.63
N SER E 16 -1.01 -21.48 -10.92
CA SER E 16 -1.36 -21.31 -9.51
C SER E 16 -0.49 -22.14 -8.58
N GLN E 17 -0.36 -23.44 -8.84
CA GLN E 17 0.46 -24.28 -8.00
C GLN E 17 1.95 -24.01 -8.26
N ASP E 18 2.77 -24.37 -7.28
CA ASP E 18 4.19 -24.15 -7.37
C ASP E 18 4.83 -25.16 -8.31
N VAL E 19 6.05 -24.84 -8.74
CA VAL E 19 6.88 -25.74 -9.55
C VAL E 19 8.29 -25.70 -8.98
N LYS E 20 8.91 -26.87 -8.87
CA LYS E 20 10.21 -27.00 -8.23
C LYS E 20 11.26 -27.38 -9.27
N ILE E 21 12.49 -26.91 -9.06
CA ILE E 21 13.61 -27.26 -9.90
C ILE E 21 14.43 -28.34 -9.20
N LYS E 22 14.99 -29.25 -9.98
CA LYS E 22 15.76 -30.35 -9.43
C LYS E 22 16.83 -30.77 -10.42
N ASN E 23 17.86 -31.43 -9.89
CA ASN E 23 18.90 -32.05 -10.70
C ASN E 23 19.58 -31.06 -11.64
N LEU E 24 19.58 -29.77 -11.28
CA LEU E 24 20.29 -28.79 -12.07
C LEU E 24 21.77 -29.14 -12.09
N LYS E 25 22.37 -29.10 -13.28
CA LYS E 25 23.75 -29.56 -13.43
C LYS E 25 24.30 -29.00 -14.74
N ALA E 26 25.43 -28.30 -14.64
CA ALA E 26 26.12 -27.75 -15.81
C ALA E 26 27.31 -28.64 -16.12
N SER E 27 27.10 -29.62 -17.00
CA SER E 27 28.17 -30.55 -17.34
C SER E 27 29.37 -29.82 -17.93
N TRP E 28 29.15 -28.69 -18.59
CA TRP E 28 30.22 -27.88 -19.15
C TRP E 28 29.95 -26.42 -18.81
N GLY E 29 30.99 -25.60 -18.95
CA GLY E 29 30.81 -24.20 -18.68
C GLY E 29 30.51 -23.96 -17.20
N LYS E 30 29.96 -22.79 -16.92
CA LYS E 30 29.68 -22.39 -15.55
C LYS E 30 28.41 -21.57 -15.51
N LEU E 31 27.72 -21.64 -14.38
CA LEU E 31 26.65 -20.70 -14.09
C LEU E 31 27.24 -19.39 -13.58
N HIS E 32 26.39 -18.37 -13.47
CA HIS E 32 26.84 -17.09 -12.98
C HIS E 32 25.63 -16.23 -12.68
N ALA E 33 25.90 -15.06 -12.09
CA ALA E 33 24.84 -14.14 -11.69
C ALA E 33 24.33 -13.36 -12.90
N ASP E 34 23.25 -12.61 -12.67
CA ASP E 34 22.62 -11.87 -13.75
C ASP E 34 23.52 -10.73 -14.21
N GLY E 35 23.71 -10.63 -15.52
CA GLY E 35 24.46 -9.53 -16.09
C GLY E 35 25.93 -9.53 -15.77
N ASP E 36 26.46 -10.60 -15.19
CA ASP E 36 27.87 -10.68 -14.82
C ASP E 36 28.34 -12.10 -15.05
N LYS E 37 29.13 -12.31 -16.10
CA LYS E 37 29.65 -13.63 -16.40
C LYS E 37 30.83 -14.01 -15.51
N ASP E 38 31.46 -13.03 -14.86
CA ASP E 38 32.58 -13.34 -13.98
C ASP E 38 32.11 -13.89 -12.64
N ALA E 39 31.00 -13.39 -12.12
CA ALA E 39 30.52 -13.77 -10.80
C ALA E 39 29.91 -15.17 -10.88
N GLU E 40 30.75 -16.18 -10.74
CA GLU E 40 30.27 -17.56 -10.79
C GLU E 40 29.34 -17.84 -9.62
N VAL E 41 28.35 -18.70 -9.86
CA VAL E 41 27.35 -19.06 -8.87
C VAL E 41 27.27 -20.57 -8.81
N SER E 42 26.82 -21.07 -7.65
CA SER E 42 26.73 -22.50 -7.41
C SER E 42 25.32 -23.00 -7.72
N ALA E 43 25.26 -24.23 -8.25
CA ALA E 43 23.97 -24.82 -8.57
C ALA E 43 23.08 -24.91 -7.35
N SER E 44 23.67 -25.01 -6.15
CA SER E 44 22.88 -25.07 -4.93
C SER E 44 22.02 -23.83 -4.76
N ASN E 45 22.38 -22.71 -5.39
CA ASN E 45 21.56 -21.51 -5.33
C ASN E 45 20.21 -21.68 -6.00
N TYR E 46 20.05 -22.73 -6.82
CA TYR E 46 18.78 -23.02 -7.48
C TYR E 46 18.24 -24.39 -7.15
N GLU E 47 19.08 -25.35 -6.77
CA GLU E 47 18.62 -26.70 -6.51
C GLU E 47 17.52 -26.69 -5.46
N GLY E 48 16.42 -27.39 -5.75
CA GLY E 48 15.31 -27.44 -4.83
C GLY E 48 14.55 -26.15 -4.67
N LYS E 49 14.86 -25.13 -5.47
CA LYS E 49 14.16 -23.86 -5.36
C LYS E 49 12.74 -23.99 -5.88
N ILE E 50 11.84 -23.21 -5.29
CA ILE E 50 10.43 -23.21 -5.66
C ILE E 50 10.12 -21.91 -6.37
N VAL E 51 9.57 -22.01 -7.58
CA VAL E 51 9.14 -20.86 -8.35
C VAL E 51 7.65 -20.67 -8.06
N LYS E 52 7.33 -19.68 -7.23
CA LYS E 52 5.95 -19.44 -6.87
C LYS E 52 5.18 -18.91 -8.08
N PRO E 53 3.85 -19.05 -8.07
CA PRO E 53 3.07 -18.55 -9.20
C PRO E 53 3.31 -17.07 -9.44
N ASP E 54 3.40 -16.71 -10.71
CA ASP E 54 3.64 -15.34 -11.19
C ASP E 54 5.08 -14.89 -10.99
N GLU E 55 5.94 -15.72 -10.39
CA GLU E 55 7.32 -15.34 -10.18
C GLU E 55 8.18 -15.83 -11.35
N LYS E 56 9.33 -15.17 -11.52
CA LYS E 56 10.29 -15.51 -12.56
C LYS E 56 11.61 -15.88 -11.92
N LEU E 57 12.29 -16.84 -12.52
CA LEU E 57 13.58 -17.30 -12.00
C LEU E 57 14.56 -17.43 -13.16
N GLN E 58 15.67 -16.72 -13.08
CA GLN E 58 16.66 -16.68 -14.14
C GLN E 58 17.81 -17.63 -13.84
N ILE E 59 18.24 -18.39 -14.85
CA ILE E 59 19.41 -19.25 -14.75
C ILE E 59 20.33 -18.87 -15.90
N ASN E 60 21.52 -18.39 -15.56
CA ASN E 60 22.48 -17.92 -16.55
C ASN E 60 23.63 -18.90 -16.64
N ALA E 61 23.96 -19.32 -17.86
CA ALA E 61 25.09 -20.21 -18.09
C ALA E 61 25.95 -19.64 -19.21
N SER E 62 27.24 -19.91 -19.14
CA SER E 62 28.15 -19.41 -20.16
C SER E 62 29.46 -20.19 -20.09
N GLY E 63 30.16 -20.25 -21.21
CA GLY E 63 31.42 -20.94 -21.26
C GLY E 63 32.49 -20.22 -20.46
N ARG E 64 33.56 -20.94 -20.13
CA ARG E 64 34.63 -20.36 -19.34
C ARG E 64 35.54 -19.48 -20.16
N SER E 65 36.16 -18.52 -19.48
CA SER E 65 36.62 -17.28 -20.09
C SER E 65 37.18 -17.43 -21.50
N ASP E 66 38.32 -18.08 -21.65
CA ASP E 66 38.94 -18.20 -22.96
C ASP E 66 39.04 -19.66 -23.24
N ALA E 67 38.20 -20.41 -22.56
CA ALA E 67 38.18 -21.82 -22.79
C ALA E 67 37.67 -21.96 -24.19
N ALA E 68 37.83 -23.13 -24.77
CA ALA E 68 37.32 -23.38 -26.08
C ALA E 68 36.15 -24.27 -25.83
N GLU E 69 35.46 -24.05 -24.72
CA GLU E 69 34.34 -24.90 -24.34
C GLU E 69 33.03 -24.20 -24.44
N GLY E 70 32.00 -24.88 -24.94
CA GLY E 70 30.68 -24.30 -24.95
C GLY E 70 30.09 -24.28 -23.57
N THR E 71 28.78 -24.46 -23.47
CA THR E 71 28.10 -24.59 -22.18
C THR E 71 26.97 -25.59 -22.34
N THR E 72 27.00 -26.65 -21.54
CA THR E 72 26.00 -27.71 -21.61
C THR E 72 25.47 -27.99 -20.22
N GLY E 73 24.21 -28.40 -20.16
CA GLY E 73 23.63 -28.67 -18.85
C GLY E 73 22.25 -29.29 -18.97
N THR E 74 21.77 -29.76 -17.82
CA THR E 74 20.46 -30.37 -17.69
C THR E 74 19.78 -29.82 -16.45
N PHE E 75 18.46 -29.97 -16.40
CA PHE E 75 17.73 -29.81 -15.16
C PHE E 75 16.33 -30.37 -15.36
N ASP E 76 15.55 -30.40 -14.29
CA ASP E 76 14.20 -30.94 -14.35
C ASP E 76 13.26 -30.03 -13.58
N LEU E 77 12.07 -29.84 -14.13
CA LEU E 77 10.97 -29.23 -13.40
C LEU E 77 10.08 -30.35 -12.90
N VAL E 78 9.79 -30.32 -11.59
CA VAL E 78 9.00 -31.35 -10.92
C VAL E 78 7.89 -30.67 -10.13
N ASP E 79 6.86 -31.45 -9.84
CA ASP E 79 5.66 -30.94 -9.18
C ASP E 79 5.74 -31.23 -7.69
N PRO E 80 6.00 -30.24 -6.83
CA PRO E 80 6.05 -30.54 -5.39
C PRO E 80 4.75 -31.06 -4.83
N ALA E 81 3.61 -30.58 -5.34
CA ALA E 81 2.31 -30.96 -4.80
C ALA E 81 1.92 -32.39 -5.13
N ASP E 82 2.68 -33.07 -6.01
CA ASP E 82 2.36 -34.42 -6.44
C ASP E 82 3.57 -35.34 -6.23
N GLY E 83 4.18 -35.23 -5.06
CA GLY E 83 5.31 -36.10 -4.75
C GLY E 83 6.51 -35.87 -5.64
N ASP E 84 6.76 -34.62 -6.03
CA ASP E 84 7.91 -34.27 -6.85
C ASP E 84 7.94 -35.07 -8.16
N LYS E 85 6.76 -35.36 -8.71
CA LYS E 85 6.69 -36.02 -9.99
C LYS E 85 7.33 -35.13 -11.06
N GLN E 86 7.99 -35.76 -12.03
CA GLN E 86 8.68 -34.99 -13.05
C GLN E 86 7.69 -34.31 -13.97
N VAL E 87 7.81 -33.00 -14.11
CA VAL E 87 7.05 -32.25 -15.09
C VAL E 87 7.73 -32.26 -16.44
N ARG E 88 9.00 -31.88 -16.47
CA ARG E 88 9.76 -31.88 -17.72
C ARG E 88 11.24 -32.01 -17.40
N HIS E 89 12.00 -32.43 -18.41
CA HIS E 89 13.46 -32.53 -18.33
C HIS E 89 14.05 -31.71 -19.47
N PHE E 90 14.88 -30.74 -19.13
CA PHE E 90 15.45 -29.80 -20.08
C PHE E 90 16.94 -30.04 -20.25
N TYR E 91 17.39 -30.04 -21.49
CA TYR E 91 18.80 -30.17 -21.84
C TYR E 91 19.18 -29.02 -22.76
N TRP E 92 20.21 -28.28 -22.38
CA TRP E 92 20.70 -27.16 -23.17
C TRP E 92 22.17 -27.39 -23.52
N ASP E 93 22.55 -26.96 -24.73
CA ASP E 93 23.91 -27.16 -25.21
C ASP E 93 24.24 -26.07 -26.22
N SER E 94 25.26 -25.27 -25.92
CA SER E 94 25.77 -24.23 -26.81
C SER E 94 27.24 -24.53 -27.02
N PRO E 95 27.59 -25.39 -27.97
CA PRO E 95 28.99 -25.81 -28.13
C PRO E 95 29.86 -24.70 -28.69
N TRP E 96 31.16 -24.82 -28.41
CA TRP E 96 32.16 -23.93 -28.98
C TRP E 96 32.70 -24.46 -30.29
N GLY E 97 32.97 -25.76 -30.37
CA GLY E 97 33.51 -26.36 -31.57
C GLY E 97 32.50 -26.75 -32.61
N SER E 98 31.21 -26.51 -32.38
CA SER E 98 30.16 -26.84 -33.33
C SER E 98 29.26 -25.64 -33.50
N LYS E 99 28.70 -25.52 -34.70
CA LYS E 99 27.83 -24.38 -35.00
C LYS E 99 26.41 -24.61 -34.51
N THR E 100 25.94 -25.85 -34.55
CA THR E 100 24.56 -26.15 -34.20
C THR E 100 24.42 -26.25 -32.69
N ASN E 101 23.59 -25.38 -32.12
CA ASN E 101 23.26 -25.45 -30.69
C ASN E 101 22.19 -26.52 -30.51
N THR E 102 21.60 -26.59 -29.31
CA THR E 102 20.54 -27.54 -29.07
C THR E 102 19.85 -27.22 -27.76
N TRP E 103 18.53 -27.33 -27.76
CA TRP E 103 17.73 -27.13 -26.55
C TRP E 103 16.53 -28.05 -26.67
N THR E 104 16.54 -29.14 -25.91
CA THR E 104 15.51 -30.17 -26.02
C THR E 104 14.79 -30.34 -24.69
N VAL E 105 13.47 -30.39 -24.75
CA VAL E 105 12.61 -30.59 -23.59
C VAL E 105 11.87 -31.90 -23.79
N SER E 106 11.89 -32.75 -22.77
CA SER E 106 11.24 -34.06 -22.83
C SER E 106 10.40 -34.26 -21.58
N GLY E 107 9.56 -35.29 -21.62
CA GLY E 107 8.67 -35.61 -20.51
C GLY E 107 7.26 -35.83 -21.01
N SER E 108 6.49 -36.59 -20.25
CA SER E 108 5.13 -36.96 -20.61
C SER E 108 4.19 -36.73 -19.43
N ASN E 109 4.28 -35.57 -18.82
CA ASN E 109 3.34 -35.16 -17.78
C ASN E 109 2.18 -34.43 -18.43
N THR E 110 0.97 -34.99 -18.31
CA THR E 110 -0.18 -34.50 -19.05
C THR E 110 -1.00 -33.48 -18.28
N LYS E 111 -0.62 -33.14 -17.05
CA LYS E 111 -1.32 -32.13 -16.28
C LYS E 111 -0.53 -30.83 -16.18
N TRP E 112 0.45 -30.64 -17.08
CA TRP E 112 1.21 -29.41 -17.15
C TRP E 112 1.32 -28.98 -18.61
N MET E 113 1.32 -27.68 -18.84
CA MET E 113 1.60 -27.09 -20.14
C MET E 113 2.88 -26.28 -20.03
N ILE E 114 3.85 -26.61 -20.88
CA ILE E 114 5.16 -25.97 -20.88
C ILE E 114 5.40 -25.45 -22.29
N GLU E 115 5.74 -24.16 -22.38
CA GLU E 115 5.98 -23.53 -23.68
C GLU E 115 7.25 -22.72 -23.62
N TYR E 116 8.21 -23.06 -24.47
CA TYR E 116 9.51 -22.42 -24.49
C TYR E 116 9.71 -21.70 -25.82
N SER E 117 10.41 -20.58 -25.77
CA SER E 117 10.64 -19.80 -26.98
C SER E 117 11.92 -18.98 -26.84
N GLY E 118 12.42 -18.52 -27.98
CA GLY E 118 13.54 -17.60 -28.02
C GLY E 118 14.87 -18.23 -28.33
N GLN E 119 14.98 -19.55 -28.34
CA GLN E 119 16.26 -20.20 -28.55
C GLN E 119 16.73 -19.99 -29.99
N ASN E 120 18.04 -19.87 -30.15
CA ASN E 120 18.69 -19.79 -31.45
C ASN E 120 19.53 -21.05 -31.66
N LEU E 121 19.34 -21.71 -32.79
CA LEU E 121 19.97 -22.99 -33.05
C LEU E 121 20.94 -22.99 -34.22
N ASP E 122 20.94 -21.97 -35.06
CA ASP E 122 21.76 -22.02 -36.26
C ASP E 122 23.25 -21.87 -35.94
N SER E 123 23.63 -20.75 -35.35
CA SER E 123 25.03 -20.48 -35.07
C SER E 123 25.11 -19.47 -33.94
N GLY E 124 26.31 -19.36 -33.36
CA GLY E 124 26.52 -18.45 -32.27
C GLY E 124 25.91 -18.96 -30.97
N ALA E 125 25.72 -18.05 -30.04
CA ALA E 125 25.19 -18.41 -28.73
C ALA E 125 23.82 -19.06 -28.86
N LEU E 126 23.34 -19.61 -27.76
CA LEU E 126 22.01 -20.21 -27.70
C LEU E 126 20.93 -19.20 -27.39
N GLY E 127 21.29 -17.98 -27.03
CA GLY E 127 20.31 -16.93 -26.84
C GLY E 127 19.56 -17.06 -25.54
N THR E 128 18.54 -16.21 -25.40
CA THR E 128 17.69 -16.22 -24.23
C THR E 128 16.45 -17.06 -24.50
N ILE E 129 16.16 -17.99 -23.61
CA ILE E 129 15.05 -18.91 -23.73
C ILE E 129 14.10 -18.65 -22.58
N THR E 130 12.86 -18.32 -22.90
CA THR E 130 11.81 -18.11 -21.91
C THR E 130 10.91 -19.33 -21.90
N VAL E 131 10.69 -19.89 -20.72
CA VAL E 131 9.85 -21.07 -20.53
C VAL E 131 8.69 -20.65 -19.64
N ASP E 132 7.47 -20.92 -20.10
CA ASP E 132 6.25 -20.64 -19.35
C ASP E 132 5.65 -21.97 -18.92
N THR E 133 5.37 -22.10 -17.63
CA THR E 133 4.84 -23.33 -17.06
C THR E 133 3.48 -23.06 -16.44
N LEU E 134 2.55 -23.98 -16.64
CA LEU E 134 1.19 -23.81 -16.13
C LEU E 134 0.59 -25.16 -15.80
N LYS E 135 0.22 -25.37 -14.54
CA LYS E 135 -0.45 -26.60 -14.15
C LYS E 135 -1.94 -26.48 -14.44
N LYS E 136 -2.48 -27.41 -15.21
CA LYS E 136 -3.89 -27.40 -15.55
C LYS E 136 -4.74 -27.54 -14.29
N GLN F 10 -25.69 -28.60 50.89
CA GLN F 10 -25.36 -27.97 49.61
C GLN F 10 -24.17 -28.65 48.95
N ALA F 11 -23.84 -29.85 49.41
CA ALA F 11 -22.75 -30.62 48.83
C ALA F 11 -23.30 -31.60 47.81
N GLY F 12 -22.65 -31.68 46.65
CA GLY F 12 -23.14 -32.55 45.60
C GLY F 12 -24.38 -32.06 44.91
N ASP F 13 -24.51 -30.75 44.73
CA ASP F 13 -25.64 -30.18 44.01
C ASP F 13 -25.39 -30.24 42.51
N THR F 14 -26.40 -30.69 41.78
CA THR F 14 -26.35 -30.78 40.32
C THR F 14 -27.26 -29.72 39.73
N LEU F 15 -27.30 -29.67 38.39
CA LEU F 15 -28.15 -28.70 37.73
C LEU F 15 -29.60 -28.84 38.15
N ASN F 16 -30.01 -30.05 38.56
CA ASN F 16 -31.39 -30.23 39.00
C ASN F 16 -31.71 -29.39 40.22
N ASP F 17 -30.79 -29.35 41.18
CA ASP F 17 -31.02 -28.55 42.38
C ASP F 17 -31.12 -27.07 42.03
N VAL F 18 -30.26 -26.60 41.12
CA VAL F 18 -30.32 -25.20 40.70
C VAL F 18 -31.65 -24.91 40.03
N ILE F 19 -32.10 -25.79 39.14
CA ILE F 19 -33.29 -25.52 38.35
C ILE F 19 -34.53 -25.58 39.23
N GLN F 20 -34.59 -26.53 40.17
CA GLN F 20 -35.78 -26.68 40.99
C GLN F 20 -35.99 -25.50 41.92
N ASP F 21 -34.95 -24.74 42.24
CA ASP F 21 -35.07 -23.61 43.15
C ASP F 21 -35.26 -22.34 42.35
N PRO F 22 -36.40 -21.64 42.49
CA PRO F 22 -36.60 -20.45 41.65
C PRO F 22 -35.50 -19.41 41.78
N THR F 23 -35.00 -19.18 42.99
CA THR F 23 -33.94 -18.21 43.17
C THR F 23 -32.69 -18.62 42.42
N ARG F 24 -32.24 -19.86 42.62
CA ARG F 24 -31.03 -20.33 41.95
C ARG F 24 -31.23 -20.46 40.45
N ARG F 25 -32.40 -20.92 40.02
CA ARG F 25 -32.67 -21.03 38.59
C ARG F 25 -32.61 -19.67 37.92
N ASN F 26 -33.25 -18.67 38.53
CA ASN F 26 -33.23 -17.34 37.94
C ASN F 26 -31.85 -16.72 38.00
N LYS F 27 -31.08 -17.01 39.05
CA LYS F 27 -29.70 -16.54 39.08
C LYS F 27 -28.89 -17.14 37.96
N LEU F 28 -29.09 -18.42 37.68
CA LEU F 28 -28.40 -19.05 36.56
C LEU F 28 -28.81 -18.42 35.24
N ILE F 29 -30.10 -18.15 35.07
CA ILE F 29 -30.57 -17.56 33.82
C ILE F 29 -29.98 -16.16 33.64
N ASN F 30 -29.98 -15.35 34.70
CA ASN F 30 -29.50 -13.98 34.59
C ASN F 30 -28.00 -13.93 34.38
N ASP F 31 -27.24 -14.67 35.19
CA ASP F 31 -25.79 -14.60 35.14
C ASP F 31 -25.23 -15.11 33.83
N ASN F 32 -25.99 -15.92 33.09
CA ASN F 32 -25.52 -16.50 31.85
C ASN F 32 -26.18 -15.89 30.62
N ASN F 33 -27.02 -14.87 30.79
CA ASN F 33 -27.65 -14.20 29.66
C ASN F 33 -28.39 -15.19 28.78
N LEU F 34 -29.10 -16.13 29.40
CA LEU F 34 -29.78 -17.16 28.64
C LEU F 34 -31.00 -16.64 27.90
N LEU F 35 -31.50 -15.47 28.28
CA LEU F 35 -32.67 -14.89 27.63
C LEU F 35 -32.31 -13.87 26.56
N LYS F 36 -31.02 -13.74 26.24
CA LYS F 36 -30.55 -12.72 25.32
C LYS F 36 -29.85 -13.35 24.13
N GLY F 37 -29.99 -12.73 22.97
CA GLY F 37 -29.34 -13.20 21.77
C GLY F 37 -27.91 -12.72 21.68
N ILE F 38 -27.21 -13.21 20.66
CA ILE F 38 -25.83 -12.83 20.40
C ILE F 38 -25.83 -11.85 19.24
N ILE F 39 -24.92 -10.90 19.32
CA ILE F 39 -24.82 -9.90 18.31
C ILE F 39 -23.48 -10.14 17.74
N MET F 40 -23.44 -10.71 16.55
CA MET F 40 -22.21 -11.01 15.90
C MET F 40 -21.64 -9.72 15.34
N GLY F 41 -21.01 -8.91 16.19
CA GLY F 41 -20.53 -7.61 15.75
C GLY F 41 -19.04 -7.62 15.45
N ARG F 42 -18.48 -6.41 15.35
CA ARG F 42 -17.05 -6.28 15.11
C ARG F 42 -16.24 -6.85 16.26
N ASP F 43 -16.77 -6.78 17.48
CA ASP F 43 -16.06 -7.25 18.66
C ASP F 43 -16.21 -8.74 18.90
N GLY F 44 -16.96 -9.44 18.06
CA GLY F 44 -17.18 -10.85 18.24
C GLY F 44 -18.57 -11.14 18.77
N PRO F 45 -18.83 -12.39 19.12
CA PRO F 45 -20.15 -12.79 19.64
C PRO F 45 -20.38 -12.35 21.08
N VAL F 46 -20.82 -11.11 21.23
CA VAL F 46 -21.14 -10.55 22.55
C VAL F 46 -22.66 -10.60 22.72
N PRO F 47 -23.17 -10.99 23.88
CA PRO F 47 -24.63 -11.06 24.04
C PRO F 47 -25.27 -9.68 24.06
N SER F 48 -26.52 -9.64 23.65
CA SER F 48 -27.29 -8.41 23.69
C SER F 48 -27.67 -8.06 25.12
N SER F 49 -27.98 -6.79 25.34
CA SER F 49 -28.42 -6.31 26.65
C SER F 49 -29.93 -6.21 26.77
N ARG F 50 -30.68 -6.61 25.75
CA ARG F 50 -32.14 -6.60 25.77
C ARG F 50 -32.64 -8.04 25.71
N GLU F 51 -33.53 -8.40 26.63
CA GLU F 51 -34.06 -9.75 26.64
C GLU F 51 -34.84 -10.03 25.37
N LEU F 52 -34.58 -11.19 24.76
CA LEU F 52 -35.22 -11.57 23.52
C LEU F 52 -36.42 -12.48 23.72
N ILE F 53 -36.45 -13.27 24.78
CA ILE F 53 -37.52 -14.22 25.01
C ILE F 53 -38.09 -14.02 26.40
N VAL F 54 -39.31 -14.50 26.59
CA VAL F 54 -39.96 -14.41 27.89
C VAL F 54 -39.29 -15.36 28.86
N ARG F 55 -39.24 -14.96 30.14
CA ARG F 55 -38.57 -15.77 31.15
C ARG F 55 -39.31 -17.10 31.33
N PRO F 56 -38.66 -18.23 31.13
CA PRO F 56 -39.36 -19.51 31.29
C PRO F 56 -39.65 -19.83 32.75
N ASP F 57 -40.67 -20.67 32.95
CA ASP F 57 -40.97 -21.17 34.29
C ASP F 57 -39.97 -22.23 34.73
N THR F 58 -39.43 -23.01 33.79
CA THR F 58 -38.44 -24.03 34.10
C THR F 58 -37.54 -24.22 32.90
N LEU F 59 -36.40 -24.86 33.15
CA LEU F 59 -35.42 -25.17 32.11
C LEU F 59 -35.32 -26.67 31.95
N ARG F 60 -35.16 -27.11 30.71
CA ARG F 60 -34.87 -28.51 30.41
C ARG F 60 -33.37 -28.70 30.43
N ALA F 61 -32.90 -29.68 31.21
CA ALA F 61 -31.47 -29.85 31.39
C ALA F 61 -31.15 -31.32 31.62
N ILE F 62 -29.89 -31.66 31.34
CA ILE F 62 -29.32 -32.96 31.64
C ILE F 62 -28.02 -32.75 32.41
N ILE F 63 -27.60 -33.79 33.13
CA ILE F 63 -26.46 -33.73 34.03
C ILE F 63 -25.32 -34.54 33.42
N ASN F 64 -24.14 -33.91 33.33
CA ASN F 64 -22.95 -34.57 32.79
C ASN F 64 -21.74 -34.03 33.53
N ASN F 65 -21.01 -34.91 34.21
CA ASN F 65 -19.90 -34.50 35.07
C ASN F 65 -18.57 -35.12 34.66
N ARG F 66 -18.40 -35.45 33.38
CA ARG F 66 -17.18 -36.06 32.90
C ARG F 66 -16.24 -34.97 32.40
N ALA F 67 -15.05 -34.89 32.97
CA ALA F 67 -14.07 -33.87 32.64
C ALA F 67 -13.02 -34.45 31.71
N THR F 68 -12.78 -33.77 30.59
CA THR F 68 -11.84 -34.23 29.58
C THR F 68 -11.28 -33.03 28.85
N ILE F 69 -10.47 -33.30 27.84
CA ILE F 69 -9.97 -32.27 26.92
C ILE F 69 -10.57 -32.56 25.55
N GLU F 70 -11.21 -31.56 24.96
CA GLU F 70 -11.81 -31.67 23.65
C GLU F 70 -11.14 -30.70 22.70
N THR F 71 -10.72 -31.19 21.54
CA THR F 71 -10.05 -30.37 20.53
C THR F 71 -10.96 -30.21 19.32
N THR F 72 -10.94 -29.02 18.73
CA THR F 72 -11.75 -28.72 17.57
C THR F 72 -10.93 -27.89 16.59
N THR F 73 -11.22 -28.07 15.31
CA THR F 73 -10.54 -27.36 14.24
C THR F 73 -11.57 -26.74 13.31
N MET F 74 -11.27 -25.52 12.84
CA MET F 74 -12.15 -24.81 11.92
C MET F 74 -11.31 -24.20 10.82
N GLU F 75 -11.84 -24.22 9.60
CA GLU F 75 -11.11 -23.71 8.43
C GLU F 75 -11.76 -22.48 7.82
N ALA F 76 -12.88 -22.00 8.38
CA ALA F 76 -13.47 -20.77 7.90
C ALA F 76 -12.60 -19.58 8.29
N GLU F 77 -12.73 -18.49 7.53
CA GLU F 77 -11.80 -17.38 7.67
C GLU F 77 -12.09 -16.54 8.91
N PHE F 78 -13.30 -15.99 9.01
CA PHE F 78 -13.61 -15.01 10.04
C PHE F 78 -14.24 -15.63 11.28
N THR F 79 -13.93 -16.89 11.58
CA THR F 79 -14.53 -17.59 12.70
C THR F 79 -13.58 -17.72 13.89
N GLU F 80 -12.59 -16.84 13.99
CA GLU F 80 -11.67 -16.90 15.12
C GLU F 80 -12.39 -16.66 16.43
N THR F 81 -13.16 -15.57 16.52
CA THR F 81 -13.85 -15.24 17.75
C THR F 81 -14.89 -16.29 18.09
N LEU F 82 -15.60 -16.82 17.07
CA LEU F 82 -16.56 -17.86 17.33
C LEU F 82 -15.90 -19.09 17.94
N MET F 83 -14.73 -19.47 17.42
CA MET F 83 -13.99 -20.58 18.02
C MET F 83 -13.59 -20.24 19.45
N GLU F 84 -13.16 -19.00 19.69
CA GLU F 84 -12.77 -18.60 21.04
C GLU F 84 -13.92 -18.71 22.03
N SER F 85 -15.16 -18.69 21.57
CA SER F 85 -16.32 -18.83 22.42
C SER F 85 -16.77 -20.28 22.57
N ASN F 86 -16.05 -21.23 22.00
CA ASN F 86 -16.37 -22.65 22.12
C ASN F 86 -17.67 -22.98 21.39
N TYR F 87 -17.81 -22.47 20.18
CA TYR F 87 -18.92 -22.83 19.31
C TYR F 87 -18.56 -24.08 18.53
N ASN F 88 -19.41 -25.09 18.59
CA ASN F 88 -19.14 -26.31 17.83
C ASN F 88 -19.29 -26.02 16.33
N SER F 89 -19.11 -27.06 15.52
CA SER F 89 -19.08 -26.86 14.07
C SER F 89 -20.40 -26.27 13.57
N ALA F 90 -21.52 -26.84 14.00
CA ALA F 90 -22.81 -26.38 13.50
C ALA F 90 -23.07 -24.94 13.87
N SER F 91 -22.76 -24.55 15.12
CA SER F 91 -22.98 -23.19 15.55
C SER F 91 -22.13 -22.20 14.75
N VAL F 92 -20.87 -22.55 14.51
CA VAL F 92 -20.01 -21.68 13.71
C VAL F 92 -20.55 -21.58 12.29
N LYS F 93 -21.03 -22.69 11.75
CA LYS F 93 -21.60 -22.65 10.40
C LYS F 93 -22.80 -21.72 10.35
N VAL F 94 -23.66 -21.77 11.36
CA VAL F 94 -24.85 -20.93 11.36
C VAL F 94 -24.47 -19.46 11.54
N SER F 95 -23.47 -19.19 12.37
CA SER F 95 -23.12 -17.82 12.73
C SER F 95 -22.15 -17.16 11.76
N ALA F 96 -21.51 -17.92 10.87
CA ALA F 96 -20.49 -17.34 10.02
C ALA F 96 -20.99 -16.19 9.16
N PRO F 97 -22.15 -16.26 8.51
CA PRO F 97 -22.57 -15.14 7.67
C PRO F 97 -22.59 -13.80 8.39
N PHE F 98 -23.10 -13.77 9.62
CA PHE F 98 -23.22 -12.50 10.35
C PHE F 98 -21.85 -11.96 10.73
N ILE F 99 -20.97 -12.83 11.24
CA ILE F 99 -19.62 -12.37 11.60
C ILE F 99 -18.90 -11.87 10.38
N THR F 100 -19.01 -12.60 9.26
CA THR F 100 -18.32 -12.18 8.05
C THR F 100 -18.84 -10.83 7.56
N ALA F 101 -20.17 -10.64 7.59
CA ALA F 101 -20.72 -9.38 7.14
C ALA F 101 -20.28 -8.23 8.03
N ASN F 102 -20.27 -8.45 9.35
CA ASN F 102 -19.98 -7.38 10.30
C ASN F 102 -18.52 -7.30 10.70
N SER F 103 -17.67 -8.18 10.21
CA SER F 103 -16.28 -8.19 10.63
C SER F 103 -15.55 -6.96 10.11
N GLU F 104 -14.33 -6.78 10.60
CA GLU F 104 -13.44 -5.71 10.15
C GLU F 104 -12.37 -6.29 9.25
N TYR F 105 -12.27 -5.75 8.04
CA TYR F 105 -11.39 -6.31 7.01
C TYR F 105 -10.06 -5.57 6.99
N SER F 106 -8.99 -6.30 6.70
CA SER F 106 -7.67 -5.73 6.57
C SER F 106 -6.84 -6.62 5.66
N GLU F 107 -6.07 -6.00 4.77
CA GLU F 107 -5.26 -6.77 3.83
C GLU F 107 -4.08 -7.45 4.50
N SER F 108 -3.74 -7.07 5.73
CA SER F 108 -2.63 -7.66 6.47
C SER F 108 -3.08 -8.79 7.38
N SER F 109 -4.18 -9.48 7.04
CA SER F 109 -4.65 -10.58 7.86
C SER F 109 -3.66 -11.74 7.78
N SER F 110 -3.38 -12.34 8.94
CA SER F 110 -2.47 -13.48 8.97
C SER F 110 -3.11 -14.72 8.36
N PHE F 111 -4.43 -14.85 8.45
CA PHE F 111 -5.12 -15.97 7.82
C PHE F 111 -4.90 -15.95 6.32
N LYS F 112 -4.58 -17.12 5.76
CA LYS F 112 -4.32 -17.25 4.34
C LYS F 112 -5.05 -18.47 3.81
N ASN F 113 -5.71 -18.30 2.67
CA ASN F 113 -6.45 -19.38 2.02
C ASN F 113 -6.20 -19.36 0.52
N THR F 114 -4.93 -19.17 0.13
CA THR F 114 -4.57 -19.12 -1.26
C THR F 114 -4.73 -20.51 -1.90
N GLU F 115 -4.44 -20.58 -3.20
CA GLU F 115 -4.55 -21.85 -3.91
C GLU F 115 -3.51 -22.86 -3.46
N THR F 116 -2.45 -22.42 -2.81
CA THR F 116 -1.37 -23.30 -2.37
C THR F 116 -1.22 -23.39 -0.86
N GLU F 117 -1.62 -22.36 -0.12
CA GLU F 117 -1.49 -22.33 1.33
C GLU F 117 -2.87 -22.41 1.97
N LYS F 118 -2.92 -23.07 3.13
CA LYS F 118 -4.14 -23.25 3.88
C LYS F 118 -3.91 -22.78 5.30
N SER F 119 -4.98 -22.34 5.96
CA SER F 119 -4.91 -21.87 7.34
C SER F 119 -6.07 -22.45 8.12
N MET F 120 -5.86 -22.65 9.42
CA MET F 120 -6.88 -23.27 10.24
C MET F 120 -6.72 -22.85 11.69
N TYR F 121 -7.85 -22.66 12.37
CA TYR F 121 -7.89 -22.39 13.80
C TYR F 121 -8.07 -23.70 14.56
N THR F 122 -7.35 -23.85 15.66
CA THR F 122 -7.47 -24.99 16.55
C THR F 122 -7.77 -24.49 17.95
N SER F 123 -8.61 -25.23 18.68
CA SER F 123 -9.02 -24.84 20.02
C SER F 123 -9.15 -26.07 20.88
N SER F 124 -8.49 -26.05 22.05
CA SER F 124 -8.58 -27.14 23.01
C SER F 124 -9.23 -26.63 24.27
N ARG F 125 -10.25 -27.33 24.73
CA ARG F 125 -11.01 -26.96 25.91
C ARG F 125 -10.85 -28.04 26.96
N TYR F 126 -10.33 -27.67 28.13
CA TYR F 126 -10.30 -28.54 29.29
C TYR F 126 -11.56 -28.25 30.09
N LEU F 127 -12.50 -29.19 30.07
CA LEU F 127 -13.88 -28.95 30.48
C LEU F 127 -14.14 -29.51 31.86
N PHE F 128 -15.01 -28.83 32.60
CA PHE F 128 -15.55 -29.29 33.86
C PHE F 128 -17.05 -29.10 33.75
N PRO F 129 -17.74 -30.03 33.09
CA PRO F 129 -19.16 -29.82 32.81
C PRO F 129 -20.03 -30.22 33.99
N GLN F 130 -21.17 -29.55 34.08
CA GLN F 130 -22.22 -29.91 35.01
C GLN F 130 -23.48 -30.38 34.32
N GLY F 131 -23.66 -30.02 33.05
CA GLY F 131 -24.83 -30.45 32.32
C GLY F 131 -25.03 -29.60 31.09
N ARG F 132 -26.19 -29.80 30.47
CA ARG F 132 -26.59 -29.08 29.28
C ARG F 132 -28.01 -28.59 29.45
N ILE F 133 -28.30 -27.41 28.89
CA ILE F 133 -29.60 -26.79 28.96
C ILE F 133 -30.12 -26.62 27.54
N ASP F 134 -31.39 -26.97 27.33
CA ASP F 134 -31.99 -26.97 26.00
C ASP F 134 -33.18 -26.02 25.96
N PHE F 135 -33.32 -25.31 24.85
CA PHE F 135 -34.46 -24.45 24.58
C PHE F 135 -35.22 -25.00 23.37
N THR F 136 -36.54 -24.90 23.41
CA THR F 136 -37.40 -25.44 22.36
C THR F 136 -37.72 -24.33 21.36
N THR F 137 -37.23 -24.47 20.14
CA THR F 137 -37.52 -23.50 19.10
C THR F 137 -38.87 -23.78 18.46
N PRO F 138 -39.51 -22.75 17.90
CA PRO F 138 -40.83 -23.00 17.27
C PRO F 138 -40.80 -24.06 16.19
N ASP F 139 -39.72 -24.13 15.41
CA ASP F 139 -39.66 -25.09 14.32
C ASP F 139 -39.66 -26.53 14.80
N SER F 140 -39.30 -26.77 16.07
CA SER F 140 -39.30 -28.14 16.58
C SER F 140 -40.69 -28.73 16.57
N GLY F 141 -41.70 -27.93 16.90
CA GLY F 141 -43.07 -28.40 16.91
C GLY F 141 -43.56 -28.95 18.23
N PHE F 142 -42.89 -28.64 19.33
CA PHE F 142 -43.30 -29.08 20.65
C PHE F 142 -44.08 -27.98 21.36
N ASP F 143 -44.65 -28.33 22.51
CA ASP F 143 -45.63 -27.47 23.17
C ASP F 143 -44.99 -26.41 24.07
N ASP F 144 -43.72 -26.56 24.42
CA ASP F 144 -43.06 -25.64 25.35
C ASP F 144 -42.10 -24.70 24.63
N VAL F 145 -42.49 -24.26 23.44
CA VAL F 145 -41.62 -23.37 22.66
C VAL F 145 -41.32 -22.11 23.46
N ILE F 146 -40.20 -21.48 23.12
CA ILE F 146 -39.84 -20.19 23.69
C ILE F 146 -40.64 -19.10 22.98
N LYS F 147 -41.20 -18.18 23.76
CA LYS F 147 -42.01 -17.10 23.22
C LYS F 147 -41.18 -15.82 23.18
N LEU F 148 -41.17 -15.16 22.02
CA LEU F 148 -40.46 -13.91 21.89
C LEU F 148 -41.07 -12.86 22.80
N SER F 149 -40.23 -12.00 23.37
CA SER F 149 -40.73 -10.95 24.23
C SER F 149 -41.61 -10.00 23.42
N PRO F 150 -42.67 -9.45 24.03
CA PRO F 150 -43.54 -8.54 23.27
C PRO F 150 -42.80 -7.33 22.73
N GLN F 151 -41.75 -6.88 23.42
CA GLN F 151 -40.98 -5.74 22.93
C GLN F 151 -40.34 -6.04 21.58
N PHE F 152 -39.74 -7.22 21.43
CA PHE F 152 -39.11 -7.57 20.16
C PHE F 152 -40.13 -7.69 19.05
N THR F 153 -41.26 -8.34 19.33
CA THR F 153 -42.29 -8.47 18.31
C THR F 153 -42.82 -7.11 17.88
N SER F 154 -43.04 -6.21 18.85
CA SER F 154 -43.50 -4.87 18.50
C SER F 154 -42.45 -4.13 17.69
N GLY F 155 -41.18 -4.29 18.03
CA GLY F 155 -40.13 -3.67 17.24
C GLY F 155 -40.11 -4.17 15.81
N VAL F 156 -40.26 -5.48 15.62
CA VAL F 156 -40.31 -6.03 14.27
C VAL F 156 -41.50 -5.48 13.52
N GLN F 157 -42.66 -5.41 14.17
CA GLN F 157 -43.85 -4.88 13.51
C GLN F 157 -43.64 -3.43 13.10
N ALA F 158 -43.06 -2.63 13.98
CA ALA F 158 -42.80 -1.23 13.65
C ALA F 158 -41.82 -1.12 12.49
N ALA F 159 -40.78 -1.96 12.48
CA ALA F 159 -39.81 -1.91 11.39
C ALA F 159 -40.46 -2.26 10.06
N LEU F 160 -41.30 -3.29 10.03
CA LEU F 160 -41.93 -3.71 8.79
C LEU F 160 -43.06 -2.79 8.35
N ALA F 161 -43.51 -1.89 9.21
CA ALA F 161 -44.61 -1.00 8.89
C ALA F 161 -44.17 0.30 8.25
N LYS F 162 -42.87 0.48 8.00
CA LYS F 162 -42.37 1.74 7.48
C LYS F 162 -42.78 1.92 6.02
N ALA F 163 -42.67 3.15 5.53
CA ALA F 163 -43.21 3.51 4.23
C ALA F 163 -42.37 2.96 3.08
N THR F 164 -41.05 3.06 3.18
CA THR F 164 -40.15 2.74 2.08
C THR F 164 -39.29 1.53 2.42
N GLY F 165 -38.94 0.75 1.39
CA GLY F 165 -38.13 -0.43 1.60
C GLY F 165 -36.81 -0.12 2.28
N THR F 166 -36.19 0.99 1.89
CA THR F 166 -34.92 1.38 2.52
C THR F 166 -35.11 1.61 4.01
N GLU F 167 -36.20 2.29 4.38
CA GLU F 167 -36.47 2.53 5.80
C GLU F 167 -36.74 1.22 6.53
N LYS F 168 -37.48 0.30 5.90
CA LYS F 168 -37.71 -1.01 6.50
C LYS F 168 -36.38 -1.71 6.79
N ARG F 169 -35.49 -1.72 5.79
CA ARG F 169 -34.23 -2.41 5.96
C ARG F 169 -33.36 -1.75 7.03
N GLU F 170 -33.35 -0.42 7.07
CA GLU F 170 -32.59 0.27 8.10
C GLU F 170 -33.13 -0.05 9.49
N ALA F 171 -34.46 -0.06 9.64
CA ALA F 171 -35.05 -0.38 10.93
C ALA F 171 -34.71 -1.81 11.33
N LEU F 172 -34.77 -2.75 10.39
CA LEU F 172 -34.44 -4.13 10.70
C LEU F 172 -32.97 -4.26 11.09
N GLN F 173 -32.09 -3.55 10.40
CA GLN F 173 -30.67 -3.61 10.72
C GLN F 173 -30.41 -3.07 12.12
N ASN F 174 -31.05 -1.96 12.49
CA ASN F 174 -30.92 -1.46 13.85
C ASN F 174 -31.47 -2.45 14.87
N LEU F 175 -32.63 -3.05 14.57
CA LEU F 175 -33.24 -3.98 15.49
C LEU F 175 -32.35 -5.18 15.74
N PHE F 176 -31.74 -5.73 14.68
CA PHE F 176 -30.89 -6.89 14.85
C PHE F 176 -29.53 -6.53 15.42
N GLN F 177 -29.08 -5.29 15.27
CA GLN F 177 -27.87 -4.87 15.96
C GLN F 177 -28.12 -4.70 17.45
N GLU F 178 -29.36 -4.36 17.84
CA GLU F 178 -29.68 -4.19 19.25
C GLU F 178 -30.02 -5.51 19.94
N TYR F 179 -30.78 -6.38 19.27
CA TYR F 179 -31.31 -7.57 19.90
C TYR F 179 -30.48 -8.82 19.65
N GLY F 180 -29.63 -8.82 18.64
CA GLY F 180 -28.77 -9.94 18.34
C GLY F 180 -29.20 -10.69 17.09
N HIS F 181 -28.26 -11.45 16.54
CA HIS F 181 -28.46 -12.15 15.28
C HIS F 181 -28.81 -13.61 15.46
N VAL F 182 -28.27 -14.28 16.47
CA VAL F 182 -28.55 -15.68 16.74
C VAL F 182 -28.90 -15.84 18.21
N PHE F 183 -29.57 -16.94 18.52
CA PHE F 183 -29.99 -17.27 19.87
C PHE F 183 -29.46 -18.66 20.20
N ARG F 184 -28.82 -18.79 21.36
CA ARG F 184 -28.20 -20.06 21.76
C ARG F 184 -29.28 -20.99 22.28
N THR F 185 -29.53 -22.09 21.57
CA THR F 185 -30.59 -23.02 21.92
C THR F 185 -30.08 -24.18 22.77
N LYS F 186 -28.80 -24.51 22.69
CA LYS F 186 -28.19 -25.54 23.52
C LYS F 186 -26.90 -24.99 24.09
N VAL F 187 -26.73 -25.09 25.40
CA VAL F 187 -25.55 -24.56 26.07
C VAL F 187 -25.11 -25.54 27.14
N HIS F 188 -23.81 -25.57 27.39
CA HIS F 188 -23.21 -26.42 28.40
C HIS F 188 -22.79 -25.58 29.58
N ILE F 189 -23.18 -26.01 30.78
CA ILE F 189 -22.93 -25.28 32.01
C ILE F 189 -21.73 -25.90 32.70
N GLY F 190 -20.95 -25.07 33.39
CA GLY F 190 -19.79 -25.55 34.11
C GLY F 190 -18.60 -24.63 34.00
N GLY F 191 -17.40 -25.17 34.15
CA GLY F 191 -16.19 -24.38 34.02
C GLY F 191 -15.31 -24.86 32.88
N VAL F 192 -14.39 -24.02 32.40
CA VAL F 192 -13.57 -24.42 31.25
C VAL F 192 -12.26 -23.65 31.25
N LEU F 193 -11.23 -24.27 30.70
CA LEU F 193 -9.96 -23.61 30.40
C LEU F 193 -9.66 -23.83 28.93
N SER F 194 -9.60 -22.75 28.15
CA SER F 194 -9.50 -22.86 26.70
C SER F 194 -8.16 -22.33 26.23
N ALA F 195 -7.59 -23.00 25.23
CA ALA F 195 -6.37 -22.57 24.56
C ALA F 195 -6.59 -22.59 23.06
N HIS F 196 -6.35 -21.48 22.40
CA HIS F 196 -6.65 -21.33 20.98
C HIS F 196 -5.41 -20.90 20.21
N THR F 197 -5.32 -21.34 18.96
CA THR F 197 -4.19 -21.00 18.11
C THR F 197 -4.62 -21.09 16.65
N MET F 198 -3.75 -20.59 15.78
CA MET F 198 -3.95 -20.69 14.34
C MET F 198 -2.67 -21.19 13.69
N GLU F 199 -2.82 -21.96 12.63
CA GLU F 199 -1.68 -22.52 11.92
C GLU F 199 -1.88 -22.39 10.42
N THR F 200 -0.81 -22.04 9.72
CA THR F 200 -0.79 -21.94 8.27
C THR F 200 0.22 -22.94 7.72
N PHE F 201 -0.17 -23.69 6.70
CA PHE F 201 0.70 -24.71 6.14
C PHE F 201 0.39 -24.88 4.65
N SER F 202 1.39 -25.38 3.92
CA SER F 202 1.19 -25.62 2.50
C SER F 202 0.25 -26.80 2.28
N ARG F 203 -0.62 -26.67 1.27
CA ARG F 203 -1.58 -27.74 1.00
C ARG F 203 -0.90 -29.05 0.62
N SER F 204 0.34 -28.99 0.12
CA SER F 204 1.05 -30.21 -0.24
C SER F 204 1.30 -31.09 0.98
N GLU F 205 1.44 -30.48 2.16
CA GLU F 205 1.72 -31.25 3.36
C GLU F 205 0.54 -32.14 3.73
N ASN F 206 0.83 -33.26 4.39
CA ASN F 206 -0.19 -34.17 4.84
C ASN F 206 -1.05 -33.48 5.88
N GLU F 207 -2.31 -33.19 5.53
CA GLU F 207 -3.17 -32.42 6.43
C GLU F 207 -3.40 -33.15 7.75
N THR F 208 -3.60 -34.46 7.69
CA THR F 208 -3.87 -35.22 8.92
C THR F 208 -2.70 -35.12 9.89
N GLU F 209 -1.48 -35.23 9.38
CA GLU F 209 -0.31 -35.14 10.26
C GLU F 209 -0.23 -33.76 10.91
N VAL F 210 -0.46 -32.70 10.15
CA VAL F 210 -0.41 -31.36 10.72
C VAL F 210 -1.47 -31.19 11.78
N LYS F 211 -2.70 -31.65 11.50
CA LYS F 211 -3.78 -31.54 12.47
C LYS F 211 -3.42 -32.27 13.75
N GLN F 212 -2.93 -33.51 13.63
CA GLN F 212 -2.60 -34.29 14.81
C GLN F 212 -1.47 -33.63 15.60
N ASP F 213 -0.46 -33.10 14.90
CA ASP F 213 0.66 -32.47 15.60
C ASP F 213 0.19 -31.24 16.38
N VAL F 214 -0.59 -30.38 15.74
CA VAL F 214 -1.06 -29.17 16.42
C VAL F 214 -1.97 -29.55 17.58
N LYS F 215 -2.84 -30.53 17.39
CA LYS F 215 -3.73 -30.95 18.46
C LYS F 215 -2.93 -31.49 19.64
N ALA F 216 -1.92 -32.31 19.39
CA ALA F 216 -1.11 -32.85 20.48
C ALA F 216 -0.41 -31.72 21.22
N GLY F 217 0.18 -30.79 20.49
CA GLY F 217 0.87 -29.69 21.16
C GLY F 217 -0.06 -28.85 22.00
N LEU F 218 -1.22 -28.49 21.46
CA LEU F 218 -2.15 -27.63 22.16
C LEU F 218 -2.76 -28.33 23.37
N GLU F 219 -3.07 -29.63 23.22
CA GLU F 219 -3.61 -30.39 24.35
C GLU F 219 -2.56 -30.54 25.43
N GLY F 220 -1.29 -30.71 25.07
CA GLY F 220 -0.25 -30.70 26.08
C GLY F 220 -0.13 -29.37 26.77
N ALA F 221 -0.32 -28.28 26.02
CA ALA F 221 -0.26 -26.95 26.62
C ALA F 221 -1.36 -26.77 27.65
N VAL F 222 -2.60 -27.08 27.28
CA VAL F 222 -3.71 -26.88 28.22
C VAL F 222 -3.63 -27.86 29.38
N LYS F 223 -3.21 -29.10 29.10
CA LYS F 223 -3.13 -30.11 30.16
C LYS F 223 -2.13 -29.71 31.23
N GLY F 224 -0.98 -29.18 30.83
CA GLY F 224 0.04 -28.77 31.76
C GLY F 224 -0.21 -27.44 32.42
N TRP F 225 -1.30 -26.78 32.06
CA TRP F 225 -1.65 -25.49 32.66
C TRP F 225 -1.92 -25.65 34.14
N GLN F 237 2.70 -19.60 29.05
CA GLN F 237 3.58 -19.83 27.91
C GLN F 237 2.89 -19.46 26.61
N GLY F 238 3.26 -18.31 26.06
CA GLY F 238 2.60 -17.79 24.88
C GLY F 238 2.97 -18.49 23.58
N THR F 239 4.09 -19.21 23.55
CA THR F 239 4.56 -19.89 22.36
C THR F 239 4.78 -21.35 22.68
N ILE F 240 4.24 -22.23 21.82
CA ILE F 240 4.33 -23.67 22.00
C ILE F 240 5.04 -24.26 20.78
N THR F 241 6.02 -25.11 21.03
CA THR F 241 6.72 -25.83 19.98
C THR F 241 6.23 -27.27 19.94
N THR F 242 5.77 -27.70 18.77
CA THR F 242 5.27 -29.05 18.60
C THR F 242 6.41 -29.99 18.21
N SER F 243 6.08 -31.27 18.08
CA SER F 243 7.09 -32.26 17.70
C SER F 243 7.67 -31.99 16.32
N GLN F 244 6.96 -31.27 15.47
CA GLN F 244 7.45 -30.88 14.15
C GLN F 244 8.11 -29.51 14.16
N ASN F 245 8.44 -28.99 15.33
CA ASN F 245 9.08 -27.68 15.44
C ASN F 245 8.22 -26.59 14.83
N ARG F 246 6.92 -26.63 15.14
CA ARG F 246 5.99 -25.58 14.75
C ARG F 246 5.82 -24.64 15.94
N LYS F 247 6.07 -23.35 15.72
CA LYS F 247 5.88 -22.34 16.76
C LYS F 247 4.46 -21.81 16.66
N LEU F 248 3.64 -22.11 17.66
CA LEU F 248 2.25 -21.71 17.70
C LEU F 248 2.05 -20.67 18.80
N ASN F 249 1.39 -19.57 18.46
CA ASN F 249 1.00 -18.58 19.45
C ASN F 249 -0.34 -19.00 20.04
N VAL F 250 -0.38 -19.13 21.37
CA VAL F 250 -1.53 -19.67 22.08
C VAL F 250 -2.17 -18.57 22.89
N LYS F 251 -3.48 -18.42 22.74
CA LYS F 251 -4.28 -17.52 23.55
C LYS F 251 -5.08 -18.33 24.56
N TYR F 252 -4.98 -17.95 25.83
CA TYR F 252 -5.59 -18.69 26.92
C TYR F 252 -6.80 -17.93 27.46
N ILE F 253 -7.83 -18.66 27.82
CA ILE F 253 -9.04 -18.10 28.41
C ILE F 253 -9.46 -18.95 29.60
N VAL F 254 -9.76 -18.29 30.72
CA VAL F 254 -10.12 -18.95 31.96
C VAL F 254 -11.58 -18.64 32.24
N ASN F 255 -12.40 -19.67 32.39
CA ASN F 255 -13.80 -19.56 32.78
C ASN F 255 -14.09 -20.58 33.86
N VAL F 256 -13.28 -20.56 34.92
CA VAL F 256 -13.44 -21.48 36.04
C VAL F 256 -12.95 -20.78 37.30
N VAL F 257 -13.65 -21.02 38.40
CA VAL F 257 -13.29 -20.43 39.69
C VAL F 257 -13.30 -21.50 40.77
N GLN F 274 -19.24 -24.97 43.73
CA GLN F 274 -20.32 -24.09 44.16
C GLN F 274 -21.11 -23.59 42.96
N SER F 275 -22.43 -23.82 43.00
CA SER F 275 -23.26 -23.53 41.85
C SER F 275 -23.27 -22.05 41.48
N GLU F 276 -22.89 -21.17 42.40
CA GLU F 276 -22.97 -19.74 42.14
C GLU F 276 -22.07 -19.31 41.00
N HIS F 277 -21.09 -20.14 40.62
CA HIS F 277 -20.05 -19.73 39.69
C HIS F 277 -20.10 -20.45 38.36
N TRP F 278 -21.08 -21.32 38.13
CA TRP F 278 -21.15 -22.02 36.87
C TRP F 278 -21.47 -21.06 35.72
N ARG F 279 -20.79 -21.25 34.60
CA ARG F 279 -20.96 -20.41 33.43
C ARG F 279 -21.07 -21.27 32.19
N VAL F 280 -21.53 -20.66 31.11
CA VAL F 280 -21.66 -21.36 29.83
C VAL F 280 -20.26 -21.64 29.30
N ILE F 281 -19.96 -22.91 29.04
CA ILE F 281 -18.65 -23.31 28.59
C ILE F 281 -18.63 -23.68 27.11
N GLU F 282 -19.75 -24.12 26.55
CA GLU F 282 -19.79 -24.53 25.15
C GLU F 282 -21.18 -24.29 24.61
N VAL F 283 -21.26 -23.98 23.32
CA VAL F 283 -22.52 -23.76 22.62
C VAL F 283 -22.68 -24.88 21.60
N THR F 284 -23.73 -25.67 21.75
CA THR F 284 -23.95 -26.82 20.89
C THR F 284 -24.92 -26.53 19.75
N GLU F 285 -25.70 -25.45 19.83
CA GLU F 285 -26.66 -25.14 18.79
C GLU F 285 -27.10 -23.69 18.94
N VAL F 286 -27.18 -22.99 17.81
CA VAL F 286 -27.71 -21.64 17.76
C VAL F 286 -28.69 -21.57 16.60
N THR F 287 -29.79 -20.87 16.80
CA THR F 287 -30.80 -20.67 15.78
C THR F 287 -30.86 -19.18 15.43
N ALA F 288 -30.88 -18.87 14.15
CA ALA F 288 -30.93 -17.48 13.73
C ALA F 288 -32.16 -16.81 14.32
N VAL F 289 -31.97 -15.58 14.81
CA VAL F 289 -33.07 -14.87 15.46
C VAL F 289 -34.24 -14.71 14.49
N ALA F 290 -33.95 -14.40 13.23
CA ALA F 290 -35.01 -14.25 12.25
C ALA F 290 -35.83 -15.51 12.12
N ASP F 291 -35.25 -16.68 12.40
CA ASP F 291 -35.97 -17.93 12.29
C ASP F 291 -36.98 -18.13 13.42
N LEU F 292 -36.92 -17.34 14.48
CA LEU F 292 -37.87 -17.49 15.58
C LEU F 292 -39.20 -16.82 15.29
N LEU F 293 -39.28 -15.95 14.29
CA LEU F 293 -40.49 -15.22 14.01
C LEU F 293 -41.51 -16.14 13.33
N PRO F 294 -42.79 -15.74 13.33
CA PRO F 294 -43.80 -16.51 12.59
C PRO F 294 -43.51 -16.50 11.10
N GLN F 295 -44.05 -17.51 10.41
CA GLN F 295 -43.69 -17.70 9.00
C GLN F 295 -44.04 -16.51 8.13
N PRO F 296 -45.25 -15.97 8.15
CA PRO F 296 -45.55 -14.83 7.26
C PRO F 296 -44.64 -13.64 7.51
N ILE F 297 -44.22 -13.41 8.76
CA ILE F 297 -43.28 -12.33 9.03
C ILE F 297 -41.85 -12.79 8.80
N ARG F 298 -41.56 -14.07 9.03
CA ARG F 298 -40.21 -14.58 8.79
C ARG F 298 -39.83 -14.43 7.33
N GLY F 299 -40.74 -14.74 6.42
CA GLY F 299 -40.44 -14.59 5.01
C GLY F 299 -40.10 -13.16 4.65
N GLN F 300 -40.91 -12.21 5.13
CA GLN F 300 -40.65 -10.80 4.83
C GLN F 300 -39.31 -10.35 5.40
N VAL F 301 -39.02 -10.74 6.65
CA VAL F 301 -37.77 -10.32 7.26
C VAL F 301 -36.59 -10.90 6.49
N LYS F 302 -36.67 -12.17 6.11
CA LYS F 302 -35.59 -12.77 5.34
C LYS F 302 -35.40 -12.07 4.00
N ASP F 303 -36.50 -11.76 3.31
CA ASP F 303 -36.38 -11.08 2.02
C ASP F 303 -35.75 -9.71 2.17
N LEU F 304 -36.15 -8.96 3.19
CA LEU F 304 -35.64 -7.60 3.35
C LEU F 304 -34.19 -7.58 3.79
N LEU F 305 -33.66 -8.69 4.28
CA LEU F 305 -32.28 -8.74 4.75
C LEU F 305 -31.29 -9.07 3.65
N LYS F 306 -31.74 -9.35 2.44
CA LYS F 306 -30.83 -9.70 1.36
C LYS F 306 -30.05 -8.48 0.92
N PRO F 307 -28.72 -8.52 0.89
CA PRO F 307 -27.95 -7.30 0.61
C PRO F 307 -28.23 -6.66 -0.73
N LEU F 308 -28.51 -7.43 -1.77
CA LEU F 308 -28.55 -6.91 -3.13
C LEU F 308 -29.88 -7.24 -3.81
N LEU F 309 -30.30 -6.34 -4.69
CA LEU F 309 -31.40 -6.59 -5.61
C LEU F 309 -30.83 -6.97 -6.96
N GLY F 310 -31.40 -7.99 -7.59
CA GLY F 310 -30.88 -8.50 -8.84
C GLY F 310 -31.79 -8.28 -10.02
N LYS F 311 -31.22 -8.32 -11.23
CA LYS F 311 -32.00 -8.18 -12.44
C LYS F 311 -31.25 -8.84 -13.59
N TRP F 312 -32.01 -9.39 -14.54
CA TRP F 312 -31.44 -10.03 -15.72
C TRP F 312 -31.60 -9.10 -16.92
N VAL F 313 -30.52 -8.88 -17.66
CA VAL F 313 -30.53 -7.97 -18.80
C VAL F 313 -29.86 -8.64 -19.99
N ASP F 314 -30.09 -8.06 -21.16
CA ASP F 314 -29.48 -8.58 -22.38
C ASP F 314 -28.00 -8.20 -22.45
N VAL F 315 -27.28 -8.89 -23.33
CA VAL F 315 -25.84 -8.75 -23.42
C VAL F 315 -25.43 -8.54 -24.87
N GLU F 316 -24.23 -7.99 -25.04
CA GLU F 316 -23.64 -7.73 -26.34
C GLU F 316 -22.21 -8.27 -26.34
N LYS F 317 -21.80 -8.80 -27.49
CA LYS F 317 -20.45 -9.36 -27.62
C LYS F 317 -19.42 -8.25 -27.69
N VAL F 318 -18.36 -8.38 -26.90
CA VAL F 318 -17.32 -7.34 -26.90
C VAL F 318 -16.61 -7.34 -28.24
N PRO F 319 -16.42 -6.18 -28.88
CA PRO F 319 -15.68 -6.16 -30.15
C PRO F 319 -14.23 -6.55 -29.95
N GLY F 320 -13.66 -7.13 -31.00
CA GLY F 320 -12.28 -7.61 -30.92
C GLY F 320 -12.19 -8.94 -30.19
N LEU F 321 -10.99 -9.21 -29.68
CA LEU F 321 -10.73 -10.44 -28.94
C LEU F 321 -11.07 -11.67 -29.78
N GLU F 322 -10.77 -11.61 -31.08
CA GLU F 322 -11.02 -12.76 -31.94
C GLU F 322 -10.04 -13.89 -31.68
N SER F 323 -8.90 -13.59 -31.05
CA SER F 323 -7.94 -14.65 -30.76
C SER F 323 -8.46 -15.62 -29.71
N LEU F 324 -9.23 -15.13 -28.74
CA LEU F 324 -9.64 -15.96 -27.63
C LEU F 324 -10.54 -17.09 -28.13
N PRO F 325 -10.54 -18.24 -27.44
CA PRO F 325 -11.34 -19.38 -27.91
C PRO F 325 -12.84 -19.19 -27.73
N VAL F 326 -13.27 -18.32 -26.83
CA VAL F 326 -14.69 -18.14 -26.54
C VAL F 326 -15.04 -16.67 -26.63
N SER F 327 -16.30 -16.39 -26.94
CA SER F 327 -16.77 -15.01 -27.02
C SER F 327 -16.92 -14.43 -25.62
N VAL F 328 -16.76 -13.11 -25.53
CA VAL F 328 -16.89 -12.38 -24.28
C VAL F 328 -18.08 -11.43 -24.42
N TYR F 329 -18.99 -11.49 -23.45
CA TYR F 329 -20.20 -10.70 -23.48
C TYR F 329 -20.25 -9.76 -22.29
N ARG F 330 -20.87 -8.60 -22.50
CA ARG F 330 -21.00 -7.59 -21.46
C ARG F 330 -22.41 -7.02 -21.51
N PRO F 331 -22.85 -6.36 -20.45
CA PRO F 331 -24.21 -5.79 -20.45
C PRO F 331 -24.42 -4.88 -21.66
N LYS F 332 -25.55 -5.04 -22.31
CA LYS F 332 -25.87 -4.25 -23.50
C LYS F 332 -26.63 -2.99 -23.10
N GLY F 333 -26.34 -1.90 -23.80
CA GLY F 333 -26.97 -0.64 -23.52
C GLY F 333 -26.41 0.01 -22.26
N ALA F 334 -27.00 1.16 -21.91
CA ALA F 334 -26.56 1.88 -20.74
C ALA F 334 -27.00 1.16 -19.47
N ILE F 335 -26.14 1.14 -18.48
CA ILE F 335 -26.50 0.57 -17.18
C ILE F 335 -27.51 1.48 -16.51
N PRO F 336 -28.66 0.99 -16.07
CA PRO F 336 -29.63 1.87 -15.40
C PRO F 336 -29.00 2.53 -14.17
N ALA F 337 -29.37 3.79 -13.95
CA ALA F 337 -28.77 4.55 -12.87
C ALA F 337 -28.97 3.83 -11.54
N GLY F 338 -27.91 3.78 -10.74
CA GLY F 338 -27.94 3.14 -9.44
C GLY F 338 -27.60 1.67 -9.44
N TRP F 339 -27.62 1.01 -10.60
CA TRP F 339 -27.31 -0.40 -10.71
C TRP F 339 -25.84 -0.59 -11.06
N PHE F 340 -25.42 -1.85 -11.06
CA PHE F 340 -24.03 -2.19 -11.34
C PHE F 340 -23.98 -3.58 -11.97
N TRP F 341 -22.87 -3.86 -12.62
CA TRP F 341 -22.60 -5.17 -13.20
C TRP F 341 -21.33 -5.74 -12.57
N LEU F 342 -21.20 -7.06 -12.63
CA LEU F 342 -20.17 -7.75 -11.86
C LEU F 342 -18.92 -8.09 -12.66
N GLY F 343 -19.05 -8.35 -13.95
CA GLY F 343 -17.87 -8.61 -14.76
C GLY F 343 -18.23 -9.25 -16.08
N ASP F 344 -17.18 -9.53 -16.85
CA ASP F 344 -17.34 -10.18 -18.15
C ASP F 344 -17.71 -11.64 -17.97
N THR F 345 -18.61 -12.12 -18.83
CA THR F 345 -19.08 -13.50 -18.76
C THR F 345 -19.10 -14.09 -20.16
N ALA F 346 -18.97 -15.41 -20.21
CA ALA F 346 -19.05 -16.15 -21.46
C ALA F 346 -20.48 -16.49 -21.84
N ASP F 347 -21.45 -16.12 -21.02
CA ASP F 347 -22.84 -16.41 -21.32
C ASP F 347 -23.36 -15.47 -22.40
N ALA F 348 -23.97 -16.04 -23.43
CA ALA F 348 -24.48 -15.27 -24.56
C ALA F 348 -25.94 -14.90 -24.41
N SER F 349 -26.57 -15.25 -23.28
CA SER F 349 -28.01 -15.04 -23.10
C SER F 349 -28.34 -13.81 -22.26
N LYS F 350 -27.77 -13.71 -21.07
CA LYS F 350 -28.16 -12.67 -20.13
C LYS F 350 -27.02 -12.35 -19.19
N ALA F 351 -27.13 -11.21 -18.52
CA ALA F 351 -26.18 -10.78 -17.52
C ALA F 351 -26.93 -10.29 -16.29
N LEU F 352 -26.26 -10.39 -15.13
CA LEU F 352 -26.87 -10.07 -13.85
C LEU F 352 -26.41 -8.68 -13.42
N LEU F 353 -27.37 -7.79 -13.20
CA LEU F 353 -27.12 -6.49 -12.61
C LEU F 353 -27.58 -6.50 -11.16
N VAL F 354 -26.77 -5.89 -10.29
CA VAL F 354 -27.05 -5.89 -8.86
C VAL F 354 -27.07 -4.45 -8.35
N LYS F 355 -27.90 -4.20 -7.34
CA LYS F 355 -28.03 -2.89 -6.75
C LYS F 355 -28.03 -3.04 -5.23
N PRO F 356 -27.21 -2.28 -4.51
CA PRO F 356 -27.23 -2.37 -3.05
C PRO F 356 -28.57 -1.95 -2.48
N THR F 357 -28.93 -2.56 -1.36
CA THR F 357 -30.20 -2.25 -0.69
C THR F 357 -30.05 -1.30 0.49
N LEU F 358 -28.88 -1.26 1.11
CA LEU F 358 -28.65 -0.43 2.28
C LEU F 358 -27.72 0.73 1.93
N PRO F 359 -28.10 1.98 2.20
CA PRO F 359 -27.19 3.09 1.92
C PRO F 359 -25.89 2.96 2.71
N ALA F 360 -24.81 3.42 2.10
CA ALA F 360 -23.50 3.36 2.76
C ALA F 360 -23.50 4.24 4.00
N ARG F 361 -22.91 3.73 5.07
CA ARG F 361 -22.79 4.47 6.31
C ARG F 361 -21.50 4.06 7.00
N SER F 362 -20.96 4.98 7.80
CA SER F 362 -19.72 4.69 8.52
C SER F 362 -19.93 3.53 9.49
N GLY F 363 -18.92 2.69 9.62
CA GLY F 363 -19.00 1.54 10.49
C GLY F 363 -19.77 0.37 9.93
N ARG F 364 -20.19 0.43 8.67
CA ARG F 364 -20.94 -0.63 8.03
C ARG F 364 -20.25 -1.01 6.74
N ASN F 365 -20.03 -2.30 6.53
CA ASN F 365 -19.34 -2.77 5.34
C ASN F 365 -20.27 -2.70 4.14
N PRO F 366 -19.92 -1.96 3.08
CA PRO F 366 -20.77 -1.93 1.90
C PRO F 366 -20.85 -3.29 1.23
N ALA F 367 -21.99 -3.56 0.60
CA ALA F 367 -22.14 -4.83 -0.11
C ALA F 367 -21.21 -4.90 -1.31
N LEU F 368 -20.98 -3.78 -1.98
CA LEU F 368 -20.16 -3.71 -3.17
C LEU F 368 -19.00 -2.74 -2.96
N THR F 369 -17.96 -2.91 -3.77
CA THR F 369 -16.79 -2.05 -3.73
C THR F 369 -16.47 -1.56 -5.12
N SER F 370 -15.97 -0.33 -5.21
CA SER F 370 -15.51 0.22 -6.47
C SER F 370 -14.07 -0.21 -6.72
N LEU F 371 -13.68 -0.21 -7.99
CA LEU F 371 -12.37 -0.68 -8.41
C LEU F 371 -11.56 0.48 -8.98
N HIS F 372 -10.24 0.36 -8.89
CA HIS F 372 -9.33 1.39 -9.37
C HIS F 372 -8.25 0.76 -10.23
N GLN F 373 -7.73 1.56 -11.18
CA GLN F 373 -6.71 1.06 -12.09
C GLN F 373 -5.46 0.67 -11.34
N GLY F 374 -4.80 -0.38 -11.80
CA GLY F 374 -3.61 -0.88 -11.16
C GLY F 374 -2.47 0.12 -11.21
N SER F 375 -1.46 -0.15 -10.38
CA SER F 375 -0.35 0.80 -10.23
C SER F 375 0.40 0.97 -11.54
N GLY F 376 0.82 -0.13 -12.16
CA GLY F 376 1.58 -0.02 -13.39
C GLY F 376 1.78 -1.37 -14.04
N MET F 377 2.02 -1.32 -15.35
CA MET F 377 2.29 -2.51 -16.16
C MET F 377 1.14 -3.50 -16.11
N THR F 378 -0.09 -3.01 -15.92
CA THR F 378 -1.26 -3.87 -15.92
C THR F 378 -2.49 -3.02 -16.20
N GLU F 379 -3.40 -3.55 -16.99
CA GLU F 379 -4.66 -2.90 -17.30
C GLU F 379 -5.80 -3.39 -16.41
N GLN F 380 -5.54 -4.31 -15.49
CA GLN F 380 -6.59 -4.91 -14.69
C GLN F 380 -6.95 -4.02 -13.50
N PRO F 381 -8.16 -4.17 -12.96
CA PRO F 381 -8.58 -3.37 -11.81
C PRO F 381 -8.17 -4.00 -10.48
N PHE F 382 -8.22 -3.18 -9.44
CA PHE F 382 -7.94 -3.60 -8.07
C PHE F 382 -9.08 -3.14 -7.18
N VAL F 383 -9.44 -3.98 -6.21
CA VAL F 383 -10.54 -3.65 -5.31
C VAL F 383 -10.13 -2.53 -4.38
N ASP F 384 -10.98 -1.52 -4.27
CA ASP F 384 -10.67 -0.40 -3.38
C ASP F 384 -10.63 -0.84 -1.93
N LEU F 385 -11.58 -1.67 -1.52
CA LEU F 385 -11.66 -2.07 -0.11
C LEU F 385 -11.00 -3.41 0.11
N PRO F 386 -10.25 -3.59 1.20
CA PRO F 386 -9.53 -4.85 1.39
C PRO F 386 -10.49 -6.02 1.58
N GLN F 387 -10.02 -7.20 1.18
CA GLN F 387 -10.69 -8.49 1.34
C GLN F 387 -11.87 -8.68 0.39
N TYR F 388 -12.20 -7.68 -0.42
CA TYR F 388 -13.29 -7.85 -1.37
C TYR F 388 -12.80 -8.62 -2.60
N GLN F 389 -13.73 -8.95 -3.49
CA GLN F 389 -13.40 -9.73 -4.67
C GLN F 389 -14.32 -9.35 -5.82
N TYR F 390 -13.81 -9.56 -7.04
CA TYR F 390 -14.61 -9.47 -8.25
C TYR F 390 -14.44 -10.75 -9.05
N LEU F 391 -15.44 -11.06 -9.87
CA LEU F 391 -15.59 -12.40 -10.40
C LEU F 391 -14.79 -12.66 -11.67
N SER F 392 -14.52 -11.65 -12.49
CA SER F 392 -13.89 -11.86 -13.78
C SER F 392 -12.81 -10.81 -14.02
N THR F 393 -11.84 -11.17 -14.85
CA THR F 393 -10.83 -10.22 -15.29
C THR F 393 -11.38 -9.34 -16.40
N TYR F 394 -10.91 -8.11 -16.45
CA TYR F 394 -11.39 -7.15 -17.44
C TYR F 394 -10.70 -7.39 -18.78
N PHE F 395 -11.50 -7.58 -19.82
CA PHE F 395 -10.99 -7.83 -21.17
C PHE F 395 -10.96 -6.51 -21.92
N GLY F 396 -9.96 -5.69 -21.57
CA GLY F 396 -9.83 -4.38 -22.16
C GLY F 396 -9.01 -3.48 -21.26
N SER F 397 -9.22 -2.17 -21.43
CA SER F 397 -8.57 -1.16 -20.61
C SER F 397 -9.58 -0.64 -19.59
N PHE F 398 -9.29 -0.84 -18.32
CA PHE F 398 -10.19 -0.44 -17.25
C PHE F 398 -9.96 1.01 -16.88
N ALA F 399 -11.06 1.77 -16.81
CA ALA F 399 -11.00 3.18 -16.41
C ALA F 399 -12.25 3.47 -15.61
N HIS F 400 -12.10 3.66 -14.30
CA HIS F 400 -13.25 3.84 -13.44
C HIS F 400 -14.00 5.13 -13.72
N ASP F 401 -13.38 6.08 -14.41
CA ASP F 401 -14.01 7.37 -14.64
C ASP F 401 -15.05 7.33 -15.75
N THR F 402 -15.02 6.31 -16.61
CA THR F 402 -15.93 6.24 -17.74
C THR F 402 -16.57 4.87 -17.83
N PRO F 403 -17.75 4.78 -18.44
CA PRO F 403 -18.40 3.47 -18.57
C PRO F 403 -17.70 2.62 -19.62
N PRO F 404 -17.88 1.29 -19.58
CA PRO F 404 -18.70 0.52 -18.63
C PRO F 404 -17.90 0.16 -17.37
N GLY F 405 -16.67 0.66 -17.25
CA GLY F 405 -15.88 0.36 -16.07
C GLY F 405 -16.32 1.12 -14.84
N SER F 406 -17.09 2.19 -15.01
CA SER F 406 -17.56 2.96 -13.86
C SER F 406 -18.55 2.18 -13.03
N THR F 407 -19.34 1.31 -13.66
CA THR F 407 -20.38 0.56 -12.98
C THR F 407 -19.96 -0.88 -12.69
N LEU F 408 -18.68 -1.20 -12.80
CA LEU F 408 -18.17 -2.50 -12.41
C LEU F 408 -17.83 -2.48 -10.93
N ARG F 409 -18.25 -3.51 -10.21
CA ARG F 409 -18.12 -3.53 -8.75
C ARG F 409 -17.63 -4.88 -8.26
N GLY F 410 -16.97 -4.85 -7.11
CA GLY F 410 -16.59 -6.06 -6.40
C GLY F 410 -17.69 -6.53 -5.47
N LEU F 411 -17.33 -7.47 -4.60
CA LEU F 411 -18.30 -8.05 -3.68
C LEU F 411 -17.69 -8.20 -2.30
N ARG F 412 -18.53 -8.12 -1.28
CA ARG F 412 -18.09 -8.38 0.08
C ARG F 412 -17.72 -9.85 0.23
N PRO F 413 -16.75 -10.16 1.09
CA PRO F 413 -16.30 -11.56 1.20
C PRO F 413 -17.41 -12.54 1.53
N ASP F 414 -18.44 -12.11 2.26
CA ASP F 414 -19.52 -13.03 2.61
C ASP F 414 -20.43 -13.34 1.44
N HIS F 415 -20.29 -12.65 0.31
CA HIS F 415 -21.17 -12.83 -0.83
C HIS F 415 -20.75 -13.95 -1.77
N VAL F 416 -19.53 -14.45 -1.66
CA VAL F 416 -18.96 -15.31 -2.69
C VAL F 416 -18.49 -16.62 -2.08
N LEU F 417 -18.47 -17.65 -2.92
CA LEU F 417 -17.92 -18.95 -2.58
C LEU F 417 -16.99 -19.41 -3.68
N PRO F 418 -15.95 -20.18 -3.36
CA PRO F 418 -15.02 -20.63 -4.42
C PRO F 418 -15.74 -21.44 -5.48
N GLY F 419 -15.34 -21.22 -6.73
CA GLY F 419 -15.86 -21.95 -7.86
C GLY F 419 -14.88 -22.97 -8.40
N ARG F 420 -15.17 -23.44 -9.61
CA ARG F 420 -14.30 -24.39 -10.29
C ARG F 420 -14.07 -23.93 -11.73
N TYR F 421 -12.83 -24.04 -12.18
CA TYR F 421 -12.46 -23.56 -13.51
C TYR F 421 -12.76 -24.60 -14.57
N GLU F 422 -13.06 -24.11 -15.78
CA GLU F 422 -13.10 -24.93 -16.99
C GLU F 422 -12.30 -24.20 -18.05
N MET F 423 -11.21 -24.81 -18.50
CA MET F 423 -10.28 -24.13 -19.40
C MET F 423 -10.71 -24.32 -20.85
N HIS F 424 -10.68 -23.23 -21.61
CA HIS F 424 -10.92 -23.25 -23.04
C HIS F 424 -9.70 -22.68 -23.76
N GLY F 425 -9.28 -23.33 -24.83
CA GLY F 425 -8.08 -22.96 -25.55
C GLY F 425 -6.99 -23.99 -25.38
N ASP F 426 -5.99 -23.88 -26.27
CA ASP F 426 -4.88 -24.84 -26.30
C ASP F 426 -3.52 -24.16 -26.25
N THR F 427 -3.45 -22.90 -25.86
CA THR F 427 -2.18 -22.20 -25.72
C THR F 427 -2.22 -21.36 -24.45
N ILE F 428 -1.06 -21.24 -23.80
CA ILE F 428 -1.00 -20.50 -22.54
C ILE F 428 -1.39 -19.04 -22.76
N SER F 429 -1.09 -18.50 -23.94
CA SER F 429 -1.35 -17.09 -24.20
C SER F 429 -2.77 -16.80 -24.63
N THR F 430 -3.60 -17.83 -24.86
CA THR F 430 -4.98 -17.63 -25.27
C THR F 430 -5.99 -18.39 -24.45
N ALA F 431 -5.56 -19.29 -23.56
CA ALA F 431 -6.50 -20.06 -22.77
C ALA F 431 -7.23 -19.14 -21.77
N VAL F 432 -8.51 -19.46 -21.53
CA VAL F 432 -9.33 -18.71 -20.60
C VAL F 432 -10.13 -19.68 -19.74
N TYR F 433 -10.26 -19.36 -18.47
CA TYR F 433 -11.07 -20.14 -17.54
C TYR F 433 -12.50 -19.61 -17.51
N VAL F 434 -13.45 -20.52 -17.45
CA VAL F 434 -14.85 -20.21 -17.17
C VAL F 434 -15.13 -20.72 -15.77
N THR F 435 -15.59 -19.85 -14.88
CA THR F 435 -15.78 -20.18 -13.47
C THR F 435 -17.19 -20.72 -13.29
N ARG F 436 -17.32 -22.02 -13.25
CA ARG F 436 -18.62 -22.61 -12.99
C ARG F 436 -18.81 -22.83 -11.49
N PRO F 437 -20.05 -22.78 -11.01
CA PRO F 437 -20.29 -23.01 -9.59
C PRO F 437 -19.98 -24.43 -9.17
N VAL F 438 -19.59 -24.58 -7.90
CA VAL F 438 -19.38 -25.90 -7.32
C VAL F 438 -20.73 -26.45 -6.92
N ASP F 439 -21.09 -27.61 -7.46
CA ASP F 439 -22.38 -28.21 -7.17
C ASP F 439 -22.46 -28.60 -5.71
N VAL F 440 -23.60 -28.30 -5.08
CA VAL F 440 -23.84 -28.65 -3.69
C VAL F 440 -25.23 -29.27 -3.57
N PRO F 441 -25.48 -30.12 -2.57
CA PRO F 441 -26.80 -30.73 -2.45
C PRO F 441 -27.83 -29.83 -1.80
N PHE F 442 -27.38 -28.97 -0.88
CA PHE F 442 -28.28 -28.12 -0.11
C PHE F 442 -28.44 -26.77 -0.80
N PRO F 443 -29.65 -26.25 -0.97
CA PRO F 443 -29.81 -24.94 -1.62
C PRO F 443 -29.14 -23.81 -0.88
N GLU F 444 -28.83 -23.97 0.41
CA GLU F 444 -28.27 -22.89 1.20
C GLU F 444 -26.95 -22.39 0.63
N ASP F 445 -26.24 -23.20 -0.15
CA ASP F 445 -24.93 -22.84 -0.67
C ASP F 445 -24.91 -22.75 -2.19
N GLU F 446 -26.07 -22.71 -2.82
CA GLU F 446 -26.11 -22.58 -4.27
C GLU F 446 -25.52 -21.24 -4.71
N CYS F 447 -24.86 -21.25 -5.87
CA CYS F 447 -24.23 -20.06 -6.41
C CYS F 447 -24.73 -19.83 -7.83
N PHE F 448 -24.63 -18.58 -8.27
CA PHE F 448 -25.08 -18.23 -9.61
C PHE F 448 -24.15 -18.81 -10.66
N ASP F 449 -24.75 -19.27 -11.76
CA ASP F 449 -23.98 -19.80 -12.89
C ASP F 449 -23.77 -18.71 -13.92
N LEU F 450 -23.02 -17.69 -13.52
CA LEU F 450 -22.75 -16.55 -14.39
C LEU F 450 -21.72 -16.84 -15.47
N LYS F 451 -20.95 -17.92 -15.33
CA LYS F 451 -19.92 -18.27 -16.30
C LYS F 451 -18.91 -17.13 -16.44
N SER F 452 -18.43 -16.64 -15.30
CA SER F 452 -17.45 -15.56 -15.30
C SER F 452 -16.18 -16.00 -16.02
N LEU F 453 -15.57 -15.06 -16.73
CA LEU F 453 -14.39 -15.35 -17.54
C LEU F 453 -13.14 -14.82 -16.85
N VAL F 454 -12.13 -15.68 -16.73
CA VAL F 454 -10.84 -15.31 -16.21
C VAL F 454 -9.81 -15.62 -17.29
N ARG F 455 -8.76 -14.82 -17.34
CA ARG F 455 -7.71 -15.01 -18.33
C ARG F 455 -6.58 -15.82 -17.72
N VAL F 456 -6.17 -16.88 -18.41
CA VAL F 456 -5.21 -17.82 -17.85
C VAL F 456 -3.88 -17.14 -17.60
N LYS F 457 -3.39 -16.37 -18.58
CA LYS F 457 -2.13 -15.66 -18.46
C LYS F 457 -2.37 -14.20 -18.82
N LEU F 458 -2.23 -13.32 -17.84
CA LEU F 458 -2.42 -11.90 -18.06
C LEU F 458 -1.11 -11.26 -18.51
N PRO F 459 -1.06 -10.62 -19.68
CA PRO F 459 0.19 -9.96 -20.10
C PRO F 459 0.66 -8.95 -19.05
N GLY F 460 1.89 -8.51 -19.23
CA GLY F 460 2.46 -7.55 -18.31
C GLY F 460 2.85 -8.21 -17.00
N SER F 461 2.97 -7.36 -15.96
CA SER F 461 3.38 -7.81 -14.65
C SER F 461 2.64 -7.00 -13.60
N GLY F 462 2.65 -7.52 -12.37
CA GLY F 462 1.95 -6.86 -11.29
C GLY F 462 0.44 -6.97 -11.36
N ASN F 463 -0.08 -7.99 -12.03
CA ASN F 463 -1.51 -8.15 -12.14
C ASN F 463 -2.10 -8.55 -10.79
N PRO F 464 -3.41 -8.32 -10.60
CA PRO F 464 -4.04 -8.71 -9.34
C PRO F 464 -4.20 -10.21 -9.24
N PRO F 465 -4.45 -10.74 -8.05
CA PRO F 465 -4.68 -12.18 -7.93
C PRO F 465 -5.91 -12.61 -8.75
N LYS F 466 -5.80 -13.78 -9.34
CA LYS F 466 -6.86 -14.25 -10.22
C LYS F 466 -8.09 -14.64 -9.40
N PRO F 467 -9.29 -14.22 -9.80
CA PRO F 467 -10.49 -14.60 -9.05
C PRO F 467 -10.93 -16.02 -9.36
N ARG F 468 -11.44 -16.69 -8.32
CA ARG F 468 -11.95 -18.05 -8.42
C ARG F 468 -13.26 -18.17 -7.64
N SER F 469 -14.14 -17.19 -7.82
CA SER F 469 -15.31 -17.06 -6.96
C SER F 469 -16.60 -17.03 -7.78
N ALA F 470 -17.69 -17.39 -7.11
CA ALA F 470 -19.04 -17.31 -7.66
C ALA F 470 -19.95 -16.69 -6.63
N LEU F 471 -21.02 -16.06 -7.10
CA LEU F 471 -21.92 -15.30 -6.24
C LEU F 471 -22.98 -16.21 -5.64
N LYS F 472 -23.22 -16.07 -4.34
CA LYS F 472 -24.24 -16.86 -3.68
C LYS F 472 -25.63 -16.47 -4.17
N LYS F 473 -26.49 -17.47 -4.35
CA LYS F 473 -27.84 -17.20 -4.81
C LYS F 473 -28.71 -16.61 -3.70
N SER F 474 -28.35 -16.83 -2.44
CA SER F 474 -29.16 -16.34 -1.32
C SER F 474 -28.94 -14.86 -1.03
N MET F 475 -27.96 -14.23 -1.66
CA MET F 475 -27.64 -12.84 -1.41
C MET F 475 -28.36 -11.88 -2.36
N VAL F 476 -29.16 -12.38 -3.28
CA VAL F 476 -29.77 -11.56 -4.33
C VAL F 476 -31.29 -11.73 -4.25
N LEU F 477 -32.00 -10.62 -4.24
CA LEU F 477 -33.46 -10.60 -4.22
C LEU F 477 -33.97 -10.21 -5.59
N PHE F 478 -34.84 -11.05 -6.15
CA PHE F 478 -35.39 -10.85 -7.49
C PHE F 478 -36.87 -10.53 -7.41
N ASP F 479 -37.39 -10.00 -8.51
CA ASP F 479 -38.81 -9.76 -8.74
C ASP F 479 -39.41 -8.73 -7.80
N SER F 480 -38.63 -8.14 -6.90
CA SER F 480 -39.18 -7.12 -6.02
C SER F 480 -39.63 -5.91 -6.82
N GLY F 481 -40.73 -5.28 -6.38
CA GLY F 481 -41.21 -4.11 -7.08
C GLY F 481 -40.20 -3.00 -7.14
N GLU F 482 -39.25 -2.99 -6.22
CA GLU F 482 -38.23 -1.94 -6.17
C GLU F 482 -37.48 -1.85 -7.49
C10 A1A8R G . 62.21 19.87 -25.40
C13 A1A8R G . 64.76 17.91 -27.10
C15 A1A8R G . 65.92 17.51 -29.28
C20 A1A8R G . 53.59 27.17 -23.47
C21 A1A8R G . 53.71 26.90 -24.98
C22 A1A8R G . 55.13 27.28 -25.48
C24 A1A8R G . 57.46 26.76 -24.59
C26 A1A8R G . 59.09 25.23 -25.79
C28 A1A8R G . 61.23 25.25 -27.15
C01 A1A8R G . 53.43 25.02 -20.32
C02 A1A8R G . 54.88 24.49 -20.48
C03 A1A8R G . 55.31 23.57 -21.67
C04 A1A8R G . 56.76 23.05 -21.82
C05 A1A8R G . 56.83 22.04 -22.99
C06 A1A8R G . 58.24 22.05 -23.61
C07 A1A8R G . 58.76 20.61 -23.77
C08 A1A8R G . 59.84 20.55 -24.87
C09 A1A8R G . 61.03 19.67 -24.43
C11 A1A8R G . 63.21 18.68 -25.27
C12 A1A8R G . 64.50 19.01 -26.06
C14 A1A8R G . 65.94 18.31 -27.97
C16 A1A8R G . 66.92 18.12 -30.26
C18 A1A8R G . 53.25 26.32 -21.10
C23 A1A8R G . 56.12 26.14 -25.11
C25 A1A8R G . 58.50 25.64 -24.41
C27 A1A8R G . 60.64 25.19 -25.70
C29 A1A8R G . 61.64 23.97 -27.94
C30 A1A8R G . 62.72 22.98 -27.43
C31 A1A8R G . 64.13 23.44 -27.95
C32 A1A8R G . 65.00 22.19 -28.30
C33 A1A8R G . 66.14 22.62 -29.26
C34 A1A8R G . 65.89 22.05 -30.67
C35 A1A8R G . 67.13 22.31 -31.54
C36 A1A8R G . 66.76 22.16 -33.02
C37 A1A8R G . 67.67 21.10 -33.66
C39 A1A8R G . 51.86 26.93 -20.81
C44 A1A8R G . 48.32 27.59 -17.75
C45 A1A8R G . 48.25 29.10 -17.96
C47 A1A8R G . 48.13 29.63 -15.63
C48 A1A8R G . 48.75 31.28 -17.19
C49 A1A8R G . 50.25 29.53 -16.69
N19 A1A8R G . 53.37 26.05 -22.52
N46 A1A8R G . 48.85 29.87 -16.86
O17 A1A8R G . 53.18 25.26 -18.98
O38 A1A8R G . 53.69 28.28 -23.05
O40 A1A8R G . 50.99 25.93 -20.31
O42 A1A8R G . 50.09 24.87 -18.11
O43 A1A8R G . 48.86 26.98 -18.92
O50 A1A8R G . 51.20 26.81 -17.88
P41 A1A8R G . 50.29 26.14 -18.79
H101 A1A8R G . 62.71 20.80 -25.17
H102 A1A8R G . 61.83 19.90 -26.42
H131 A1A8R G . 63.88 17.79 -27.72
H132 A1A8R G . 64.98 16.99 -26.59
H152 A1A8R G . 64.93 17.55 -29.71
H151 A1A8R G . 66.19 16.48 -29.08
H212 A1A8R G . 52.97 27.49 -25.51
H211 A1A8R G . 53.53 25.85 -25.18
H221 A1A8R G . 55.44 28.19 -25.00
H222 A1A8R G . 55.12 27.40 -26.55
H241 A1A8R G . 57.28 27.24 -23.62
H242 A1A8R G . 57.82 27.50 -25.29
H261 A1A8R G . 58.72 24.26 -26.05
H262 A1A8R G . 58.79 25.95 -26.54
H281 A1A8R G . 61.37 26.22 -27.61
H011 A1A8R G . 52.73 24.28 -20.69
H2 A1A8R G . 55.63 24.79 -19.75
H3 A1A8R G . 54.57 23.28 -22.40
H041 A1A8R G . 57.06 22.56 -20.91
H042 A1A8R G . 57.41 23.89 -22.01
H052 A1A8R G . 56.60 21.05 -22.62
H051 A1A8R G . 56.10 22.33 -23.74
H062 A1A8R G . 58.92 22.61 -22.97
H061 A1A8R G . 58.20 22.53 -24.58
H071 A1A8R G . 59.19 20.27 -22.83
H072 A1A8R G . 57.94 19.95 -24.03
H081 A1A8R G . 59.41 20.14 -25.78
H082 A1A8R G . 60.20 21.56 -25.07
H092 A1A8R G . 60.72 18.63 -24.44
H091 A1A8R G . 61.33 19.94 -23.42
H111 A1A8R G . 63.46 18.54 -24.22
H112 A1A8R G . 62.76 17.78 -25.66
H121 A1A8R G . 65.34 19.08 -25.38
H122 A1A8R G . 64.37 19.96 -26.58
H142 A1A8R G . 66.86 18.11 -27.44
H141 A1A8R G . 65.89 19.37 -28.19
H162 A1A8R G . 67.43 17.32 -30.79
H163 A1A8R G . 66.40 18.75 -30.96
H161 A1A8R G . 67.65 18.71 -29.70
H181 A1A8R G . 54.02 27.02 -20.81
H232 A1A8R G . 55.69 25.51 -24.33
H231 A1A8R G . 56.32 25.54 -25.99
H251 A1A8R G . 58.03 24.79 -23.96
H252 A1A8R G . 59.29 25.99 -23.77
H272 A1A8R G . 60.96 24.27 -25.23
H271 A1A8R G . 61.00 26.03 -25.14
H4 A1A8R G . 61.14 23.78 -28.89
H302 A1A8R G . 62.50 21.98 -27.80
H301 A1A8R G . 62.72 22.96 -26.34
H311 A1A8R G . 64.00 24.05 -28.83
H312 A1A8R G . 64.62 24.02 -27.17
H322 A1A8R G . 65.43 21.79 -27.38
H321 A1A8R G . 64.40 21.44 -28.78
H332 A1A8R G . 67.09 22.24 -28.88
H331 A1A8R G . 66.18 23.70 -29.31
H342 A1A8R G . 65.71 20.98 -30.60
H341 A1A8R G . 65.03 22.53 -31.11
H351 A1A8R G . 67.49 23.31 -31.37
H352 A1A8R G . 67.90 21.60 -31.29
H362 A1A8R G . 65.73 21.85 -33.11
H361 A1A8R G . 66.91 23.11 -33.52
H371 A1A8R G . 68.70 21.44 -33.64
H373 A1A8R G . 67.59 20.17 -33.10
H372 A1A8R G . 67.36 20.93 -34.68
H391 A1A8R G . 51.46 27.34 -21.72
H392 A1A8R G . 51.97 27.72 -20.07
H441 A1A8R G . 48.94 27.32 -16.90
H442 A1A8R G . 47.31 27.21 -17.59
H451 A1A8R G . 48.77 29.36 -18.88
H452 A1A8R G . 47.21 29.39 -18.05
H472 A1A8R G . 48.52 30.30 -14.85
H473 A1A8R G . 47.08 29.86 -15.78
H471 A1A8R G . 48.24 28.61 -15.30
H481 A1A8R G . 49.44 31.50 -18.01
H482 A1A8R G . 49.02 31.88 -16.32
H483 A1A8R G . 47.74 31.52 -17.49
H491 A1A8R G . 50.67 29.23 -17.65
H493 A1A8R G . 50.36 28.72 -15.98
H492 A1A8R G . 50.78 30.41 -16.33
H191 A1A8R G . 53.28 25.10 -22.86
H171 A1A8R G . 53.30 24.46 -18.50
C10 A1A8R H . 56.82 17.48 -34.59
C13 A1A8R H . 59.49 15.84 -36.88
C15 A1A8R H . 61.93 15.39 -36.52
C20 A1A8R H . 46.63 20.56 -33.61
C21 A1A8R H . 46.77 19.35 -34.57
C22 A1A8R H . 48.24 19.24 -35.05
C24 A1A8R H . 49.73 17.50 -33.88
C26 A1A8R H . 50.79 15.43 -34.87
C28 A1A8R H . 52.28 14.14 -36.50
C01 A1A8R H . 47.64 23.10 -32.20
C02 A1A8R H . 49.03 22.87 -32.85
C03 A1A8R H . 50.11 21.98 -32.16
C04 A1A8R H . 51.60 21.99 -32.57
C05 A1A8R H . 51.88 20.86 -33.58
C06 A1A8R H . 52.77 19.76 -32.97
C07 A1A8R H . 53.74 19.23 -34.06
C08 A1A8R H . 54.66 18.14 -33.45
C09 A1A8R H . 55.28 17.30 -34.59
C11 A1A8R H . 57.42 16.55 -35.68
C12 A1A8R H . 58.94 16.78 -35.80
C14 A1A8R H . 60.91 16.24 -37.27
C16 A1A8R H . 63.25 15.39 -37.29
C18 A1A8R H . 46.52 23.08 -33.23
C23 A1A8R H . 48.71 17.76 -35.03
C25 A1A8R H . 51.03 16.91 -34.46
C27 A1A8R H . 52.15 14.71 -35.05
C29 A1A8R H . 53.61 13.54 -37.03
C30 A1A8R H . 54.98 14.28 -36.87
C31 A1A8R H . 55.94 13.86 -38.03
C32 A1A8R H . 57.10 13.00 -37.46
C33 A1A8R H . 58.08 12.60 -38.60
C34 A1A8R H . 59.52 12.54 -38.06
C35 A1A8R H . 60.23 11.26 -38.55
C36 A1A8R H . 60.68 11.44 -39.99
C37 A1A8R H . 61.80 10.44 -40.31
C39 A1A8R H . 45.18 22.99 -32.47
C44 A1A8R H . 42.26 22.33 -34.54
C45 A1A8R H . 41.38 22.25 -35.80
C47 A1A8R H . 40.69 19.96 -35.91
C48 A1A8R H . 39.25 21.67 -36.63
C49 A1A8R H . 39.64 21.39 -34.34
N19 A1A8R H . 46.65 21.95 -34.13
N46 A1A8R H . 40.26 21.32 -35.65
O17 A1A8R H . 47.65 24.33 -31.58
O38 A1A8R H . 46.50 20.36 -32.45
O40 A1A8R H . 44.29 24.03 -32.85
O42 A1A8R H . 42.57 22.96 -31.25
O43 A1A8R H . 41.75 23.32 -33.66
O50 A1A8R H . 42.14 25.09 -31.84
P41 A1A8R H . 42.68 23.86 -32.39
H101 A1A8R H . 57.06 18.51 -34.82
H102 A1A8R H . 57.22 17.23 -33.62
H131 A1A8R H . 58.85 15.89 -37.75
H132 A1A8R H . 59.48 14.82 -36.50
H152 A1A8R H . 61.58 14.37 -36.43
H151 A1A8R H . 62.10 15.80 -35.52
H212 A1A8R H . 46.12 19.50 -35.42
H211 A1A8R H . 46.48 18.45 -34.05
H221 A1A8R H . 48.87 19.85 -34.41
H222 A1A8R H . 48.31 19.62 -36.06
H241 A1A8R H . 49.97 18.42 -33.36
H242 A1A8R H . 49.30 16.79 -33.17
H261 A1A8R H . 50.23 15.40 -35.80
H262 A1A8R H . 50.22 14.93 -34.08
H281 A1A8R H . 51.42 14.17 -37.15
H011 A1A8R H . 47.47 22.34 -31.46
H2 A1A8R H . 49.26 23.33 -33.80
H3 A1A8R H . 49.80 21.33 -31.35
H041 A1A8R H . 52.20 21.85 -31.69
H042 A1A8R H . 51.83 22.94 -33.02
H052 A1A8R H . 50.94 20.41 -33.90
H051 A1A8R H . 52.37 21.28 -34.45
H062 A1A8R H . 52.15 18.95 -32.60
H061 A1A8R H . 53.35 20.16 -32.15
H071 A1A8R H . 53.15 18.80 -34.87
H072 A1A8R H . 54.33 20.04 -34.44
H081 A1A8R H . 54.08 17.49 -32.81
H082 A1A8R H . 55.45 18.61 -32.87
H092 A1A8R H . 55.05 16.26 -34.44
H091 A1A8R H . 54.88 17.62 -35.54
H111 A1A8R H . 56.95 16.76 -36.64
H112 A1A8R H . 57.23 15.52 -35.41
H121 A1A8R H . 59.13 17.81 -36.07
H122 A1A8R H . 59.42 16.56 -34.85
H142 A1A8R H . 61.03 16.09 -38.34
H141 A1A8R H . 61.07 17.29 -37.03
H162 A1A8R H . 63.28 16.24 -37.96
H163 A1A8R H . 64.08 15.47 -36.60
H161 A1A8R H . 63.34 14.48 -37.86
H181 A1A8R H . 46.54 24.00 -33.80
H232 A1A8R H . 49.19 17.53 -35.99
H231 A1A8R H . 47.86 17.10 -34.92
H251 A1A8R H . 51.81 16.95 -33.71
H252 A1A8R H . 51.33 17.47 -35.32
H272 A1A8R H . 52.23 13.89 -34.34
H271 A1A8R H . 52.96 15.41 -34.87
H4 A1A8R H . 53.58 12.58 -37.52
H302 A1A8R H . 54.81 15.35 -36.90
H301 A1A8R H . 55.43 14.00 -35.91
H311 A1A8R H . 56.35 14.75 -38.50
H312 A1A8R H . 55.38 13.28 -38.78
H322 A1A8R H . 56.69 12.11 -37.00
H321 A1A8R H . 57.63 13.58 -36.71
H332 A1A8R H . 57.79 11.62 -38.98
H331 A1A8R H . 58.02 13.32 -39.39
H342 A1A8R H . 59.51 12.53 -36.97
H341 A1A8R H . 60.07 13.41 -38.40
H351 A1A8R H . 59.55 10.42 -38.48
H352 A1A8R H . 61.10 11.08 -37.93
H362 A1A8R H . 59.83 11.26 -40.66
H361 A1A8R H . 61.04 12.45 -40.15
H371 A1A8R H . 62.68 10.70 -39.73
H373 A1A8R H . 62.04 10.47 -41.37
H372 A1A8R H . 61.48 9.44 -40.04
H391 A1A8R H . 45.36 23.06 -31.40
H392 A1A8R H . 44.70 22.04 -32.69
H441 A1A8R H . 42.30 21.35 -34.03
H442 A1A8R H . 43.27 22.61 -34.82
H451 A1A8R H . 40.99 23.23 -36.00
H452 A1A8R H . 41.99 21.93 -36.62
H472 A1A8R H . 41.55 19.72 -35.27
H473 A1A8R H . 39.88 19.27 -35.71
H471 A1A8R H . 40.98 19.88 -36.95
H481 A1A8R H . 38.66 22.51 -36.27
H482 A1A8R H . 38.60 20.82 -36.81
H483 A1A8R H . 39.74 21.95 -37.56
H491 A1A8R H . 38.65 20.96 -34.38
H493 A1A8R H . 39.57 22.42 -34.02
H492 A1A8R H . 40.23 20.83 -33.62
H191 A1A8R H . 46.76 22.11 -35.12
H171 A1A8R H . 47.11 24.30 -30.80
C10 A1A8R I . 60.35 12.63 -26.68
C13 A1A8R I . 62.38 11.40 -29.74
C15 A1A8R I . 63.98 10.15 -31.16
C20 A1A8R I . 50.18 16.61 -25.37
C21 A1A8R I . 50.86 17.64 -26.31
C22 A1A8R I . 52.08 18.27 -25.60
C24 A1A8R I . 54.51 17.86 -24.96
C26 A1A8R I . 56.40 16.64 -26.11
C28 A1A8R I . 58.79 17.29 -26.67
C01 A1A8R I . 49.72 13.22 -24.96
C02 A1A8R I . 51.16 13.66 -24.51
C03 A1A8R I . 52.45 12.87 -24.87
C04 A1A8R I . 53.83 13.54 -24.71
C05 A1A8R I . 54.83 12.67 -23.91
C06 A1A8R I . 56.21 13.38 -23.94
C07 A1A8R I . 57.32 12.43 -24.46
C08 A1A8R I . 58.52 13.22 -25.04
C09 A1A8R I . 58.82 12.80 -26.49
C11 A1A8R I . 60.63 12.22 -28.15
C12 A1A8R I . 62.15 12.07 -28.38
C14 A1A8R I . 63.84 11.06 -29.92
C16 A1A8R I . 65.38 10.24 -31.74
C18 A1A8R I . 48.85 14.47 -25.06
C23 A1A8R I . 53.22 17.22 -25.58
C25 A1A8R I . 55.61 17.97 -26.04
C27 A1A8R I . 57.45 16.71 -27.23
C29 A1A8R I . 60.14 17.10 -27.42
C30 A1A8R I . 60.32 16.01 -28.53
C31 A1A8R I . 61.70 16.14 -29.25
C32 A1A8R I . 61.52 15.66 -30.73
C33 A1A8R I . 62.84 15.81 -31.53
C34 A1A8R I . 63.70 14.53 -31.40
C35 A1A8R I . 63.55 13.67 -32.67
C36 A1A8R I . 64.42 14.22 -33.79
C37 A1A8R I . 64.61 13.13 -34.86
C39 A1A8R I . 47.45 14.14 -25.60
C44 A1A8R I . 43.72 15.82 -28.73
C45 A1A8R I . 42.91 14.52 -28.82
C47 A1A8R I . 41.66 14.88 -30.81
C48 A1A8R I . 42.24 12.71 -30.16
C49 A1A8R I . 43.91 14.14 -30.99
N19 A1A8R I . 49.48 15.43 -25.95
N46 A1A8R I . 42.69 14.08 -30.20
O17 A1A8R I . 49.19 12.37 -24.02
O38 A1A8R I . 50.21 16.76 -24.21
O40 A1A8R I . 46.98 15.27 -26.34
O42 A1A8R I . 44.57 14.35 -26.05
O43 A1A8R I . 45.05 15.52 -28.29
O50 A1A8R I . 44.78 16.59 -25.97
P41 A1A8R I . 45.33 15.42 -26.66
H101 A1A8R I . 60.70 11.85 -26.02
H102 A1A8R I . 60.85 13.55 -26.46
H131 A1A8R I . 62.07 12.08 -30.52
H132 A1A8R I . 61.79 10.50 -29.80
H152 A1A8R I . 63.25 10.45 -31.90
H151 A1A8R I . 63.77 9.12 -30.85
H212 A1A8R I . 50.15 18.42 -26.57
H211 A1A8R I . 51.19 17.14 -27.21
H221 A1A8R I . 51.81 18.54 -24.58
H222 A1A8R I . 52.41 19.15 -26.14
H241 A1A8R I . 54.28 18.85 -24.57
H242 A1A8R I . 54.87 17.23 -24.14
H261 A1A8R I . 56.89 16.47 -25.16
H262 A1A8R I . 55.70 15.82 -26.31
H281 A1A8R I . 58.77 17.83 -25.74
H011 A1A8R I . 49.78 12.72 -25.92
H2 A1A8R I . 51.25 14.55 -23.91
H3 A1A8R I . 52.38 11.87 -25.25
H041 A1A8R I . 54.24 13.74 -25.68
H042 A1A8R I . 53.70 14.47 -24.18
H052 A1A8R I . 54.90 11.69 -24.35
H051 A1A8R I . 54.50 12.58 -22.88
H062 A1A8R I . 56.47 13.70 -22.93
H061 A1A8R I . 56.14 14.25 -24.59
H071 A1A8R I . 57.67 11.82 -23.64
H072 A1A8R I . 56.90 11.78 -25.22
H081 A1A8R I . 59.39 13.04 -24.44
H082 A1A8R I . 58.30 14.29 -25.02
H092 A1A8R I . 58.47 13.56 -27.18
H091 A1A8R I . 58.34 11.85 -26.73
H111 A1A8R I . 60.23 12.97 -28.83
H112 A1A8R I . 60.14 11.26 -28.36
H121 A1A8R I . 62.58 11.45 -27.60
H122 A1A8R I . 62.61 13.04 -28.37
H142 A1A8R I . 64.41 11.97 -30.09
H141 A1A8R I . 64.21 10.55 -29.05
H162 A1A8R I . 65.67 9.27 -32.13
H163 A1A8R I . 66.07 10.54 -30.97
H161 A1A8R I . 65.39 10.97 -32.54
H181 A1A8R I . 48.74 14.91 -24.07
H232 A1A8R I . 52.91 16.37 -24.97
H231 A1A8R I . 53.43 16.88 -26.59
H251 A1A8R I . 56.28 18.77 -25.77
H252 A1A8R I . 55.16 18.16 -27.00
H272 A1A8R I . 57.10 17.36 -28.03
H271 A1A8R I . 57.63 15.73 -27.62
H4 A1A8R I . 60.98 17.74 -27.17
H302 A1A8R I . 60.24 15.03 -28.07
H301 A1A8R I . 59.52 16.11 -29.27
H311 A1A8R I . 62.03 17.16 -29.24
H312 A1A8R I . 62.44 15.51 -28.75
H322 A1A8R I . 60.75 16.27 -31.21
H321 A1A8R I . 61.21 14.62 -30.74
H332 A1A8R I . 63.41 16.67 -31.16
H331 A1A8R I . 62.61 15.97 -32.57
H342 A1A8R I . 63.37 13.96 -30.54
H341 A1A8R I . 64.74 14.81 -31.27
H351 A1A8R I . 63.82 12.65 -32.45
H352 A1A8R I . 62.51 13.70 -32.99
H362 A1A8R I . 63.96 15.08 -34.24
H361 A1A8R I . 65.39 14.49 -33.39
H371 A1A8R I . 63.63 12.73 -35.15
H373 A1A8R I . 65.23 12.33 -34.47
H372 A1A8R I . 65.09 13.55 -35.74
H391 A1A8R I . 47.50 13.26 -26.26
H392 A1A8R I . 46.77 13.94 -24.78
H441 A1A8R I . 43.75 16.34 -29.68
H442 A1A8R I . 43.26 16.48 -27.99
H451 A1A8R I . 43.46 13.74 -28.28
H452 A1A8R I . 41.97 14.68 -28.33
H472 A1A8R I . 41.91 15.94 -30.76
H473 A1A8R I . 40.72 14.71 -30.29
H471 A1A8R I . 41.55 14.59 -31.84
H481 A1A8R I . 41.76 12.46 -31.09
H482 A1A8R I . 41.53 12.58 -29.34
H483 A1A8R I . 43.09 12.05 -30.00
H491 A1A8R I . 43.87 13.37 -31.75
H493 A1A8R I . 44.77 13.98 -30.35
H492 A1A8R I . 43.98 15.11 -31.47
H191 A1A8R I . 49.45 15.29 -26.94
H171 A1A8R I . 48.42 12.77 -23.64
C1 CLR J . 55.80 23.13 -27.63
C2 CLR J . 54.49 23.40 -26.91
C3 CLR J . 53.39 23.72 -27.88
C4 CLR J . 53.24 22.60 -28.91
C5 CLR J . 54.55 22.22 -29.55
C6 CLR J . 54.68 22.24 -30.88
C7 CLR J . 55.84 21.67 -31.63
C8 CLR J . 56.88 21.02 -30.72
C9 CLR J . 57.04 21.85 -29.43
C10 CLR J . 55.72 21.95 -28.62
C11 CLR J . 58.24 21.34 -28.62
C12 CLR J . 59.55 21.19 -29.42
C13 CLR J . 59.37 20.32 -30.66
C14 CLR J . 58.21 20.95 -31.45
C15 CLR J . 58.24 20.27 -32.81
C16 CLR J . 59.73 20.06 -33.06
C17 CLR J . 60.48 20.40 -31.75
C18 CLR J . 59.09 18.86 -30.29
C19 CLR J . 55.42 20.66 -27.86
C20 CLR J . 61.77 19.57 -31.58
C21 CLR J . 62.43 19.75 -30.22
C22 CLR J . 62.78 19.90 -32.70
C23 CLR J . 63.81 18.81 -32.94
C24 CLR J . 64.69 19.08 -34.16
C25 CLR J . 65.45 17.84 -34.66
C26 CLR J . 66.29 18.18 -35.89
C27 CLR J . 66.32 17.21 -33.58
O1 CLR J . 52.19 23.92 -27.16
H11 CLR J . 56.50 22.95 -26.99
H12 CLR J . 56.08 23.93 -28.11
H21 CLR J . 54.61 24.14 -26.29
H22 CLR J . 54.23 22.64 -26.38
H3 CLR J . 53.63 24.54 -28.36
H41 CLR J . 52.62 22.87 -29.61
H42 CLR J . 52.85 21.84 -28.46
H6 CLR J . 54.19 22.88 -31.34
H71 CLR J . 56.25 22.37 -32.16
H72 CLR J . 55.51 21.02 -32.26
H8 CLR J . 56.58 20.13 -30.50
H9 CLR J . 57.26 22.75 -29.72
H111 CLR J . 58.03 20.48 -28.21
H112 CLR J . 58.40 21.94 -27.88
H121 CLR J . 60.22 20.78 -28.85
H122 CLR J . 59.87 22.07 -29.64
H14 CLR J . 58.46 21.87 -31.60
H151 CLR J . 57.81 20.81 -33.50
H152 CLR J . 57.75 19.43 -32.78
H161 CLR J . 60.05 20.61 -33.80
H162 CLR J . 59.92 19.14 -33.31
H17 CLR J . 60.76 21.33 -31.78
H181 CLR J . 58.92 18.30 -31.07
H182 CLR J . 58.32 18.77 -29.72
H183 CLR J . 59.84 18.47 -29.83
H191 CLR J . 55.59 19.87 -28.40
H192 CLR J . 54.50 20.61 -27.56
H193 CLR J . 55.99 20.58 -27.07
H20 CLR J . 61.52 18.64 -31.67
H211 CLR J . 63.27 19.27 -30.18
H212 CLR J . 61.88 19.44 -29.49
H213 CLR J . 62.63 20.69 -30.04
H221 CLR J . 63.22 20.73 -32.48
H222 CLR J . 62.31 20.06 -33.52
H231 CLR J . 63.36 17.96 -33.07
H232 CLR J . 64.37 18.70 -32.15
H241 CLR J . 65.34 19.77 -33.94
H242 CLR J . 64.15 19.42 -34.87
H25 CLR J . 64.78 17.18 -34.93
H261 CLR J . 66.74 17.40 -36.24
H262 CLR J . 66.96 18.84 -35.68
H263 CLR J . 65.72 18.53 -36.60
H271 CLR J . 66.81 16.45 -33.94
H272 CLR J . 65.80 16.89 -32.82
H273 CLR J . 66.97 17.84 -33.25
H1 CLR J . 51.57 24.11 -27.71
C1 CLR K . 52.16 14.78 -31.35
C2 CLR K . 50.80 15.21 -30.82
C3 CLR K . 50.34 14.28 -29.71
C4 CLR K . 51.38 14.31 -28.60
C5 CLR K . 52.75 13.93 -29.08
C6 CLR K . 53.45 13.01 -28.43
C7 CLR K . 54.81 12.54 -28.80
C8 CLR K . 55.49 13.39 -29.87
C9 CLR K . 54.47 13.89 -30.91
C10 CLR K . 53.28 14.68 -30.29
C11 CLR K . 55.20 14.64 -32.02
C12 CLR K . 56.30 13.82 -32.70
C13 CLR K . 57.33 13.27 -31.70
C14 CLR K . 56.52 12.55 -30.60
C15 CLR K . 57.57 11.82 -29.79
C16 CLR K . 58.56 11.34 -30.86
C17 CLR K . 58.20 12.08 -32.18
C18 CLR K . 58.20 14.39 -31.13
C19 CLR K . 53.68 16.09 -29.85
C20 CLR K . 59.44 12.33 -33.04
C21 CLR K . 59.19 13.24 -34.23
C22 CLR K . 60.01 10.97 -33.51
C23 CLR K . 61.36 11.00 -34.22
C24 CLR K . 61.96 9.61 -34.34
C25 CLR K . 63.39 9.55 -34.86
C26 CLR K . 63.43 9.98 -36.33
C27 CLR K . 64.01 8.17 -34.70
O1 CLR K . 49.07 14.69 -29.25
H11 CLR K . 52.43 15.41 -32.03
H12 CLR K . 52.05 13.92 -31.79
H21 CLR K . 50.15 15.20 -31.54
H22 CLR K . 50.84 16.11 -30.48
H3 CLR K . 50.31 13.38 -30.07
H41 CLR K . 51.11 13.71 -27.88
H42 CLR K . 51.38 15.20 -28.21
H6 CLR K . 53.04 12.56 -27.73
H71 CLR K . 54.76 11.62 -29.11
H72 CLR K . 55.37 12.52 -28.00
H8 CLR K . 55.92 14.15 -29.45
H9 CLR K . 54.08 13.10 -31.31
H111 CLR K . 55.59 15.46 -31.69
H112 CLR K . 54.56 14.93 -32.70
H121 CLR K . 56.77 14.38 -33.35
H122 CLR K . 55.88 13.11 -33.21
H14 CLR K . 56.01 11.86 -31.07
H151 CLR K . 57.18 11.08 -29.28
H152 CLR K . 57.98 12.41 -29.14
H161 CLR K . 58.51 10.38 -30.97
H162 CLR K . 59.47 11.55 -30.60
H17 CLR K . 57.61 11.51 -32.69
H181 CLR K . 58.86 14.08 -30.51
H182 CLR K . 57.68 15.08 -30.68
H183 CLR K . 58.68 14.84 -31.85
H191 CLR K . 54.47 16.08 -29.28
H192 CLR K . 52.97 16.52 -29.33
H193 CLR K . 53.89 16.66 -30.59
H20 CLR K . 60.12 12.73 -32.48
H211 CLR K . 59.97 13.29 -34.80
H212 CLR K . 58.97 14.14 -33.96
H213 CLR K . 58.45 12.92 -34.77
H221 CLR K . 59.36 10.55 -34.09
H222 CLR K . 60.10 10.38 -32.75
H231 CLR K . 61.96 11.58 -33.74
H232 CLR K . 61.26 11.40 -35.10
H241 CLR K . 61.40 9.06 -34.91
H242 CLR K . 61.93 9.19 -33.47
H25 CLR K . 63.92 10.18 -34.35
H261 CLR K . 64.34 9.94 -36.69
H262 CLR K . 63.12 10.89 -36.44
H263 CLR K . 62.88 9.40 -36.88
H271 CLR K . 64.92 8.15 -35.05
H272 CLR K . 63.51 7.48 -35.18
H273 CLR K . 64.05 7.90 -33.77
H1 CLR K . 48.49 14.46 -29.84
C10 A1A8R L . 57.76 0.59 -23.36
C13 A1A8R L . 61.26 1.28 -24.90
C15 A1A8R L . 63.67 1.18 -25.55
C20 A1A8R L . 48.11 -2.21 -17.85
C21 A1A8R L . 49.18 -2.42 -16.77
C22 A1A8R L . 50.57 -1.93 -17.28
C24 A1A8R L . 52.67 -2.80 -18.42
C26 A1A8R L . 54.67 -2.94 -19.97
C28 A1A8R L . 56.97 -3.87 -19.46
C01 A1A8R L . 47.57 -0.01 -20.80
C02 A1A8R L . 49.10 -0.26 -20.89
C03 A1A8R L . 50.06 0.75 -21.57
C04 A1A8R L . 51.59 0.70 -21.34
C05 A1A8R L . 52.35 0.89 -22.67
C06 A1A8R L . 53.68 1.63 -22.39
C07 A1A8R L . 54.65 1.43 -23.58
C08 A1A8R L . 55.91 2.31 -23.39
C09 A1A8R L . 56.94 1.58 -22.51
C11 A1A8R L . 58.83 1.34 -24.20
C12 A1A8R L . 60.17 0.58 -24.09
C14 A1A8R L . 62.60 0.64 -24.59
C16 A1A8R L . 65.04 0.70 -25.10
C18 A1A8R L . 46.98 -0.73 -19.59
C23 A1A8R L . 51.11 -2.89 -18.38
C25 A1A8R L . 53.19 -3.37 -19.75
C27 A1A8R L . 55.59 -4.18 -20.11
C29 A1A8R L . 58.33 -4.15 -20.19
C30 A1A8R L . 58.68 -3.52 -21.58
C31 A1A8R L . 60.13 -3.93 -21.99
C32 A1A8R L . 60.64 -2.97 -23.10
C33 A1A8R L . 62.19 -2.97 -23.25
C34 A1A8R L . 62.83 -4.29 -22.77
C35 A1A8R L . 64.18 -4.48 -23.49
C36 A1A8R L . 65.16 -3.39 -23.07
C37 A1A8R L . 66.59 -3.83 -23.38
C39 A1A8R L . 45.84 0.12 -18.99
C44 A1A8R L . 42.21 -0.31 -18.38
C45 A1A8R L . 41.51 -1.43 -19.16
C47 A1A8R L . 39.50 -2.42 -19.88
C48 A1A8R L . 39.94 -0.21 -20.51
C49 A1A8R L . 39.38 -0.73 -18.26
N19 A1A8R L . 48.00 -0.92 -18.56
N46 A1A8R L . 40.09 -1.18 -19.45
O17 A1A8R L . 46.95 -0.48 -21.94
O38 A1A8R L . 47.36 -3.09 -18.12
O40 A1A8R L . 44.77 0.21 -19.92
O42 A1A8R L . 44.18 2.54 -18.95
O43 A1A8R L . 42.21 0.89 -19.15
O50 A1A8R L . 43.45 2.14 -21.04
P41 A1A8R L . 43.65 1.46 -19.77
H101 A1A8R L . 58.25 -0.12 -22.71
H102 A1A8R L . 57.09 0.06 -24.03
H131 A1A8R L . 61.29 2.34 -24.62
H132 A1A8R L . 61.04 1.19 -25.95
H152 A1A8R L . 63.65 2.27 -25.55
H151 A1A8R L . 63.47 0.82 -26.55
H212 A1A8R L . 48.92 -1.86 -15.88
H211 A1A8R L . 49.25 -3.48 -16.52
H221 A1A8R L . 50.48 -0.94 -17.68
H222 A1A8R L . 51.26 -1.94 -16.45
H241 A1A8R L . 52.97 -1.75 -18.34
H242 A1A8R L . 53.10 -3.35 -17.60
H261 A1A8R L . 55.00 -2.34 -19.13
H262 A1A8R L . 54.73 -2.34 -20.88
H281 A1A8R L . 56.99 -3.46 -18.46
H011 A1A8R L . 47.38 1.05 -20.71
H2 A1A8R L . 49.51 -1.17 -20.48
H3 A1A8R L . 49.66 1.50 -22.24
H041 A1A8R L . 51.87 1.50 -20.66
H042 A1A8R L . 51.85 -0.25 -20.90
H052 A1A8R L . 52.56 -0.08 -23.10
H051 A1A8R L . 51.75 1.47 -23.35
H062 A1A8R L . 53.49 2.68 -22.24
H061 A1A8R L . 54.13 1.22 -21.49
H071 A1A8R L . 54.15 1.72 -24.50
H072 A1A8R L . 54.94 0.39 -23.66
H081 A1A8R L . 55.63 3.25 -22.92
H082 A1A8R L . 56.34 2.53 -24.36
H092 A1A8R L . 57.60 2.30 -22.05
H091 A1A8R L . 56.41 1.03 -21.73
H111 A1A8R L . 58.52 1.37 -25.24
H112 A1A8R L . 58.96 2.35 -23.82
H121 A1A8R L . 60.04 -0.43 -24.48
H122 A1A8R L . 60.47 0.53 -23.05
H142 A1A8R L . 62.89 0.87 -23.58
H141 A1A8R L . 62.52 -0.43 -24.71
H162 A1A8R L . 65.63 0.42 -25.96
H163 A1A8R L . 64.93 -0.15 -24.44
H161 A1A8R L . 65.55 1.50 -24.57
H181 A1A8R L . 46.59 -1.70 -19.89
H232 A1A8R L . 50.69 -2.61 -19.33
H231 A1A8R L . 50.82 -3.91 -18.14
H251 A1A8R L . 52.59 -2.99 -20.56
H252 A1A8R L . 53.12 -4.44 -19.73
H272 A1A8R L . 55.73 -4.41 -21.16
H271 A1A8R L . 55.15 -5.04 -19.61
H4 A1A8R L . 59.05 -4.79 -19.70
H302 A1A8R L . 58.60 -2.44 -21.51
H301 A1A8R L . 57.97 -3.89 -22.33
H311 A1A8R L . 60.11 -4.94 -22.36
H312 A1A8R L . 60.78 -3.87 -21.12
H322 A1A8R L . 60.32 -1.95 -22.86
H321 A1A8R L . 60.20 -3.25 -24.05
H332 A1A8R L . 62.60 -2.15 -22.65
H331 A1A8R L . 62.44 -2.80 -24.28
H342 A1A8R L . 62.98 -4.27 -21.70
H341 A1A8R L . 62.19 -5.13 -23.04
H351 A1A8R L . 64.60 -5.44 -23.21
H352 A1A8R L . 64.04 -4.44 -24.56
H362 A1A8R L . 65.06 -3.19 -22.01
H361 A1A8R L . 64.92 -2.47 -23.62
H371 A1A8R L . 67.25 -2.98 -23.29
H373 A1A8R L . 66.63 -4.21 -24.41
H372 A1A8R L . 66.89 -4.61 -22.70
H391 A1A8R L . 46.21 1.12 -18.77
H392 A1A8R L . 45.48 -0.35 -18.08
H441 A1A8R L . 43.25 -0.61 -18.20
H442 A1A8R L . 41.73 -0.14 -17.43
H451 A1A8R L . 42.03 -1.58 -20.09
H452 A1A8R L . 41.58 -2.34 -18.58
H472 A1A8R L . 38.47 -2.26 -20.17
H473 A1A8R L . 39.53 -3.14 -19.07
H471 A1A8R L . 40.06 -2.80 -20.73
H481 A1A8R L . 40.13 0.80 -20.13
H482 A1A8R L . 40.63 -0.43 -21.32
H483 A1A8R L . 38.92 -0.24 -20.89
H491 A1A8R L . 39.70 -1.33 -17.41
H493 A1A8R L . 39.61 0.32 -18.07
H492 A1A8R L . 38.32 -0.85 -18.41
H191 A1A8R L . 48.64 -0.17 -18.34
H171 A1A8R L . 46.26 0.12 -22.19
C10 A1A8R M . 60.85 2.25 -12.55
C13 A1A8R M . 63.66 1.09 -14.90
C15 A1A8R M . 65.78 0.69 -16.16
C20 A1A8R M . 53.04 4.77 -6.41
C21 A1A8R M . 53.97 5.74 -5.64
C22 A1A8R M . 55.45 5.47 -6.02
C24 A1A8R M . 57.17 5.76 -7.87
C26 A1A8R M . 59.16 6.56 -9.19
C28 A1A8R M . 61.19 7.52 -10.36
C01 A1A8R M . 51.38 2.68 -7.77
C02 A1A8R M . 52.66 2.40 -8.61
C03 A1A8R M . 53.01 3.21 -9.90
C04 A1A8R M . 54.21 2.84 -10.78
C05 A1A8R M . 55.32 3.90 -10.61
C06 A1A8R M . 56.70 3.26 -10.83
C07 A1A8R M . 57.49 4.08 -11.91
C08 A1A8R M . 59.01 3.80 -11.77
C09 A1A8R M . 59.46 2.84 -12.89
C11 A1A8R M . 61.71 2.21 -13.84
C12 A1A8R M . 63.04 1.48 -13.56
C14 A1A8R M . 65.17 0.88 -14.76
C16 A1A8R M . 67.27 1.02 -16.11
C18 A1A8R M . 51.69 2.52 -6.28
C23 A1A8R M . 55.79 6.24 -7.32
C25 A1A8R M . 57.63 6.67 -9.01
C27 A1A8R M . 59.66 7.67 -10.15
C29 A1A8R M . 61.81 6.97 -11.68
C30 A1A8R M . 62.28 5.48 -11.83
C31 A1A8R M . 63.78 5.45 -12.25
C32 A1A8R M . 64.63 4.79 -11.11
C33 A1A8R M . 66.14 4.88 -11.48
C34 A1A8R M . 66.67 3.53 -12.02
C35 A1A8R M . 67.42 3.78 -13.34
C36 A1A8R M . 68.72 4.53 -13.06
C37 A1A8R M . 69.61 4.47 -14.32
C39 A1A8R M . 50.37 2.60 -5.48
C44 A1A8R M . 48.58 4.67 -2.59
C45 A1A8R M . 50.07 5.02 -2.44
C47 A1A8R M . 51.70 6.59 -1.78
C48 A1A8R M . 49.82 6.27 -0.41
C49 A1A8R M . 49.61 7.38 -2.51
N19 A1A8R M . 52.58 3.54 -5.71
N46 A1A8R M . 50.28 6.31 -1.78
O17 A1A8R M . 50.43 1.75 -8.13
O38 A1A8R M . 52.72 5.04 -7.51
O40 A1A8R M . 49.89 3.94 -5.51
O42 A1A8R M . 47.59 4.81 -6.33
O43 A1A8R M . 48.09 5.17 -3.83
O50 A1A8R M . 47.52 2.96 -5.03
P41 A1A8R M . 48.26 4.21 -5.18
H101 A1A8R M . 60.72 1.25 -12.17
H102 A1A8R M . 61.33 2.86 -11.80
H131 A1A8R M . 63.49 1.88 -15.62
H132 A1A8R M . 63.21 0.17 -15.26
H152 A1A8R M . 65.66 -0.34 -16.46
H151 A1A8R M . 65.28 1.34 -16.86
H212 A1A8R M . 53.84 5.59 -4.57
H211 A1A8R M . 53.71 6.76 -5.89
H221 A1A8R M . 55.60 4.41 -6.19
H222 A1A8R M . 56.09 5.81 -5.22
H241 A1A8R M . 57.08 4.74 -8.23
H242 A1A8R M . 57.89 5.80 -7.06
H261 A1A8R M . 59.65 6.68 -8.23
H262 A1A8R M . 59.40 5.58 -9.60
H281 A1A8R M . 61.86 7.80 -9.55
H011 A1A8R M . 51.00 3.67 -7.98
H2 A1A8R M . 53.33 1.62 -8.29
H3 A1A8R M . 52.39 4.05 -10.16
H041 A1A8R M . 54.59 1.88 -10.50
H042 A1A8R M . 53.90 2.82 -11.82
H052 A1A8R M . 55.16 4.70 -11.32
H051 A1A8R M . 55.27 4.31 -9.60
H062 A1A8R M . 56.59 2.25 -11.19
H061 A1A8R M . 57.26 3.26 -9.91
H071 A1A8R M . 57.30 5.13 -11.76
H072 A1A8R M . 57.16 3.78 -12.89
H081 A1A8R M . 59.22 3.36 -10.81
H082 A1A8R M . 59.55 4.75 -11.86
H092 A1A8R M . 59.53 3.39 -13.82
H091 A1A8R M . 58.74 2.04 -12.99
H111 A1A8R M . 61.17 1.69 -14.62
H112 A1A8R M . 61.91 3.23 -14.16
H121 A1A8R M . 63.72 2.13 -13.03
H122 A1A8R M . 62.86 0.60 -12.98
H142 A1A8R M . 65.60 1.75 -14.29
H141 A1A8R M . 65.36 0.00 -14.15
H162 A1A8R M . 67.42 2.03 -16.44
H163 A1A8R M . 67.63 0.91 -15.10
H161 A1A8R M . 67.81 0.34 -16.76
H181 A1A8R M . 52.13 1.55 -6.11
H232 A1A8R M . 55.01 6.06 -8.07
H231 A1A8R M . 55.82 7.31 -7.11
H251 A1A8R M . 57.13 6.37 -9.92
H252 A1A8R M . 57.37 7.70 -8.78
H272 A1A8R M . 59.45 8.64 -9.73
H271 A1A8R M . 59.15 7.57 -11.10
H4 A1A8R M . 61.92 7.64 -12.52
H302 A1A8R M . 61.68 5.00 -12.60
H301 A1A8R M . 62.14 4.96 -10.88
H311 A1A8R M . 64.13 6.46 -12.42
H312 A1A8R M . 63.89 4.87 -13.17
H322 A1A8R M . 64.44 5.31 -10.18
H321 A1A8R M . 64.33 3.75 -11.00
H332 A1A8R M . 66.70 5.16 -10.58
H331 A1A8R M . 66.27 5.65 -12.22
H342 A1A8R M . 67.35 3.10 -11.30
H341 A1A8R M . 65.84 2.85 -12.20
H351 A1A8R M . 67.65 2.83 -13.80
H352 A1A8R M . 66.80 4.37 -14.01
H362 A1A8R M . 69.24 4.06 -12.24
H361 A1A8R M . 68.50 5.56 -12.82
H371 A1A8R M . 69.05 4.83 -15.18
H373 A1A8R M . 69.94 3.46 -14.48
H372 A1A8R M . 70.47 5.12 -14.17
H391 A1A8R M . 50.55 2.30 -4.45
H392 A1A8R M . 49.63 1.94 -5.92
H441 A1A8R M . 48.00 5.11 -1.78
H442 A1A8R M . 48.46 3.59 -2.56
H451 A1A8R M . 50.51 5.07 -3.43
H452 A1A8R M . 50.56 4.25 -1.88
H472 A1A8R M . 51.89 7.57 -1.36
H473 A1A8R M . 52.21 5.83 -1.19
H471 A1A8R M . 52.07 6.55 -2.80
H481 A1A8R M . 50.47 6.91 0.21
H482 A1A8R M . 49.85 5.26 -0.03
H483 A1A8R M . 48.81 6.65 -0.34
H491 A1A8R M . 48.53 7.28 -2.42
H493 A1A8R M . 49.89 7.32 -3.55
H492 A1A8R M . 49.91 8.33 -2.11
H191 A1A8R M . 52.90 3.40 -4.77
H171 A1A8R M . 49.58 2.16 -8.12
C10 A1A8R N . 60.86 9.44 -22.74
C13 A1A8R N . 64.39 8.16 -21.71
C15 A1A8R N . 66.79 8.33 -22.37
C20 A1A8R N . 51.50 8.44 -16.37
C21 A1A8R N . 52.08 7.01 -16.48
C22 A1A8R N . 53.32 7.01 -17.41
C24 A1A8R N . 54.09 5.05 -18.85
C26 A1A8R N . 55.93 5.00 -20.59
C28 A1A8R N . 58.36 5.72 -20.60
C01 A1A8R N . 52.58 11.75 -16.20
C02 A1A8R N . 52.87 11.18 -17.61
C03 A1A8R N . 54.28 11.29 -18.28
C04 A1A8R N . 54.58 10.73 -19.69
C05 A1A8R N . 55.44 9.46 -19.56
C06 A1A8R N . 56.18 9.18 -20.88
C07 A1A8R N . 57.65 9.67 -20.78
C08 A1A8R N . 58.48 9.15 -21.98
C09 A1A8R N . 59.95 9.03 -21.57
C11 A1A8R N . 62.34 9.51 -22.28
C12 A1A8R N . 62.97 8.10 -22.27
C14 A1A8R N . 65.34 8.65 -22.79
C16 A1A8R N . 67.75 8.72 -23.49
C18 A1A8R N . 51.67 10.80 -15.44
C23 A1A8R N . 53.99 5.62 -17.39
C25 A1A8R N . 55.07 5.90 -19.68
C27 A1A8R N . 57.32 4.76 -19.97
C29 A1A8R N . 59.11 5.39 -21.92
C30 A1A8R N . 60.14 4.21 -22.02
C31 A1A8R N . 61.21 4.35 -20.89
C32 A1A8R N . 62.46 3.47 -21.23
C33 A1A8R N . 63.59 4.32 -21.85
C34 A1A8R N . 63.83 3.87 -23.31
C35 A1A8R N . 64.80 4.84 -23.99
C36 A1A8R N . 66.23 4.51 -23.58
C37 A1A8R N . 67.21 5.07 -24.63
C39 A1A8R N . 51.60 11.24 -13.96
C44 A1A8R N . 50.79 12.47 -9.83
C45 A1A8R N . 50.80 12.05 -8.34
C47 A1A8R N . 50.49 14.41 -7.90
C48 A1A8R N . 52.54 13.37 -7.37
C49 A1A8R N . 50.60 12.87 -6.14
N19 A1A8R N . 52.19 9.45 -15.54
N46 A1A8R N . 51.11 13.19 -7.46
O17 A1A8R N . 51.98 12.99 -16.31
O38 A1A8R N . 50.52 8.72 -16.96
O40 A1A8R N . 50.62 10.47 -13.27
O42 A1A8R N . 49.30 12.48 -12.30
O43 A1A8R N . 50.88 11.30 -10.64
O50 A1A8R N . 48.63 10.45 -11.59
P41 A1A8R N . 49.85 11.18 -11.95
H101 A1A8R N . 60.56 10.42 -23.12
H102 A1A8R N . 60.78 8.71 -23.54
H131 A1A8R N . 64.69 7.17 -21.39
H132 A1A8R N . 64.42 8.83 -20.88
H152 A1A8R N . 67.03 8.89 -21.48
H151 A1A8R N . 66.88 7.27 -22.17
H212 A1A8R N . 52.38 6.66 -15.50
H211 A1A8R N . 51.33 6.35 -16.88
H221 A1A8R N . 53.01 7.25 -18.42
H222 A1A8R N . 54.02 7.76 -17.07
H241 A1A8R N . 54.45 4.02 -18.80
H242 A1A8R N . 53.12 5.06 -19.31
H261 A1A8R N . 56.05 5.49 -21.55
H262 A1A8R N . 55.42 4.05 -20.75
H281 A1A8R N . 58.56 6.66 -20.12
H011 A1A8R N . 53.52 11.85 -15.66
H2 A1A8R N . 52.07 10.70 -18.16
H3 A1A8R N . 55.07 11.78 -17.74
H041 A1A8R N . 53.65 10.48 -20.18
H042 A1A8R N . 55.10 11.47 -20.27
H052 A1A8R N . 56.17 9.61 -18.76
H051 A1A8R N . 54.81 8.62 -19.31
H062 A1A8R N . 56.17 8.12 -21.08
H061 A1A8R N . 55.68 9.71 -21.69
H071 A1A8R N . 57.67 10.76 -20.77
H072 A1A8R N . 58.08 9.30 -19.86
H081 A1A8R N . 58.11 8.18 -22.27
H082 A1A8R N . 58.38 9.84 -22.81
H092 A1A8R N . 60.17 8.01 -21.29
H091 A1A8R N . 60.16 9.69 -20.72
H111 A1A8R N . 62.38 9.93 -21.27
H112 A1A8R N . 62.91 10.15 -22.96
H121 A1A8R N . 62.98 7.70 -23.28
H122 A1A8R N . 62.36 7.45 -21.64
H142 A1A8R N . 65.13 8.15 -23.73
H141 A1A8R N . 65.24 9.72 -22.92
H162 A1A8R N . 68.09 7.82 -24.00
H163 A1A8R N . 67.23 9.36 -24.20
H161 A1A8R N . 68.59 9.25 -23.07
H181 A1A8R N . 50.67 10.84 -15.87
H232 A1A8R N . 53.40 4.94 -16.78
H231 A1A8R N . 54.98 5.71 -16.97
H251 A1A8R N . 54.50 6.59 -20.28
H252 A1A8R N . 55.71 6.45 -19.01
H272 A1A8R N . 57.62 3.73 -20.16
H271 A1A8R N . 57.27 4.93 -18.90
H4 A1A8R N . 58.92 5.98 -22.80
H302 A1A8R N . 60.63 4.24 -22.98
H301 A1A8R N . 59.62 3.26 -21.90
H311 A1A8R N . 60.79 4.01 -19.95
H312 A1A8R N . 61.50 5.40 -20.78
H322 A1A8R N . 62.15 2.70 -21.93
H321 A1A8R N . 62.82 3.00 -20.33
H332 A1A8R N . 63.33 5.38 -21.83
H331 A1A8R N . 64.50 4.17 -21.29
H342 A1A8R N . 62.88 3.89 -23.84
H341 A1A8R N . 64.23 2.87 -23.32
H351 A1A8R N . 64.71 4.74 -25.07
H352 A1A8R N . 64.57 5.86 -23.71
H362 A1A8R N . 66.44 4.97 -22.61
H361 A1A8R N . 66.36 3.44 -23.51
H371 A1A8R N . 68.21 5.07 -24.22
H373 A1A8R N . 67.18 4.44 -25.51
H372 A1A8R N . 66.91 6.08 -24.89
H391 A1A8R N . 52.57 11.10 -13.49
H392 A1A8R N . 51.32 12.29 -13.91
H441 A1A8R N . 49.86 12.99 -10.05
H442 A1A8R N . 51.64 13.11 -10.04
H451 A1A8R N . 49.83 11.66 -8.09
H452 A1A8R N . 51.54 11.29 -8.20
H472 A1A8R N . 51.06 14.84 -8.73
H473 A1A8R N . 49.47 14.21 -8.23
H471 A1A8R N . 50.46 15.12 -7.09
H481 A1A8R N . 53.01 13.12 -8.33
H482 A1A8R N . 52.76 14.41 -7.14
H483 A1A8R N . 52.95 12.74 -6.60
H491 A1A8R N . 50.95 11.89 -5.83
H493 A1A8R N . 50.97 13.61 -5.43
H492 A1A8R N . 49.52 12.89 -6.15
H191 A1A8R N . 53.03 9.20 -15.05
H171 A1A8R N . 51.09 12.93 -16.01
C1 CLR O . 54.59 -0.54 -16.02
C2 CLR O . 53.19 -0.37 -15.46
C3 CLR O . 53.17 0.72 -14.41
C4 CLR O . 53.64 2.03 -15.03
C5 CLR O . 55.00 1.88 -15.66
C6 CLR O . 55.95 2.75 -15.35
C7 CLR O . 57.35 2.69 -15.86
C8 CLR O . 57.52 1.76 -17.06
C9 CLR O . 56.70 0.48 -16.87
C10 CLR O . 55.19 0.74 -16.63
C11 CLR O . 57.01 -0.52 -17.99
C12 CLR O . 58.50 -0.80 -18.22
C13 CLR O . 59.30 0.49 -18.43
C14 CLR O . 58.97 1.40 -17.23
C15 CLR O . 59.99 2.52 -17.32
C16 CLR O . 61.26 1.81 -17.84
C17 CLR O . 60.84 0.38 -18.27
C18 CLR O . 58.95 1.14 -19.77
C19 CLR O . 54.46 1.08 -17.94
C20 CLR O . 61.69 -0.14 -19.44
C21 CLR O . 61.20 -1.47 -19.99
C22 CLR O . 63.17 -0.23 -19.04
C23 CLR O . 64.16 -0.33 -20.20
C24 CLR O . 65.61 -0.16 -19.72
C25 CLR O . 66.57 0.43 -20.77
C26 CLR O . 67.89 0.81 -20.11
C27 CLR O . 66.81 -0.53 -21.93
O1 CLR O . 51.86 0.82 -13.88
H11 CLR O . 54.56 -1.22 -16.70
H12 CLR O . 55.17 -0.87 -15.32
H21 CLR O . 52.89 -1.21 -15.08
H22 CLR O . 52.56 -0.14 -16.16
H3 CLR O . 53.80 0.47 -13.71
H41 CLR O . 53.66 2.73 -14.37
H42 CLR O . 52.99 2.29 -15.70
H6 CLR O . 55.72 3.52 -14.88
H71 CLR O . 57.94 2.41 -15.14
H72 CLR O . 57.65 3.59 -16.09
H8 CLR O . 57.20 2.23 -17.86
H9 CLR O . 57.04 0.09 -16.05
H111 CLR O . 56.64 -0.20 -18.83
H112 CLR O . 56.55 -1.35 -17.81
H121 CLR O . 58.61 -1.36 -18.99
H122 CLR O . 58.82 -1.30 -17.45
H14 CLR O . 59.21 0.88 -16.44
H151 CLR O . 60.15 2.95 -16.45
H152 CLR O . 59.69 3.22 -17.92
H161 CLR O . 61.95 1.79 -17.17
H162 CLR O . 61.63 2.29 -18.59
H17 CLR O . 61.00 -0.22 -17.52
H181 CLR O . 59.45 1.95 -19.92
H182 CLR O . 58.00 1.36 -19.83
H183 CLR O . 59.15 0.55 -20.50
H191 CLR O . 54.91 1.78 -18.43
H192 CLR O . 53.56 1.40 -17.77
H193 CLR O . 54.40 0.32 -18.53
H20 CLR O . 61.64 0.52 -20.16
H211 CLR O . 61.85 -1.86 -20.60
H212 CLR O . 60.36 -1.39 -20.45
H213 CLR O . 61.06 -2.11 -19.27
H221 CLR O . 63.28 -1.01 -18.46
H222 CLR O . 63.42 0.53 -18.50
H231 CLR O . 63.96 0.36 -20.84
H232 CLR O . 64.06 -1.17 -20.66
H241 CLR O . 65.95 -1.02 -19.43
H242 CLR O . 65.62 0.41 -18.94
H25 CLR O . 66.16 1.23 -21.12
H261 CLR O . 68.49 1.22 -20.75
H262 CLR O . 68.33 0.03 -19.72
H263 CLR O . 67.74 1.45 -19.40
H271 CLR O . 67.44 -0.14 -22.57
H272 CLR O . 66.00 -0.73 -22.41
H273 CLR O . 67.19 -1.37 -21.62
H1 CLR O . 51.89 1.32 -13.20
C1 CLR P . 58.10 7.85 -13.68
C2 CLR P . 56.68 8.23 -13.27
C3 CLR P . 56.28 9.53 -13.94
C4 CLR P . 56.36 9.36 -15.45
C5 CLR P . 57.73 8.92 -15.90
C6 CLR P . 58.37 9.58 -16.86
C7 CLR P . 59.72 9.24 -17.38
C8 CLR P . 60.19 7.85 -16.95
C9 CLR P . 59.84 7.61 -15.48
C10 CLR P . 58.31 7.70 -15.21
C11 CLR P . 60.50 6.33 -14.96
C12 CLR P . 62.00 6.23 -15.22
C13 CLR P . 62.32 6.39 -16.72
C14 CLR P . 61.70 7.73 -17.14
C15 CLR P . 62.27 8.00 -18.52
C16 CLR P . 63.70 7.43 -18.44
C17 CLR P . 63.80 6.64 -17.10
C18 CLR P . 61.76 5.22 -17.53
C19 CLR P . 57.55 6.47 -15.71
C20 CLR P . 64.76 5.45 -17.21
C21 CLR P . 64.75 4.56 -15.97
C22 CLR P . 66.19 5.94 -17.49
C23 CLR P . 67.21 4.85 -17.82
C24 CLR P . 68.50 5.41 -18.42
C25 CLR P . 69.55 4.37 -18.79
C26 CLR P . 70.65 5.01 -19.62
C27 CLR P . 70.15 3.69 -17.55
O1 CLR P . 54.97 9.86 -13.52
H11 CLR P . 58.33 6.99 -13.26
H12 CLR P . 58.72 8.50 -13.33
H21 CLR P . 56.65 8.32 -12.31
H22 CLR P . 56.05 7.53 -13.51
H3 CLR P . 56.90 10.21 -13.67
H41 CLR P . 56.13 10.20 -15.89
H42 CLR P . 55.69 8.72 -15.72
H6 CLR P . 57.94 10.31 -17.26
H71 CLR P . 60.35 9.91 -17.08
H72 CLR P . 59.72 9.30 -18.34
H8 CLR P . 59.75 7.20 -17.50
H9 CLR P . 60.24 8.35 -14.99
H111 CLR P . 60.06 5.55 -15.34
H112 CLR P . 60.34 6.25 -14.00
H121 CLR P . 62.33 5.38 -14.92
H122 CLR P . 62.45 6.91 -14.69
H14 CLR P . 62.09 8.40 -16.55
H151 CLR P . 62.26 8.94 -18.76
H152 CLR P . 61.75 7.55 -19.21
H161 CLR P . 64.36 8.14 -18.48
H162 CLR P . 63.89 6.84 -19.18
H17 CLR P . 64.16 7.24 -16.43
H181 CLR P . 61.99 5.27 -18.46
H182 CLR P . 60.79 5.16 -17.47
H183 CLR P . 62.10 4.38 -17.19
H191 CLR P . 57.77 6.26 -16.63
H192 CLR P . 56.60 6.59 -15.66
H193 CLR P . 57.78 5.68 -15.19
H20 CLR P . 64.49 4.91 -17.96
H211 CLR P . 65.43 3.87 -16.02
H212 CLR P . 63.90 4.11 -15.84
H213 CLR P . 64.93 5.07 -15.16
H221 CLR P . 66.50 6.45 -16.73
H222 CLR P . 66.18 6.56 -18.24
H231 CLR P . 66.82 4.22 -18.45
H232 CLR P . 67.42 4.33 -17.02
H241 CLR P . 68.88 6.05 -17.79
H242 CLR P . 68.26 5.92 -19.21
H25 CLR P . 69.12 3.69 -19.32
H261 CLR P . 71.32 4.36 -19.89
H262 CLR P . 71.10 5.72 -19.14
H263 CLR P . 70.29 5.40 -20.43
H271 CLR P . 70.81 3.04 -17.81
H272 CLR P . 69.48 3.25 -17.02
H273 CLR P . 70.59 4.34 -16.98
H1 CLR P . 54.44 9.25 -13.80
C10 A1A8R Q . 45.20 -8.91 -42.37
C13 A1A8R Q . 46.83 -11.81 -44.33
C15 A1A8R Q . 48.69 -12.67 -45.75
C20 A1A8R Q . 35.10 -3.73 -41.63
C21 A1A8R Q . 35.27 -4.32 -43.04
C22 A1A8R Q . 36.78 -4.52 -43.28
C24 A1A8R Q . 38.43 -5.85 -44.72
C26 A1A8R Q . 40.78 -5.00 -44.31
C28 A1A8R Q . 42.90 -5.31 -45.68
C01 A1A8R Q . 36.07 -4.83 -38.24
C02 A1A8R Q . 37.29 -5.16 -39.14
C03 A1A8R Q . 38.10 -6.49 -39.05
C04 A1A8R Q . 39.02 -6.95 -40.21
C05 A1A8R Q . 39.41 -8.44 -40.01
C06 A1A8R Q . 40.93 -8.59 -39.79
C07 A1A8R Q . 41.57 -9.17 -41.07
C08 A1A8R Q . 43.12 -9.17 -40.95
C09 A1A8R Q . 43.73 -8.47 -42.19
C11 A1A8R Q . 45.25 -10.15 -43.29
C12 A1A8R Q . 46.65 -10.80 -43.20
C14 A1A8R Q . 48.25 -12.36 -44.32
C16 A1A8R Q . 50.20 -12.97 -45.76
C18 A1A8R Q . 35.05 -4.10 -39.11
C23 A1A8R Q . 37.08 -5.90 -43.92
C25 A1A8R Q . 39.62 -5.87 -43.75
C27 A1A8R Q . 42.09 -5.83 -44.45
C29 A1A8R Q . 44.26 -5.94 -46.12
C30 A1A8R Q . 44.53 -7.47 -45.96
C31 A1A8R Q . 46.08 -7.74 -46.00
C32 A1A8R Q . 46.54 -8.02 -47.46
C33 A1A8R Q . 47.77 -8.98 -47.43
C34 A1A8R Q . 47.76 -9.93 -48.65
C35 A1A8R Q . 49.10 -9.83 -49.40
C36 A1A8R Q . 50.18 -10.61 -48.67
C37 A1A8R Q . 51.26 -11.05 -49.66
C39 A1A8R Q . 33.60 -4.32 -38.60
C44 A1A8R Q . 30.09 -2.90 -36.87
C45 A1A8R Q . 29.73 -2.24 -35.53
C47 A1A8R Q . 31.32 -0.50 -35.66
C48 A1A8R Q . 29.46 -0.29 -34.22
C49 A1A8R Q . 29.17 -0.14 -36.56
N19 A1A8R Q . 35.18 -4.63 -40.46
N46 A1A8R Q . 29.92 -0.79 -35.50
O17 A1A8R Q . 36.44 -4.05 -37.18
O38 A1A8R Q . 34.92 -2.57 -41.48
O40 A1A8R Q . 33.62 -4.71 -37.25
O42 A1A8R Q . 31.38 -5.44 -36.17
O43 A1A8R Q . 31.51 -2.99 -36.96
O50 A1A8R Q . 32.65 -4.09 -34.91
P41 A1A8R Q . 32.27 -4.31 -36.30
H101 A1A8R Q . 45.62 -9.16 -41.41
H102 A1A8R Q . 45.75 -8.10 -42.82
H131 A1A8R Q . 46.12 -12.62 -44.21
H132 A1A8R Q . 46.64 -11.32 -45.28
H152 A1A8R Q . 48.49 -11.82 -46.39
H151 A1A8R Q . 48.16 -13.54 -46.12
H212 A1A8R Q . 34.86 -3.64 -43.78
H211 A1A8R Q . 34.76 -5.27 -43.11
H221 A1A8R Q . 37.15 -3.74 -43.93
H222 A1A8R Q . 37.30 -4.46 -42.33
H241 A1A8R Q . 38.45 -4.94 -45.31
H242 A1A8R Q . 38.49 -6.71 -45.38
H261 A1A8R Q . 40.96 -4.17 -43.62
H262 A1A8R Q . 40.50 -4.60 -45.28
H281 A1A8R Q . 42.50 -4.47 -46.23
H011 A1A8R Q . 35.63 -5.77 -37.88
H2 A1A8R Q . 37.61 -4.42 -39.87
H3 A1A8R Q . 38.04 -7.09 -38.18
H041 A1A8R Q . 39.91 -6.34 -40.23
H042 A1A8R Q . 38.48 -6.85 -41.14
H052 A1A8R Q . 38.88 -8.84 -39.16
H051 A1A8R Q . 39.13 -8.99 -40.90
H062 A1A8R Q . 41.38 -7.62 -39.56
H061 A1A8R Q . 41.10 -9.27 -38.96
H071 A1A8R Q . 41.27 -8.58 -41.92
H072 A1A8R Q . 41.22 -10.19 -41.21
H081 A1A8R Q . 43.41 -8.65 -40.05
H082 A1A8R Q . 43.47 -10.19 -40.91
H092 A1A8R Q . 43.69 -7.39 -42.04
H091 A1A8R Q . 43.16 -8.74 -43.07
H111 A1A8R Q . 44.50 -10.87 -42.97
H112 A1A8R Q . 45.06 -9.85 -44.31
H121 A1A8R Q . 46.75 -11.32 -42.24
H122 A1A8R Q . 47.41 -10.03 -43.28
H142 A1A8R Q . 48.91 -11.63 -43.89
H141 A1A8R Q . 48.26 -13.27 -43.73
H162 A1A8R Q . 50.52 -13.18 -44.75
H163 A1A8R Q . 50.38 -13.81 -46.39
H161 A1A8R Q . 50.72 -12.10 -46.15
H181 A1A8R Q . 35.28 -3.04 -39.10
H232 A1A8R Q . 36.27 -6.16 -44.60
H231 A1A8R Q . 37.16 -6.66 -43.14
H251 A1A8R Q . 39.97 -6.88 -43.61
H252 A1A8R Q . 39.30 -5.48 -42.80
H272 A1A8R Q . 41.84 -6.87 -44.61
H271 A1A8R Q . 42.68 -5.73 -43.55
H4 A1A8R Q . 45.01 -5.30 -46.56
H302 A1A8R Q . 44.14 -7.81 -45.01
H301 A1A8R Q . 44.05 -8.02 -46.77
H311 A1A8R Q . 46.31 -8.58 -45.36
H312 A1A8R Q . 46.60 -6.85 -45.63
H322 A1A8R Q . 46.80 -7.10 -47.95
H321 A1A8R Q . 45.73 -8.51 -48.01
H332 A1A8R Q . 47.73 -9.58 -46.52
H331 A1A8R Q . 48.67 -8.39 -47.44
H342 A1A8R Q . 47.59 -10.94 -48.31
H341 A1A8R Q . 46.97 -9.62 -49.32
H351 A1A8R Q . 49.39 -8.79 -49.48
H352 A1A8R Q . 48.97 -10.26 -50.39
H362 A1A8R Q . 50.62 -9.98 -47.91
H361 A1A8R Q . 49.74 -11.48 -48.20
H371 A1A8R Q . 50.85 -11.82 -50.32
H373 A1A8R Q . 51.57 -10.19 -50.26
H372 A1A8R Q . 52.11 -11.45 -49.12
H391 A1A8R Q . 33.11 -5.07 -39.21
H392 A1A8R Q . 33.06 -3.38 -38.69
H441 A1A8R Q . 29.66 -3.90 -36.90
H442 A1A8R Q . 29.71 -2.31 -37.70
H451 A1A8R Q . 28.69 -2.45 -35.31
H452 A1A8R Q . 30.34 -2.69 -34.75
H472 A1A8R Q . 31.87 -0.90 -34.81
H473 A1A8R Q . 31.46 0.58 -35.70
H471 A1A8R Q . 31.68 -0.95 -36.58
H481 A1A8R Q . 28.37 -0.26 -34.21
H482 A1A8R Q . 29.82 -0.95 -33.43
H483 A1A8R Q . 29.85 0.70 -34.06
H491 A1A8R Q . 29.08 0.92 -36.35
H493 A1A8R Q . 28.17 -0.59 -36.63
H492 A1A8R Q . 29.69 -0.27 -37.50
H191 A1A8R Q . 35.33 -5.61 -40.59
H171 A1A8R Q . 36.43 -4.56 -36.39
C10 A1A8R R . 40.62 -16.11 -48.23
C13 A1A8R R . 43.28 -16.73 -50.98
C15 A1A8R R . 45.53 -17.83 -50.96
C20 A1A8R R . 29.70 -15.83 -48.19
C21 A1A8R R . 29.87 -17.15 -49.00
C22 A1A8R R . 30.64 -18.17 -48.15
C24 A1A8R R . 32.99 -19.05 -48.49
C26 A1A8R R . 35.17 -18.77 -49.73
C28 A1A8R R . 36.92 -20.61 -49.88
C01 A1A8R R . 30.39 -13.03 -47.26
C02 A1A8R R . 31.73 -13.34 -47.98
C03 A1A8R R . 33.09 -12.84 -47.40
C04 A1A8R R . 34.45 -13.16 -48.07
C05 A1A8R R . 35.30 -14.04 -47.13
C06 A1A8R R . 36.69 -14.23 -47.78
C07 A1A8R R . 37.26 -15.64 -47.49
C08 A1A8R R . 38.13 -16.10 -48.68
C09 A1A8R R . 39.43 -15.27 -48.75
C11 A1A8R R . 41.30 -16.84 -49.43
C12 A1A8R R . 42.34 -15.91 -50.09
C14 A1A8R R . 44.31 -17.45 -50.11
C16 A1A8R R . 46.68 -18.25 -50.03
C18 A1A8R R . 29.18 -13.34 -48.15
C23 A1A8R R . 32.14 -17.79 -48.11
C25 A1A8R R . 34.49 -18.71 -48.35
C27 A1A8R R . 36.68 -19.11 -49.55
C29 A1A8R R . 38.33 -21.20 -50.17
C30 A1A8R R . 39.46 -20.36 -50.86
C31 A1A8R R . 40.85 -20.85 -50.33
C32 A1A8R R . 41.78 -21.26 -51.52
C33 A1A8R R . 43.24 -20.80 -51.20
C34 A1A8R R . 44.25 -21.60 -52.05
C35 A1A8R R . 45.58 -21.72 -51.28
C36 A1A8R R . 46.76 -21.37 -52.17
C37 A1A8R R . 47.18 -22.59 -52.98
C39 A1A8R R . 27.94 -13.47 -47.24
C44 A1A8R R . 23.87 -15.42 -47.65
C45 A1A8R R . 24.10 -16.88 -48.08
C47 A1A8R R . 22.05 -17.45 -49.18
C48 A1A8R R . 24.08 -18.41 -49.88
C49 A1A8R R . 23.65 -16.15 -50.34
N19 A1A8R R . 29.35 -14.58 -48.88
N46 A1A8R R . 23.46 -17.20 -49.36
O17 A1A8R R . 30.37 -11.70 -46.93
O38 A1A8R R . 29.86 -15.84 -47.02
O40 A1A8R R . 26.87 -12.73 -47.79
O42 A1A8R R . 25.18 -13.40 -45.94
O43 A1A8R R . 24.89 -14.60 -48.21
O50 A1A8R R . 24.34 -12.14 -47.60
P41 A1A8R R . 25.30 -13.21 -47.38
H101 A1A8R R . 41.34 -15.45 -47.76
H102 A1A8R R . 40.27 -16.84 -47.51
H131 A1A8R R . 42.71 -17.45 -51.54
H132 A1A8R R . 43.79 -16.07 -51.66
H152 A1A8R R . 45.28 -18.66 -51.60
H151 A1A8R R . 45.84 -16.99 -51.55
H212 A1A8R R . 28.88 -17.54 -49.24
H211 A1A8R R . 30.39 -16.94 -49.91
H221 A1A8R R . 30.53 -19.15 -48.59
H222 A1A8R R . 30.24 -18.20 -47.14
H241 A1A8R R . 32.73 -19.87 -47.82
H242 A1A8R R . 32.76 -19.33 -49.51
H261 A1A8R R . 34.72 -19.52 -50.36
H262 A1A8R R . 35.09 -17.79 -50.22
H281 A1A8R R . 36.06 -21.27 -49.90
H011 A1A8R R . 30.33 -13.62 -46.35
H2 A1A8R R . 31.73 -13.90 -48.90
H3 A1A8R R . 33.09 -12.25 -46.50
H041 A1A8R R . 34.27 -13.67 -49.00
H042 A1A8R R . 34.97 -12.23 -48.27
H052 A1A8R R . 34.81 -15.00 -47.01
H051 A1A8R R . 35.40 -13.55 -46.17
H062 A1A8R R . 36.61 -14.09 -48.85
H061 A1A8R R . 37.37 -13.48 -47.36
H071 A1A8R R . 36.44 -16.35 -47.35
H072 A1A8R R . 37.87 -15.61 -46.59
H081 A1A8R R . 37.57 -15.96 -49.61
H082 A1A8R R . 38.37 -17.15 -48.58
H092 A1A8R R . 39.62 -14.98 -49.77
H091 A1A8R R . 39.33 -14.38 -48.14
H111 A1A8R R . 40.54 -17.12 -50.16
H112 A1A8R R . 41.79 -17.74 -49.06
H121 A1A8R R . 41.82 -15.17 -50.70
H122 A1A8R R . 42.92 -15.41 -49.32
H142 A1A8R R . 44.62 -16.81 -49.30
H141 A1A8R R . 43.85 -18.35 -49.71
H162 A1A8R R . 46.95 -19.28 -50.24
H163 A1A8R R . 47.53 -17.61 -50.20
H161 A1A8R R . 46.36 -18.17 -49.00
H181 A1A8R R . 29.03 -12.52 -48.84
H232 A1A8R R . 32.33 -16.98 -48.82
H231 A1A8R R . 32.40 -17.46 -47.11
H251 A1A8R R . 34.60 -17.72 -47.93
H252 A1A8R R . 34.95 -19.44 -47.69
H272 A1A8R R . 36.97 -18.92 -48.53
H271 A1A8R R . 37.28 -18.50 -50.22
H4 A1A8R R . 38.53 -22.22 -49.90
H302 A1A8R R . 39.39 -20.49 -51.93
H301 A1A8R R . 39.34 -19.30 -50.60
H311 A1A8R R . 40.71 -21.71 -49.69
H312 A1A8R R . 41.32 -20.05 -49.77
H322 A1A8R R . 41.45 -20.78 -52.44
H321 A1A8R R . 41.75 -22.33 -51.64
H332 A1A8R R . 43.42 -20.96 -50.15
H331 A1A8R R . 43.33 -19.75 -51.43
H342 A1A8R R . 43.86 -22.59 -52.24
H341 A1A8R R . 44.42 -21.08 -52.99
H351 A1A8R R . 45.69 -22.74 -50.92
H352 A1A8R R . 45.56 -21.05 -50.42
H362 A1A8R R . 47.60 -21.05 -51.54
H361 A1A8R R . 46.50 -20.56 -52.84
H371 A1A8R R . 47.93 -22.31 -53.71
H373 A1A8R R . 47.61 -23.34 -52.31
H372 A1A8R R . 46.33 -23.01 -53.50
H391 A1A8R R . 27.65 -14.51 -47.16
H392 A1A8R R . 28.17 -13.08 -46.24
H441 A1A8R R . 23.92 -15.38 -46.57
H442 A1A8R R . 22.90 -15.08 -47.98
H451 A1A8R R . 25.16 -17.06 -48.17
H452 A1A8R R . 23.70 -17.54 -47.33
H472 A1A8R R . 21.93 -18.32 -48.52
H473 A1A8R R . 21.59 -17.66 -50.14
H471 A1A8R R . 21.58 -16.59 -48.73
H481 A1A8R R . 24.18 -19.14 -49.07
H482 A1A8R R . 25.08 -18.17 -50.27
H483 A1A8R R . 23.47 -18.83 -50.67
H491 A1A8R R . 24.68 -15.77 -50.28
H493 A1A8R R . 23.49 -16.54 -51.33
H492 A1A8R R . 22.96 -15.34 -50.15
H191 A1A8R R . 29.22 -14.58 -49.88
H171 A1A8R R . 29.93 -11.59 -46.08
C10 A1A8R S . 45.26 -18.74 -40.80
C13 A1A8R S . 49.08 -18.72 -41.52
C15 A1A8R S . 51.40 -19.43 -42.11
C20 A1A8R S . 34.33 -14.94 -38.82
C21 A1A8R S . 34.52 -14.10 -40.10
C22 A1A8R S . 35.92 -14.40 -40.71
C24 A1A8R S . 38.16 -13.24 -40.92
C26 A1A8R S . 40.63 -13.61 -41.06
C28 A1A8R S . 43.04 -13.04 -41.55
C01 A1A8R S . 35.07 -18.15 -37.54
C02 A1A8R S . 36.34 -17.36 -37.10
C03 A1A8R S . 37.78 -17.81 -37.49
C04 A1A8R S . 39.03 -17.04 -37.04
C05 A1A8R S . 39.86 -16.62 -38.27
C06 A1A8R S . 40.75 -17.79 -38.76
C07 A1A8R S . 42.16 -17.24 -39.12
C08 A1A8R S . 42.94 -18.32 -39.93
C09 A1A8R S . 44.45 -18.24 -39.59
C11 A1A8R S . 46.78 -18.61 -40.49
C12 A1A8R S . 47.60 -19.04 -41.75
C14 A1A8R S . 49.92 -19.53 -42.50
C16 A1A8R S . 52.20 -20.52 -42.83
C18 A1A8R S . 33.90 -17.17 -37.70
C23 A1A8R S . 37.01 -13.63 -39.93
C25 A1A8R S . 39.49 -13.03 -40.19
C27 A1A8R S . 42.00 -13.27 -40.43
C29 A1A8R S . 44.40 -13.81 -41.62
C30 A1A8R S . 44.51 -15.28 -42.12
C31 A1A8R S . 45.89 -15.49 -42.84
C32 A1A8R S . 45.71 -16.26 -44.19
C33 A1A8R S . 46.80 -15.80 -45.20
C34 A1A8R S . 47.23 -16.95 -46.12
C35 A1A8R S . 48.75 -17.19 -45.98
C36 A1A8R S . 49.23 -18.12 -47.07
C37 A1A8R S . 50.74 -17.94 -47.26
C39 A1A8R S . 32.58 -17.96 -37.78
C44 A1A8R S . 29.33 -20.26 -40.32
C45 A1A8R S . 28.37 -19.97 -41.49
C47 A1A8R S . 28.38 -21.96 -42.77
C48 A1A8R S . 26.41 -20.70 -42.60
C49 A1A8R S . 27.18 -21.93 -40.74
N19 A1A8R S . 34.08 -16.40 -38.91
N46 A1A8R S . 27.60 -21.15 -41.88
O17 A1A8R S . 34.77 -19.09 -36.58
O38 A1A8R S . 34.40 -14.40 -37.77
O40 A1A8R S . 31.76 -17.41 -38.80
O42 A1A8R S . 29.69 -18.66 -37.85
O43 A1A8R S . 30.33 -19.25 -40.28
O50 A1A8R S . 29.24 -17.08 -39.40
P41 A1A8R S . 30.25 -18.10 -39.08
H101 A1A8R S . 45.03 -18.15 -41.68
H102 A1A8R S . 45.03 -19.78 -40.99
H131 A1A8R S . 49.25 -17.66 -41.68
H132 A1A8R S . 49.35 -18.97 -40.51
H152 A1A8R S . 51.79 -18.46 -42.39
H151 A1A8R S . 51.50 -19.56 -41.03
H212 A1A8R S . 33.76 -14.38 -40.83
H211 A1A8R S . 34.43 -13.05 -39.88
H221 A1A8R S . 35.94 -14.09 -41.75
H222 A1A8R S . 36.12 -15.46 -40.65
H241 A1A8R S . 37.89 -12.32 -41.44
H242 A1A8R S . 38.28 -14.03 -41.65
H261 A1A8R S . 40.58 -13.18 -42.05
H262 A1A8R S . 40.52 -14.70 -41.12
H281 A1A8R S . 42.82 -12.33 -42.34
H011 A1A8R S . 35.26 -18.65 -38.49
H2 A1A8R S . 36.23 -16.47 -36.50
H3 A1A8R S . 37.90 -18.70 -38.10
H041 A1A8R S . 38.74 -16.17 -36.49
H042 A1A8R S . 39.63 -17.67 -36.39
H052 A1A8R S . 39.19 -16.33 -39.07
H051 A1A8R S . 40.50 -15.77 -38.00
H062 A1A8R S . 40.31 -18.24 -39.63
H061 A1A8R S . 40.85 -18.53 -37.98
H071 A1A8R S . 42.71 -17.01 -38.21
H072 A1A8R S . 42.06 -16.35 -39.72
H081 A1A8R S . 42.80 -18.14 -40.98
H082 A1A8R S . 42.56 -19.30 -39.68
H092 A1A8R S . 44.65 -18.86 -38.73
H091 A1A8R S . 44.72 -17.21 -39.38
H111 A1A8R S . 47.04 -19.25 -39.66
H112 A1A8R S . 47.02 -17.58 -40.24
H121 A1A8R S . 47.47 -20.10 -41.91
H122 A1A8R S . 47.24 -18.49 -42.61
H142 A1A8R S . 49.61 -20.57 -42.47
H141 A1A8R S . 49.79 -19.14 -43.50
H162 A1A8R S . 52.34 -21.36 -42.15
H163 A1A8R S . 51.64 -20.85 -43.69
H161 A1A8R S . 53.16 -20.13 -43.14
H181 A1A8R S . 33.87 -16.52 -36.83
H232 A1A8R S . 37.40 -14.26 -39.13
H231 A1A8R S . 36.59 -12.72 -39.50
H251 A1A8R S . 39.47 -13.55 -39.24
H252 A1A8R S . 39.65 -11.99 -40.01
H272 A1A8R S . 42.34 -14.09 -39.79
H271 A1A8R S . 41.92 -12.36 -39.83
H4 A1A8R S . 45.30 -13.29 -41.29
H302 A1A8R S . 43.70 -15.48 -42.82
H301 A1A8R S . 44.43 -15.97 -41.28
H311 A1A8R S . 46.34 -14.52 -43.04
H312 A1A8R S . 46.55 -16.06 -42.19
H322 A1A8R S . 44.74 -16.04 -44.61
H321 A1A8R S . 45.79 -17.32 -44.01
H332 A1A8R S . 46.41 -14.98 -45.79
H331 A1A8R S . 47.67 -15.44 -44.64
H342 A1A8R S . 46.70 -17.86 -45.85
H341 A1A8R S . 47.00 -16.69 -47.14
H351 A1A8R S . 49.27 -16.24 -46.06
H352 A1A8R S . 48.95 -17.62 -45.01
H362 A1A8R S . 49.02 -19.16 -46.79
H361 A1A8R S . 48.72 -17.90 -47.99
H371 A1A8R S . 51.25 -18.05 -46.31
H373 A1A8R S . 51.11 -18.69 -47.96
H372 A1A8R S . 50.94 -16.95 -47.66
H391 A1A8R S . 32.79 -19.01 -38.01
H392 A1A8R S . 32.06 -17.89 -36.83
H441 A1A8R S . 29.79 -21.23 -40.45
H442 A1A8R S . 28.76 -20.25 -39.40
H451 A1A8R S . 27.69 -19.18 -41.19
H452 A1A8R S . 28.94 -19.63 -42.34
H472 A1A8R S . 27.84 -22.89 -42.99
H473 A1A8R S . 28.55 -21.43 -43.70
H471 A1A8R S . 29.33 -22.21 -42.31
H481 A1A8R S . 26.68 -19.86 -43.24
H482 A1A8R S . 26.01 -21.51 -43.19
H483 A1A8R S . 25.66 -20.37 -41.87
H491 A1A8R S . 27.99 -22.54 -40.38
H493 A1A8R S . 26.84 -21.26 -39.94
H492 A1A8R S . 26.35 -22.56 -41.02
H191 A1A8R S . 34.03 -16.84 -39.80
H171 A1A8R S . 34.80 -18.69 -35.73
C1 CLR T . 37.48 -9.81 -46.00
C2 CLR T . 36.28 -9.23 -45.28
C3 CLR T . 35.48 -10.30 -44.57
C4 CLR T . 36.38 -11.08 -43.62
C5 CLR T . 37.63 -11.59 -44.29
C6 CLR T . 38.00 -12.87 -44.15
C7 CLR T . 39.30 -13.44 -44.64
C8 CLR T . 40.26 -12.37 -45.14
C9 CLR T . 39.50 -11.32 -45.95
C10 CLR T . 38.45 -10.58 -45.08
C11 CLR T . 40.44 -10.38 -46.71
C12 CLR T . 41.53 -11.10 -47.52
C13 CLR T . 42.34 -12.05 -46.66
C14 CLR T . 41.33 -13.02 -46.01
C15 CLR T . 42.20 -14.10 -45.39
C16 CLR T . 43.38 -14.22 -46.37
C17 CLR T . 43.24 -13.07 -47.40
C18 CLR T . 43.16 -11.28 -45.62
C19 CLR T . 39.10 -9.61 -44.08
C20 CLR T . 44.60 -12.63 -47.97
C21 CLR T . 44.53 -11.34 -48.79
C22 CLR T . 45.20 -13.76 -48.81
C23 CLR T . 46.66 -13.61 -49.21
C24 CLR T . 47.19 -14.88 -49.85
C25 CLR T . 48.67 -14.87 -50.25
C26 CLR T . 48.93 -13.83 -51.34
C27 CLR T . 49.59 -14.61 -49.05
O1 CLR T . 34.41 -9.70 -43.91
H11 CLR T . 37.97 -9.09 -46.43
H12 CLR T . 37.17 -10.39 -46.71
H21 CLR T . 35.71 -8.77 -45.92
H22 CLR T . 36.56 -8.57 -44.63
H3 CLR T . 35.16 -10.92 -45.25
H41 CLR T . 35.91 -11.83 -43.23
H42 CLR T . 36.62 -10.49 -42.89
H6 CLR T . 37.39 -13.47 -43.82
H71 CLR T . 39.10 -14.07 -45.36
H72 CLR T . 39.70 -13.97 -43.95
H8 CLR T . 40.68 -11.96 -44.37
H9 CLR T . 38.99 -11.82 -46.62
H111 CLR T . 40.87 -9.77 -46.09
H112 CLR T . 39.93 -9.82 -47.31
H121 CLR T . 42.11 -10.44 -47.92
H122 CLR T . 41.09 -11.56 -48.26
H14 CLR T . 40.87 -13.43 -46.75
H151 CLR T . 41.72 -14.94 -45.28
H152 CLR T . 42.50 -13.85 -44.50
H161 CLR T . 43.39 -15.09 -46.80
H162 CLR T . 44.23 -14.15 -45.90
H17 CLR T . 42.71 -13.40 -48.14
H181 CLR T . 43.72 -11.86 -45.07
H182 CLR T . 42.60 -10.77 -45.00
H183 CLR T . 43.75 -10.64 -46.04
H191 CLR T . 39.80 -10.04 -43.56
H192 CLR T . 38.45 -9.26 -43.45
H193 CLR T . 39.50 -8.85 -44.54
H20 CLR T . 45.20 -12.47 -47.22
H211 CLR T . 45.37 -11.18 -49.24
H212 CLR T . 44.33 -10.57 -48.24
H213 CLR T . 43.84 -11.40 -49.46
H221 CLR T . 44.65 -13.88 -49.61
H222 CLR T . 45.12 -14.61 -48.33
H231 CLR T . 47.19 -13.40 -48.43
H232 CLR T . 46.77 -12.86 -49.81
H241 CLR T . 46.67 -15.08 -50.64
H242 CLR T . 47.05 -15.62 -49.24
H25 CLR T . 48.90 -15.74 -50.61
H261 CLR T . 49.86 -13.86 -51.63
H262 CLR T . 48.74 -12.93 -51.02
H263 CLR T . 48.37 -13.99 -52.11
H271 CLR T . 50.52 -14.68 -49.31
H272 CLR T . 49.44 -15.25 -48.33
H273 CLR T . 49.45 -13.73 -48.68
H1 CLR T . 33.96 -9.24 -44.47
C1 CLR U . 37.08 -18.22 -44.35
C2 CLR U . 35.81 -17.62 -43.77
C3 CLR U . 35.38 -18.38 -42.54
C4 CLR U . 36.50 -18.39 -41.51
C5 CLR U . 37.81 -18.89 -42.08
C6 CLR U . 38.54 -19.77 -41.40
C7 CLR U . 39.89 -20.25 -41.81
C8 CLR U . 40.50 -19.44 -42.95
C9 CLR U . 39.42 -19.09 -43.98
C10 CLR U . 38.28 -18.25 -43.37
C11 CLR U . 40.05 -18.47 -45.25
C12 CLR U . 41.21 -19.28 -45.84
C13 CLR U . 42.30 -19.55 -44.81
C14 CLR U . 41.60 -20.24 -43.62
C15 CLR U . 42.74 -20.75 -42.75
C16 CLR U . 43.82 -21.15 -43.77
C17 CLR U . 43.35 -20.64 -45.17
C18 CLR U . 43.01 -18.26 -44.40
C19 CLR U . 38.71 -16.81 -43.06
C20 CLR U . 44.52 -20.28 -46.09
C21 CLR U . 44.08 -19.63 -47.39
C22 CLR U . 45.38 -21.53 -46.37
C23 CLR U . 46.72 -21.27 -47.04
C24 CLR U . 47.60 -22.51 -47.08
C25 CLR U . 49.01 -22.28 -47.65
C26 CLR U . 49.83 -23.55 -47.53
C27 CLR U . 48.98 -21.80 -49.10
O1 CLR U . 34.21 -17.77 -42.03
H11 CLR U . 37.34 -17.72 -45.14
H12 CLR U . 36.89 -19.13 -44.65
H21 CLR U . 35.12 -17.64 -44.44
H22 CLR U . 35.95 -16.69 -43.54
H3 CLR U . 35.20 -19.30 -42.80
H41 CLR U . 36.26 -18.95 -40.75
H42 CLR U . 36.61 -17.50 -41.17
H6 CLR U . 38.24 -20.05 -40.57
H71 CLR U . 39.84 -21.19 -42.07
H72 CLR U . 40.49 -20.23 -41.04
H8 CLR U . 40.87 -18.62 -42.58
H9 CLR U . 39.03 -19.93 -44.26
H111 CLR U . 40.36 -17.58 -45.06
H112 CLR U . 39.37 -18.36 -45.92
H121 CLR U . 41.59 -18.79 -46.59
H122 CLR U . 40.84 -20.10 -46.21
H14 CLR U . 41.17 -21.03 -43.99
H151 CLR U . 42.47 -21.50 -42.19
H152 CLR U . 43.06 -20.05 -42.15
H161 CLR U . 43.96 -22.12 -43.79
H162 CLR U . 44.67 -20.76 -43.56
H17 CLR U . 42.85 -21.35 -45.60
H181 CLR U . 43.71 -18.40 -43.75
H182 CLR U . 42.39 -17.61 -44.01
H183 CLR U . 43.41 -17.83 -45.17
H191 CLR U . 39.54 -16.78 -42.55
H192 CLR U . 38.03 -16.33 -42.55
H193 CLR U . 38.88 -16.30 -43.88
H20 CLR U . 45.09 -19.65 -45.61
H211 CLR U . 44.83 -19.55 -48.01
H212 CLR U . 43.72 -18.75 -47.25
H213 CLR U . 43.40 -20.15 -47.84
H221 CLR U . 44.86 -22.14 -46.93
H222 CLR U . 45.55 -22.02 -45.55
H231 CLR U . 47.19 -20.56 -46.55
H232 CLR U . 46.59 -20.92 -47.94
H241 CLR U . 47.16 -23.19 -47.61
H242 CLR U . 47.68 -22.87 -46.19
H25 CLR U . 49.43 -21.59 -47.11
H261 CLR U . 50.74 -23.42 -47.87
H262 CLR U . 49.44 -24.28 -48.03
H263 CLR U . 49.91 -23.84 -46.60
H271 CLR U . 49.88 -21.71 -49.45
H272 CLR U . 48.54 -20.94 -49.19
H273 CLR U . 48.50 -22.42 -49.67
H1 CLR U . 34.41 -16.99 -41.78
C10 A1A8R V . 46.19 -27.43 -32.63
C13 A1A8R V . 49.62 -26.66 -34.29
C15 A1A8R V . 51.94 -26.76 -35.21
C20 A1A8R V . 37.73 -29.44 -25.27
C21 A1A8R V . 38.99 -28.93 -24.54
C22 A1A8R V . 40.12 -28.58 -25.55
C24 A1A8R V . 42.01 -30.21 -26.09
C26 A1A8R V . 43.65 -30.10 -28.05
C28 A1A8R V . 45.84 -30.44 -29.29
C01 A1A8R V . 36.30 -29.14 -28.78
C02 A1A8R V . 37.73 -29.47 -29.30
C03 A1A8R V . 38.47 -28.60 -30.36
C04 A1A8R V . 39.89 -28.92 -30.84
C05 A1A8R V . 40.86 -27.81 -30.39
C06 A1A8R V . 41.42 -27.07 -31.62
C07 A1A8R V . 42.74 -26.34 -31.22
C08 A1A8R V . 43.97 -27.27 -31.42
C09 A1A8R V . 45.14 -26.47 -32.03
C11 A1A8R V . 47.48 -26.64 -32.98
C12 A1A8R V . 48.41 -27.50 -33.87
C14 A1A8R V . 50.65 -27.54 -34.99
C16 A1A8R V . 53.01 -27.67 -35.78
C18 A1A8R V . 36.19 -29.42 -27.29
C23 A1A8R V . 40.52 -29.83 -26.38
C25 A1A8R V . 42.96 -29.31 -26.91
C27 A1A8R V . 45.15 -29.70 -28.11
C29 A1A8R V . 47.38 -30.57 -29.40
C30 A1A8R V . 48.33 -29.34 -29.17
C31 A1A8R V . 49.15 -29.06 -30.47
C32 A1A8R V . 50.62 -29.58 -30.30
C33 A1A8R V . 51.48 -29.09 -31.49
C34 A1A8R V . 52.86 -28.62 -30.98
C35 A1A8R V . 53.85 -28.53 -32.15
C36 A1A8R V . 55.28 -28.47 -31.63
C37 A1A8R V . 56.24 -28.96 -32.73
C39 A1A8R V . 34.95 -28.71 -26.72
C44 A1A8R V . 30.34 -29.00 -25.83
C45 A1A8R V . 29.41 -30.04 -26.46
C47 A1A8R V . 28.49 -32.19 -26.16
C48 A1A8R V . 30.24 -31.54 -24.73
C49 A1A8R V . 30.66 -32.00 -27.02
N19 A1A8R V . 37.38 -28.93 -26.62
N46 A1A8R V . 29.71 -31.42 -26.09
O17 A1A8R V . 35.38 -29.91 -29.46
O38 A1A8R V . 37.02 -30.23 -24.75
O40 A1A8R V . 33.94 -28.69 -27.71
O42 A1A8R V . 32.40 -26.83 -26.74
O43 A1A8R V . 31.69 -29.23 -26.20
O50 A1A8R V . 31.56 -28.01 -28.46
P41 A1A8R V . 32.39 -28.18 -27.28
H101 A1A8R V . 45.80 -27.89 -33.53
H102 A1A8R V . 46.43 -28.21 -31.90
H131 A1A8R V . 49.30 -25.88 -34.96
H132 A1A8R V . 50.07 -26.21 -33.42
H152 A1A8R V . 51.76 -25.93 -35.89
H151 A1A8R V . 52.28 -26.36 -34.25
H212 A1A8R V . 39.35 -29.70 -23.87
H211 A1A8R V . 38.75 -28.05 -23.97
H221 A1A8R V . 39.77 -27.81 -26.22
H222 A1A8R V . 40.99 -28.21 -25.01
H241 A1A8R V . 42.17 -31.25 -26.35
H242 A1A8R V . 42.22 -30.06 -25.03
H261 A1A8R V . 43.18 -29.85 -28.99
H262 A1A8R V . 43.57 -31.16 -27.88
H281 A1A8R V . 45.21 -30.90 -30.05
H011 A1A8R V . 36.09 -28.08 -28.97
H2 A1A8R V . 38.23 -30.35 -28.89
H3 A1A8R V . 37.96 -27.74 -30.76
H041 A1A8R V . 40.21 -29.87 -30.42
H042 A1A8R V . 39.89 -29.00 -31.92
H052 A1A8R V . 40.33 -27.11 -29.76
H051 A1A8R V . 41.68 -28.25 -29.82
H062 A1A8R V . 40.70 -26.33 -31.96
H061 A1A8R V . 41.62 -27.77 -32.42
H071 A1A8R V . 42.69 -26.06 -30.18
H072 A1A8R V . 42.86 -25.46 -31.84
H081 A1A8R V . 43.71 -28.09 -32.08
H082 A1A8R V . 44.27 -27.68 -30.47
H092 A1A8R V . 45.61 -25.87 -31.26
H091 A1A8R V . 44.77 -25.82 -32.82
H111 A1A8R V . 48.00 -26.38 -32.06
H112 A1A8R V . 47.21 -25.74 -33.51
H121 A1A8R V . 48.75 -28.36 -33.30
H122 A1A8R V . 47.87 -27.83 -34.75
H142 A1A8R V . 50.25 -27.85 -35.95
H141 A1A8R V . 50.84 -28.41 -34.38
H162 A1A8R V . 53.55 -27.15 -36.56
H163 A1A8R V . 53.71 -27.96 -35.00
H161 A1A8R V . 52.54 -28.55 -36.19
H181 A1A8R V . 36.10 -30.49 -27.13
H232 A1A8R V . 40.40 -29.62 -27.44
H231 A1A8R V . 39.89 -30.67 -26.10
H251 A1A8R V . 42.38 -28.49 -27.34
H252 A1A8R V . 43.71 -28.90 -26.26
H272 A1A8R V . 45.63 -29.97 -27.18
H271 A1A8R V . 45.23 -28.62 -28.26
H4 A1A8R V . 47.82 -31.52 -29.66
H302 A1A8R V . 47.74 -28.47 -28.92
H301 A1A8R V . 49.02 -29.58 -28.35
H311 A1A8R V . 49.17 -27.99 -30.66
H312 A1A8R V . 48.68 -29.57 -31.31
H322 A1A8R V . 50.61 -30.66 -30.28
H321 A1A8R V . 51.04 -29.20 -29.38
H332 A1A8R V . 50.98 -28.26 -32.00
H331 A1A8R V . 51.62 -29.90 -32.19
H342 A1A8R V . 52.76 -27.64 -30.52
H341 A1A8R V . 53.23 -29.32 -30.25
H351 A1A8R V . 53.63 -27.64 -32.73
H352 A1A8R V . 53.74 -29.40 -32.79
H362 A1A8R V . 55.38 -29.11 -30.75
H361 A1A8R V . 55.52 -27.45 -31.37
H371 A1A8R V . 57.26 -28.78 -32.42
H373 A1A8R V . 56.04 -28.41 -33.65
H372 A1A8R V . 56.09 -30.02 -32.90
H391 A1A8R V . 35.21 -27.70 -26.43
H392 A1A8R V . 34.59 -29.25 -25.84
H441 A1A8R V . 30.25 -28.99 -24.75
H442 A1A8R V . 30.06 -28.01 -26.20
H451 A1A8R V . 29.48 -29.95 -27.54
H452 A1A8R V . 28.40 -29.82 -26.16
H472 A1A8R V . 28.02 -32.02 -27.13
H473 A1A8R V . 28.70 -33.25 -26.04
H471 A1A8R V . 27.82 -31.86 -25.38
H481 A1A8R V . 31.25 -31.19 -24.70
H482 A1A8R V . 29.62 -30.96 -24.05
H483 A1A8R V . 30.21 -32.59 -24.43
H491 A1A8R V . 31.58 -31.42 -27.02
H493 A1A8R V . 30.23 -32.01 -28.01
H492 A1A8R V . 30.89 -33.02 -26.72
H191 A1A8R V . 37.97 -28.25 -27.08
H171 A1A8R V . 34.59 -29.99 -28.95
C10 A1A8R W . 49.95 -20.60 -24.42
C13 A1A8R W . 53.36 -22.33 -25.06
C15 A1A8R W . 55.43 -20.98 -24.63
C20 A1A8R W . 40.96 -18.11 -18.02
C21 A1A8R W . 41.76 -16.89 -17.47
C22 A1A8R W . 42.19 -15.98 -18.64
C24 A1A8R W . 44.18 -15.83 -20.22
C26 A1A8R W . 45.73 -15.60 -22.20
C28 A1A8R W . 48.10 -15.30 -23.06
C01 A1A8R W . 40.27 -20.81 -19.12
C02 A1A8R W . 41.75 -20.75 -19.60
C03 A1A8R W . 42.14 -20.98 -21.09
C04 A1A8R W . 43.61 -21.06 -21.54
C05 A1A8R W . 43.84 -20.09 -22.71
C06 A1A8R W . 45.32 -19.62 -22.72
C07 A1A8R W . 46.23 -20.74 -23.26
C08 A1A8R W . 47.66 -20.16 -23.49
C09 A1A8R W . 48.52 -21.15 -24.30
C11 A1A8R W . 50.94 -21.76 -24.72
C12 A1A8R W . 52.35 -21.18 -24.94
C14 A1A8R W . 54.66 -21.81 -25.68
C16 A1A8R W . 56.87 -20.82 -25.09
C18 A1A8R W . 40.16 -20.54 -17.62
C23 A1A8R W . 43.10 -16.78 -19.61
C25 A1A8R W . 45.00 -16.60 -21.27
C27 A1A8R W . 46.92 -16.30 -22.91
C29 A1A8R W . 49.46 -15.71 -23.69
C30 A1A8R W . 49.89 -17.19 -23.87
C31 A1A8R W . 51.44 -17.34 -23.62
C32 A1A8R W . 52.19 -17.35 -24.98
C33 A1A8R W . 53.67 -16.96 -24.76
C34 A1A8R W . 54.40 -16.84 -26.12
C35 A1A8R W . 55.77 -17.53 -26.04
C36 A1A8R W . 56.76 -16.83 -26.97
C37 A1A8R W . 58.18 -17.35 -26.68
C39 A1A8R W . 38.67 -20.41 -17.26
C44 A1A8R W . 38.13 -16.84 -14.81
C45 A1A8R W . 37.40 -16.04 -13.73
C47 A1A8R W . 39.45 -15.04 -12.98
C48 A1A8R W . 37.37 -14.14 -12.31
C49 A1A8R W . 38.08 -13.88 -14.55
N19 A1A8R W . 40.88 -19.34 -17.20
N46 A1A8R W . 38.09 -14.77 -13.41
O17 A1A8R W . 39.78 -22.07 -19.37
O38 A1A8R W . 40.45 -18.03 -19.08
O40 A1A8R W . 38.51 -19.84 -15.97
O42 A1A8R W . 35.96 -19.59 -16.47
O43 A1A8R W . 37.16 -17.47 -15.64
O50 A1A8R W . 36.53 -19.57 -14.29
P41 A1A8R W . 37.03 -19.12 -15.59
H101 A1A8R W . 50.00 -19.88 -25.22
H102 A1A8R W . 50.23 -20.12 -23.49
H131 A1A8R W . 53.57 -22.72 -24.08
H132 A1A8R W . 52.95 -23.10 -25.69
H152 A1A8R W . 54.97 -20.02 -24.53
H151 A1A8R W . 55.42 -21.49 -23.67
H212 A1A8R W . 42.63 -17.25 -16.94
H211 A1A8R W . 41.12 -16.33 -16.79
H221 A1A8R W . 41.32 -15.62 -19.17
H222 A1A8R W . 42.75 -15.13 -18.24
H241 A1A8R W . 43.70 -14.98 -20.69
H242 A1A8R W . 44.85 -15.49 -19.44
H261 A1A8R W . 45.03 -15.23 -22.94
H262 A1A8R W . 46.10 -14.77 -21.60
H281 A1A8R W . 47.97 -14.28 -22.72
H011 A1A8R W . 39.68 -20.09 -19.67
H2 A1A8R W . 42.53 -20.55 -18.87
H3 A1A8R W . 41.36 -21.09 -21.82
H041 A1A8R W . 43.84 -22.07 -21.87
H042 A1A8R W . 44.26 -20.80 -20.72
H052 A1A8R W . 43.19 -19.23 -22.61
H051 A1A8R W . 43.63 -20.60 -23.66
H062 A1A8R W . 45.41 -18.74 -23.36
H061 A1A8R W . 45.61 -19.36 -21.71
H071 A1A8R W . 45.84 -21.11 -24.19
H072 A1A8R W . 46.28 -21.54 -22.54
H081 A1A8R W . 47.58 -19.23 -24.02
H082 A1A8R W . 48.13 -19.98 -22.52
H092 A1A8R W . 48.09 -21.27 -25.29
H091 A1A8R W . 48.54 -22.11 -23.80
H111 A1A8R W . 50.61 -22.29 -25.61
H112 A1A8R W . 50.96 -22.44 -23.87
H121 A1A8R W . 52.62 -20.54 -24.12
H122 A1A8R W . 52.37 -20.61 -25.86
H142 A1A8R W . 55.27 -22.66 -25.98
H141 A1A8R W . 54.43 -21.19 -26.54
H162 A1A8R W . 56.94 -20.94 -26.17
H163 A1A8R W . 57.22 -19.83 -24.82
H161 A1A8R W . 57.49 -21.56 -24.61
H181 A1A8R W . 40.57 -21.39 -17.08
H232 A1A8R W . 42.49 -17.20 -20.41
H231 A1A8R W . 43.58 -17.58 -19.06
H251 A1A8R W . 45.72 -17.24 -20.77
H252 A1A8R W . 44.32 -17.21 -21.87
H272 A1A8R W . 46.61 -16.64 -23.90
H271 A1A8R W . 47.25 -17.15 -22.32
H4 A1A8R W . 50.15 -14.92 -24.01
H302 A1A8R W . 49.67 -17.51 -24.89
H301 A1A8R W . 49.34 -17.82 -23.17
H311 A1A8R W . 51.78 -16.50 -23.03
H312 A1A8R W . 51.63 -18.26 -23.09
H322 A1A8R W . 51.72 -16.65 -25.67
H321 A1A8R W . 52.15 -18.35 -25.41
H332 A1A8R W . 53.72 -15.99 -24.24
H331 A1A8R W . 54.15 -17.70 -24.16
H342 A1A8R W . 54.53 -15.78 -26.37
H341 A1A8R W . 53.80 -17.31 -26.88
H351 A1A8R W . 56.15 -17.48 -25.02
H352 A1A8R W . 55.67 -18.57 -26.35
H362 A1A8R W . 56.72 -15.76 -26.80
H361 A1A8R W . 56.50 -17.05 -28.00
H371 A1A8R W . 58.19 -18.43 -26.78
H373 A1A8R W . 58.46 -17.07 -25.68
H372 A1A8R W . 58.87 -16.91 -27.39
H391 A1A8R W . 38.22 -21.40 -17.27
H392 A1A8R W . 38.17 -19.78 -17.99
H441 A1A8R W . 38.73 -17.62 -14.33
H442 A1A8R W . 38.77 -16.21 -15.41
H451 A1A8R W . 36.40 -15.81 -14.07
H452 A1A8R W . 37.35 -16.63 -12.83
H472 A1A8R W . 39.44 -15.83 -12.21
H473 A1A8R W . 40.05 -15.36 -13.82
H471 A1A8R W . 39.88 -14.14 -12.56
H481 A1A8R W . 36.40 -13.83 -12.66
H482 A1A8R W . 37.26 -14.84 -11.49
H483 A1A8R W . 37.93 -13.27 -11.97
H491 A1A8R W . 38.11 -12.84 -14.19
H493 A1A8R W . 37.19 -14.03 -15.14
H492 A1A8R W . 38.95 -14.05 -15.17
H191 A1A8R W . 41.33 -19.35 -16.30
H171 A1A8R W . 40.50 -22.69 -19.40
C10 A1A8R X . 46.32 -18.79 -33.93
C13 A1A8R X . 49.75 -18.65 -35.70
C15 A1A8R X . 52.21 -19.05 -35.97
C20 A1A8R X . 38.75 -18.78 -27.90
C21 A1A8R X . 39.83 -19.74 -27.33
C22 A1A8R X . 40.04 -20.93 -28.28
C24 A1A8R X . 42.08 -21.52 -29.65
C26 A1A8R X . 44.43 -21.74 -30.58
C28 A1A8R X . 45.34 -22.23 -32.90
C01 A1A8R X . 38.42 -15.10 -28.39
C02 A1A8R X . 38.87 -15.10 -29.88
C03 A1A8R X . 39.51 -16.35 -30.56
C04 A1A8R X . 40.02 -16.32 -32.02
C05 A1A8R X . 41.46 -16.86 -32.03
C06 A1A8R X . 41.93 -17.07 -33.49
C07 A1A8R X . 42.67 -18.43 -33.62
C08 A1A8R X . 44.06 -18.34 -32.91
C09 A1A8R X . 45.13 -17.80 -33.88
C11 A1A8R X . 47.53 -18.12 -34.62
C12 A1A8R X . 48.66 -19.19 -34.77
C14 A1A8R X . 50.83 -19.72 -35.87
C16 A1A8R X . 53.29 -20.12 -35.83
C18 A1A8R X . 37.77 -16.43 -28.03
C23 A1A8R X . 40.90 -20.52 -29.50
C25 A1A8R X . 43.11 -20.96 -30.67
C27 A1A8R X . 44.52 -22.81 -31.71
C29 A1A8R X . 46.73 -22.79 -33.31
C30 A1A8R X . 47.89 -23.00 -32.28
C31 A1A8R X . 49.08 -22.05 -32.65
C32 A1A8R X . 50.42 -22.59 -32.05
C33 A1A8R X . 51.55 -22.49 -33.11
C34 A1A8R X . 52.78 -23.30 -32.64
C35 A1A8R X . 54.01 -22.83 -33.43
C36 A1A8R X . 55.15 -23.84 -33.27
C37 A1A8R X . 56.10 -23.73 -34.46
C39 A1A8R X . 36.72 -16.19 -26.93
C44 A1A8R X . 36.35 -13.58 -22.46
C45 A1A8R X . 36.49 -12.09 -22.79
C47 A1A8R X . 38.43 -11.85 -21.39
C48 A1A8R X . 36.29 -11.26 -20.53
C49 A1A8R X . 37.31 -9.96 -22.20
N19 A1A8R X . 38.77 -17.35 -27.53
N46 A1A8R X . 37.13 -11.32 -21.72
O17 A1A8R X . 37.51 -14.09 -28.18
O38 A1A8R X . 37.90 -19.19 -28.60
O40 A1A8R X . 37.11 -15.09 -26.15
O42 A1A8R X . 35.35 -13.39 -25.28
O43 A1A8R X . 36.95 -14.34 -23.51
O50 A1A8R X . 34.99 -15.53 -24.69
P41 A1A8R X . 36.08 -14.59 -24.90
H101 A1A8R X . 46.58 -19.06 -32.92
H102 A1A8R X . 46.03 -19.67 -34.47
H131 A1A8R X . 50.18 -17.76 -35.27
H132 A1A8R X . 49.33 -18.42 -36.67
H152 A1A8R X . 52.33 -18.32 -35.18
H151 A1A8R X . 52.31 -18.57 -36.95
H212 A1A8R X . 40.77 -19.19 -27.22
H211 A1A8R X . 39.51 -20.09 -26.36
H221 A1A8R X . 39.06 -21.29 -28.62
H222 A1A8R X . 40.53 -21.73 -27.74
H241 A1A8R X . 42.58 -21.64 -28.68
H242 A1A8R X . 41.72 -22.47 -30.00
H261 A1A8R X . 44.49 -22.25 -29.62
H262 A1A8R X . 45.26 -21.05 -30.67
H281 A1A8R X . 44.92 -21.39 -33.46
H011 A1A8R X . 39.29 -14.94 -27.75
H2 A1A8R X . 38.73 -14.19 -30.47
H3 A1A8R X . 39.59 -17.26 -30.00
H041 A1A8R X . 40.02 -15.31 -32.38
H042 A1A8R X . 39.38 -16.93 -32.64
H052 A1A8R X . 42.12 -16.15 -31.54
H051 A1A8R X . 41.49 -17.81 -31.50
H062 A1A8R X . 41.06 -17.07 -34.15
H061 A1A8R X . 42.60 -16.26 -33.78
H071 A1A8R X . 42.09 -19.21 -33.15
H072 A1A8R X . 42.81 -18.67 -34.66
H081 A1A8R X . 44.35 -19.32 -32.59
H082 A1A8R X . 43.99 -17.68 -32.06
H092 A1A8R X . 45.48 -16.84 -33.53
H091 A1A8R X . 44.72 -17.68 -34.88
H111 A1A8R X . 47.24 -17.76 -35.61
H112 A1A8R X . 47.90 -17.30 -34.02
H121 A1A8R X . 49.08 -19.40 -33.80
H122 A1A8R X . 48.24 -20.09 -35.20
H142 A1A8R X . 50.63 -20.29 -36.75
H141 A1A8R X . 50.81 -20.37 -35.00
H162 A1A8R X . 53.67 -20.12 -34.82
H163 A1A8R X . 54.10 -19.91 -36.52
H161 A1A8R X . 52.87 -21.10 -36.06
H181 A1A8R X . 37.30 -16.86 -28.91
H232 A1A8R X . 40.27 -20.55 -30.40
H231 A1A8R X . 41.28 -19.52 -29.36
H251 A1A8R X . 43.28 -19.92 -30.46
H252 A1A8R X . 42.70 -21.05 -31.67
H272 A1A8R X . 45.01 -23.69 -31.34
H271 A1A8R X . 43.52 -23.05 -32.06
H4 A1A8R X . 46.89 -23.05 -34.34
H302 A1A8R X . 48.22 -24.02 -32.32
H301 A1A8R X . 47.53 -22.76 -31.28
H311 A1A8R X . 48.89 -21.06 -32.25
H312 A1A8R X . 49.17 -21.98 -33.74
H322 A1A8R X . 50.69 -21.99 -31.18
H321 A1A8R X . 50.30 -23.63 -31.75
H332 A1A8R X . 51.83 -21.44 -33.23
H331 A1A8R X . 51.19 -22.88 -34.05
H342 A1A8R X . 52.60 -24.35 -32.83
H341 A1A8R X . 52.93 -23.13 -31.59
H351 A1A8R X . 54.34 -21.87 -33.05
H352 A1A8R X . 53.76 -22.73 -34.48
H362 A1A8R X . 54.73 -24.85 -33.23
H361 A1A8R X . 55.68 -23.64 -32.35
H371 A1A8R X . 56.40 -22.69 -34.58
H373 A1A8R X . 56.98 -24.34 -34.29
H372 A1A8R X . 55.60 -24.07 -35.37
H391 A1A8R X . 35.75 -16.01 -27.39
H392 A1A8R X . 36.65 -17.09 -26.31
H441 A1A8R X . 35.30 -13.84 -22.39
H442 A1A8R X . 36.84 -13.83 -21.52
H451 A1A8R X . 35.51 -11.68 -22.97
H452 A1A8R X . 37.08 -11.99 -23.69
H472 A1A8R X . 38.33 -12.54 -20.54
H473 A1A8R X . 39.09 -11.04 -21.11
H471 A1A8R X . 38.83 -12.38 -22.24
H481 A1A8R X . 35.37 -10.74 -20.76
H482 A1A8R X . 36.82 -10.73 -19.74
H483 A1A8R X . 36.06 -12.28 -20.20
H491 A1A8R X . 38.05 -9.96 -23.01
H493 A1A8R X . 37.65 -9.32 -21.40
H492 A1A8R X . 36.37 -9.59 -22.59
H191 A1A8R X . 39.49 -17.00 -26.92
H171 A1A8R X . 37.69 -13.66 -27.36
C1 CLR Y . 43.77 -25.81 -25.02
C2 CLR Y . 42.32 -25.77 -24.59
C3 CLR Y . 41.91 -24.34 -24.29
C4 CLR Y . 42.10 -23.50 -25.55
C5 CLR Y . 43.51 -23.57 -26.08
C6 CLR Y . 44.15 -22.45 -26.41
C7 CLR Y . 45.54 -22.40 -26.93
C8 CLR Y . 46.10 -23.74 -27.35
C9 CLR Y . 45.65 -24.84 -26.39
C10 CLR Y . 44.11 -24.96 -26.26
C11 CLR Y . 46.34 -26.17 -26.71
C12 CLR Y . 47.87 -26.08 -26.80
C13 CLR Y . 48.32 -25.00 -27.79
C14 CLR Y . 47.61 -23.70 -27.36
C15 CLR Y . 48.29 -22.61 -28.18
C16 CLR Y . 49.74 -23.11 -28.30
C17 CLR Y . 49.79 -24.53 -27.69
C18 CLR Y . 47.98 -25.40 -29.22
C19 CLR Y . 43.46 -25.58 -27.51
C20 CLR Y . 50.92 -25.38 -28.31
C21 CLR Y . 50.86 -26.84 -27.90
C22 CLR Y . 52.29 -24.78 -27.94
C23 CLR Y . 53.47 -25.32 -28.74
C24 CLR Y . 54.72 -24.48 -28.51
C25 CLR Y . 55.93 -24.85 -29.38
C26 CLR Y . 57.01 -23.78 -29.27
C27 CLR Y . 56.50 -26.21 -29.02
O1 CLR Y . 40.58 -24.34 -23.84
H11 CLR Y . 44.01 -26.73 -25.22
H12 CLR Y . 44.33 -25.53 -24.28
H21 CLR Y . 42.20 -26.32 -23.80
H22 CLR Y . 41.75 -26.12 -25.28
H3 CLR Y . 42.50 -23.99 -23.60
H41 CLR Y . 41.87 -22.57 -25.36
H42 CLR Y . 41.47 -23.80 -26.22
H6 CLR Y . 43.67 -21.65 -26.40
H71 CLR Y . 46.12 -22.00 -26.26
H72 CLR Y . 45.58 -21.77 -27.68
H8 CLR Y . 45.76 -23.95 -28.25
H9 CLR Y . 45.97 -24.58 -25.51
H111 CLR Y . 46.01 -26.53 -27.56
H112 CLR Y . 46.11 -26.84 -26.05
H121 CLR Y . 48.23 -26.93 -27.08
H122 CLR Y . 48.21 -25.91 -25.91
H14 CLR Y . 47.87 -23.55 -26.44
H151 CLR Y . 48.22 -21.75 -27.75
H152 CLR Y . 47.87 -22.52 -29.05
H161 CLR Y . 50.35 -22.50 -27.84
H162 CLR Y . 50.04 -23.12 -29.22
H17 CLR Y . 49.99 -24.46 -26.74
H181 CLR Y . 48.25 -24.74 -29.88
H182 CLR Y . 47.03 -25.55 -29.35
H183 CLR Y . 48.43 -26.24 -29.46
H191 CLR Y . 43.76 -25.14 -28.32
H192 CLR Y . 42.50 -25.52 -27.49
H193 CLR Y . 43.70 -26.52 -27.60
H20 CLR Y . 50.82 -25.33 -29.28
H211 CLR Y . 51.65 -27.32 -28.19
H212 CLR Y . 50.10 -27.31 -28.28
H213 CLR Y . 50.79 -26.94 -26.94
H221 CLR Y . 52.45 -24.92 -27.00
H222 CLR Y . 52.27 -23.82 -28.07
H231 CLR Y . 53.25 -25.31 -29.68
H232 CLR Y . 53.65 -26.23 -28.50
H241 CLR Y . 54.98 -24.54 -27.58
H242 CLR Y . 54.51 -23.54 -28.66
H25 CLR Y . 55.63 -24.88 -30.31
H261 CLR Y . 57.76 -23.98 -29.86
H262 CLR Y . 57.35 -23.70 -28.37
H263 CLR Y . 56.66 -22.91 -29.54
H271 CLR Y . 57.24 -26.44 -29.60
H272 CLR Y . 55.83 -26.92 -29.11
H273 CLR Y . 56.82 -26.23 -28.11
H1 CLR Y . 40.37 -23.55 -23.63
C1 CLR Z . 44.33 -16.95 -25.81
C2 CLR Z . 42.90 -16.74 -25.32
C3 CLR Z . 42.24 -15.65 -26.13
C4 CLR Z . 42.24 -16.04 -27.60
C5 CLR Z . 43.63 -16.33 -28.11
C6 CLR Z . 44.08 -15.73 -29.21
C7 CLR Z . 45.43 -15.94 -29.80
C8 CLR Z . 46.16 -17.14 -29.23
C9 CLR Z . 45.96 -17.22 -27.71
C10 CLR Z . 44.46 -17.31 -27.30
C11 CLR Z . 46.84 -18.32 -27.10
C12 CLR Z . 48.31 -18.24 -27.49
C13 CLR Z . 48.50 -18.20 -29.01
C14 CLR Z . 47.64 -17.04 -29.53
C15 CLR Z . 48.08 -16.84 -30.97
C16 CLR Z . 49.58 -17.18 -30.93
C17 CLR Z . 49.90 -17.75 -29.52
C18 CLR Z . 48.11 -19.54 -29.66
C19 CLR Z . 43.89 -18.71 -27.55
C20 CLR Z . 51.07 -18.74 -29.54
C21 CLR Z . 51.23 -19.51 -28.23
C22 CLR Z . 52.37 -18.00 -29.88
C23 CLR Z . 53.57 -18.89 -30.22
C24 CLR Z . 54.83 -18.06 -30.45
C25 CLR Z . 56.10 -18.86 -30.74
C26 CLR Z . 57.25 -17.93 -31.12
C27 CLR Z . 56.50 -19.76 -29.57
O1 CLR Z . 40.92 -15.48 -25.64
H11 CLR Z . 44.73 -17.67 -25.28
H12 CLR Z . 44.85 -16.15 -25.62
H21 CLR Z . 42.92 -16.50 -24.38
H22 CLR Z . 42.39 -17.56 -25.38
H3 CLR Z . 42.74 -14.84 -26.02
H41 CLR Z . 41.84 -15.33 -28.13
H42 CLR Z . 41.68 -16.82 -27.71
H6 CLR Z . 43.49 -15.20 -29.70
H71 CLR Z . 45.96 -15.14 -29.68
H72 CLR Z . 45.34 -16.04 -30.77
H8 CLR Z . 45.80 -17.94 -29.65
H9 CLR Z . 46.28 -16.38 -27.37
H111 CLR Z . 46.50 -19.19 -27.34
H112 CLR Z . 46.77 -18.27 -26.13
H121 CLR Z . 48.78 -19.01 -27.14
H122 CLR Z . 48.71 -17.47 -27.06
H14 CLR Z . 47.95 -16.26 -29.04
H151 CLR Z . 47.91 -15.95 -31.29
H152 CLR Z . 47.60 -17.45 -31.56
H161 CLR Z . 50.13 -16.40 -31.12
H162 CLR Z . 49.82 -17.84 -31.61
H17 CLR Z . 50.16 -17.02 -28.94
H181 CLR Z . 48.14 -19.51 -30.63
H182 CLR Z . 47.22 -19.82 -29.41
H183 CLR Z . 48.71 -20.24 -29.38
H191 CLR Z . 44.07 -19.03 -28.44
H192 CLR Z . 42.93 -18.72 -27.43
H193 CLR Z . 44.26 -19.38 -26.93
H20 CLR Z . 50.90 -19.39 -30.25
H211 CLR Z . 52.04 -20.05 -28.24
H212 CLR Z . 50.49 -20.12 -28.07
H213 CLR Z . 51.28 -18.92 -27.47
H221 CLR Z . 52.60 -17.42 -29.15
H222 CLR Z . 52.22 -17.42 -30.65
H231 CLR Z . 53.39 -19.40 -31.01
H232 CLR Z . 53.74 -19.52 -29.51
H241 CLR Z . 54.99 -17.49 -29.68
H242 CLR Z . 54.68 -17.45 -31.19
H25 CLR Z . 55.92 -19.43 -31.50
H261 CLR Z . 58.06 -18.42 -31.33
H262 CLR Z . 57.47 -17.33 -30.38
H263 CLR Z . 57.02 -17.39 -31.88
H271 CLR Z . 57.34 -20.21 -29.76
H272 CLR Z . 55.83 -20.43 -29.37
H273 CLR Z . 56.63 -19.23 -28.76
H1 CLR Z . 40.58 -14.80 -26.04
#